data_2W3W
# 
_entry.id   2W3W 
# 
_audit_conform.dict_name       mmcif_pdbx.dic 
_audit_conform.dict_version    5.382 
_audit_conform.dict_location   http://mmcif.pdb.org/dictionaries/ascii/mmcif_pdbx.dic 
# 
loop_
_database_2.database_id 
_database_2.database_code 
_database_2.pdbx_database_accession 
_database_2.pdbx_DOI 
PDB   2W3W         pdb_00002w3w 10.2210/pdb2w3w/pdb 
PDBE  EBI-38124    ?            ?                   
WWPDB D_1290038124 ?            ?                   
# 
_pdbx_database_related.db_name        PDB 
_pdbx_database_related.db_id          2W3V 
_pdbx_database_related.content_type   unspecified 
_pdbx_database_related.details        'MYCOBACTERIUM AVIUM DIHYDROFOLATE REDUCTASE COMPLEXED WITH NADPH AND TRIMETHOPRIM' 
# 
_pdbx_database_status.status_code                     REL 
_pdbx_database_status.entry_id                        2W3W 
_pdbx_database_status.deposit_site                    PDBE 
_pdbx_database_status.process_site                    PDBE 
_pdbx_database_status.SG_entry                        . 
_pdbx_database_status.recvd_initial_deposition_date   2008-11-16 
_pdbx_database_status.pdb_format_compatible           Y 
_pdbx_database_status.status_code_sf                  REL 
_pdbx_database_status.status_code_mr                  ? 
_pdbx_database_status.status_code_cs                  ? 
_pdbx_database_status.methods_development_category    ? 
_pdbx_database_status.status_code_nmr_data            ? 
# 
loop_
_audit_author.name 
_audit_author.pdbx_ordinal 
'Leung, A.K.W.'  1 
'Reynolds, R.C.' 2 
'Borhani, D.W.'  3 
# 
_citation.id                        primary 
_citation.title                     
'Structural Basis for Selective Inhibition of Mycobacterium Avium Dihydrofolate Reductase by a Lipophilic Antifolate' 
_citation.journal_abbrev            'To be Published' 
_citation.journal_volume            ? 
_citation.page_first                ? 
_citation.page_last                 ? 
_citation.year                      ? 
_citation.journal_id_ASTM           ? 
_citation.country                   ? 
_citation.journal_id_ISSN           ? 
_citation.journal_id_CSD            0353 
_citation.book_publisher            ? 
_citation.pdbx_database_id_PubMed   ? 
_citation.pdbx_database_id_DOI      ? 
# 
loop_
_citation_author.citation_id 
_citation_author.name 
_citation_author.ordinal 
_citation_author.identifier_ORCID 
primary 'Leung, A.K.W.'        1  ? 
primary 'Ross, L.J.'           2  ? 
primary 'Zywno-Van Ginkel, S.' 3  ? 
primary 'Reynolds, R.C.'       4  ? 
primary 'Seitz, L.E.'          5  ? 
primary 'Pathak, V.'           6  ? 
primary 'Barrow, W.W.'         7  ? 
primary 'White, E.L.'          8  ? 
primary 'Suling, W.J.'         9  ? 
primary 'Piper, J.R.'          10 ? 
primary 'Borhani, D.W.'        11 ? 
# 
_cell.entry_id           2W3W 
_cell.length_a           36.729 
_cell.length_b           53.965 
_cell.length_c           81.191 
_cell.angle_alpha        90.00 
_cell.angle_beta         90.00 
_cell.angle_gamma        90.00 
_cell.Z_PDB              4 
_cell.pdbx_unique_axis   ? 
# 
_symmetry.entry_id                         2W3W 
_symmetry.space_group_name_H-M             'P 21 21 21' 
_symmetry.pdbx_full_space_group_name_H-M   ? 
_symmetry.cell_setting                     ? 
_symmetry.Int_Tables_number                19 
# 
loop_
_entity.id 
_entity.type 
_entity.src_method 
_entity.pdbx_description 
_entity.formula_weight 
_entity.pdbx_number_of_molecules 
_entity.pdbx_ec 
_entity.pdbx_mutation 
_entity.pdbx_fragment 
_entity.details 
1 polymer     man 'DIHYDROFOLATE REDUCTASE'                                                           18451.822 1   1.5.1.3 ? 
'RESIDUES, 1-167' ? 
2 non-polymer syn '6-{[(2,5-DIETHOXYPHENYL)AMINO]METHYL}-5-METHYLPYRIDO[2,3-D]PYRIMIDINE-2,4-DIAMINE' 368.433   1   ?       ? ? ? 
3 non-polymer syn 'NADPH DIHYDRO-NICOTINAMIDE-ADENINE-DINUCLEOTIDE PHOSPHATE'                         745.421   1   ?       ? ? ? 
4 water       nat water                                                                               18.015    126 ?       ? ? ? 
# 
_entity_poly.entity_id                      1 
_entity_poly.type                           'polypeptide(L)' 
_entity_poly.nstd_linkage                   no 
_entity_poly.nstd_monomer                   no 
_entity_poly.pdbx_seq_one_letter_code       
;MTRAEVGLVWAQSTSGVIGRGGDIPWSVPEDLTRFKEVTMGHTVIMGRRTWESLPAKVRPLPGRRNVVVSRRPDFVAEGA
RVAGSLEAALAYAGSDPAPWVIGGAQIYLLALPHATRCEVTEIEIDLRRDDDDALAPALDDSWVGETGEWLASRSGLRYR
FHSYRRD
;
_entity_poly.pdbx_seq_one_letter_code_can   
;MTRAEVGLVWAQSTSGVIGRGGDIPWSVPEDLTRFKEVTMGHTVIMGRRTWESLPAKVRPLPGRRNVVVSRRPDFVAEGA
RVAGSLEAALAYAGSDPAPWVIGGAQIYLLALPHATRCEVTEIEIDLRRDDDDALAPALDDSWVGETGEWLASRSGLRYR
FHSYRRD
;
_entity_poly.pdbx_strand_id                 A 
_entity_poly.pdbx_target_identifier         ? 
# 
loop_
_entity_poly_seq.entity_id 
_entity_poly_seq.num 
_entity_poly_seq.mon_id 
_entity_poly_seq.hetero 
1 1   MET n 
1 2   THR n 
1 3   ARG n 
1 4   ALA n 
1 5   GLU n 
1 6   VAL n 
1 7   GLY n 
1 8   LEU n 
1 9   VAL n 
1 10  TRP n 
1 11  ALA n 
1 12  GLN n 
1 13  SER n 
1 14  THR n 
1 15  SER n 
1 16  GLY n 
1 17  VAL n 
1 18  ILE n 
1 19  GLY n 
1 20  ARG n 
1 21  GLY n 
1 22  GLY n 
1 23  ASP n 
1 24  ILE n 
1 25  PRO n 
1 26  TRP n 
1 27  SER n 
1 28  VAL n 
1 29  PRO n 
1 30  GLU n 
1 31  ASP n 
1 32  LEU n 
1 33  THR n 
1 34  ARG n 
1 35  PHE n 
1 36  LYS n 
1 37  GLU n 
1 38  VAL n 
1 39  THR n 
1 40  MET n 
1 41  GLY n 
1 42  HIS n 
1 43  THR n 
1 44  VAL n 
1 45  ILE n 
1 46  MET n 
1 47  GLY n 
1 48  ARG n 
1 49  ARG n 
1 50  THR n 
1 51  TRP n 
1 52  GLU n 
1 53  SER n 
1 54  LEU n 
1 55  PRO n 
1 56  ALA n 
1 57  LYS n 
1 58  VAL n 
1 59  ARG n 
1 60  PRO n 
1 61  LEU n 
1 62  PRO n 
1 63  GLY n 
1 64  ARG n 
1 65  ARG n 
1 66  ASN n 
1 67  VAL n 
1 68  VAL n 
1 69  VAL n 
1 70  SER n 
1 71  ARG n 
1 72  ARG n 
1 73  PRO n 
1 74  ASP n 
1 75  PHE n 
1 76  VAL n 
1 77  ALA n 
1 78  GLU n 
1 79  GLY n 
1 80  ALA n 
1 81  ARG n 
1 82  VAL n 
1 83  ALA n 
1 84  GLY n 
1 85  SER n 
1 86  LEU n 
1 87  GLU n 
1 88  ALA n 
1 89  ALA n 
1 90  LEU n 
1 91  ALA n 
1 92  TYR n 
1 93  ALA n 
1 94  GLY n 
1 95  SER n 
1 96  ASP n 
1 97  PRO n 
1 98  ALA n 
1 99  PRO n 
1 100 TRP n 
1 101 VAL n 
1 102 ILE n 
1 103 GLY n 
1 104 GLY n 
1 105 ALA n 
1 106 GLN n 
1 107 ILE n 
1 108 TYR n 
1 109 LEU n 
1 110 LEU n 
1 111 ALA n 
1 112 LEU n 
1 113 PRO n 
1 114 HIS n 
1 115 ALA n 
1 116 THR n 
1 117 ARG n 
1 118 CYS n 
1 119 GLU n 
1 120 VAL n 
1 121 THR n 
1 122 GLU n 
1 123 ILE n 
1 124 GLU n 
1 125 ILE n 
1 126 ASP n 
1 127 LEU n 
1 128 ARG n 
1 129 ARG n 
1 130 ASP n 
1 131 ASP n 
1 132 ASP n 
1 133 ASP n 
1 134 ALA n 
1 135 LEU n 
1 136 ALA n 
1 137 PRO n 
1 138 ALA n 
1 139 LEU n 
1 140 ASP n 
1 141 ASP n 
1 142 SER n 
1 143 TRP n 
1 144 VAL n 
1 145 GLY n 
1 146 GLU n 
1 147 THR n 
1 148 GLY n 
1 149 GLU n 
1 150 TRP n 
1 151 LEU n 
1 152 ALA n 
1 153 SER n 
1 154 ARG n 
1 155 SER n 
1 156 GLY n 
1 157 LEU n 
1 158 ARG n 
1 159 TYR n 
1 160 ARG n 
1 161 PHE n 
1 162 HIS n 
1 163 SER n 
1 164 TYR n 
1 165 ARG n 
1 166 ARG n 
1 167 ASP n 
# 
_entity_src_gen.entity_id                          1 
_entity_src_gen.pdbx_src_id                        1 
_entity_src_gen.pdbx_alt_source_flag               sample 
_entity_src_gen.pdbx_seq_type                      ? 
_entity_src_gen.pdbx_beg_seq_num                   ? 
_entity_src_gen.pdbx_end_seq_num                   ? 
_entity_src_gen.gene_src_common_name               ? 
_entity_src_gen.gene_src_genus                     ? 
_entity_src_gen.pdbx_gene_src_gene                 ? 
_entity_src_gen.gene_src_species                   ? 
_entity_src_gen.gene_src_strain                    ? 
_entity_src_gen.gene_src_tissue                    ? 
_entity_src_gen.gene_src_tissue_fraction           ? 
_entity_src_gen.gene_src_details                   ? 
_entity_src_gen.pdbx_gene_src_fragment             ? 
_entity_src_gen.pdbx_gene_src_scientific_name      'MYCOBACTERIUM AVIUM' 
_entity_src_gen.pdbx_gene_src_ncbi_taxonomy_id     1764 
_entity_src_gen.pdbx_gene_src_variant              ? 
_entity_src_gen.pdbx_gene_src_cell_line            ? 
_entity_src_gen.pdbx_gene_src_atcc                 ? 
_entity_src_gen.pdbx_gene_src_organ                ? 
_entity_src_gen.pdbx_gene_src_organelle            ? 
_entity_src_gen.pdbx_gene_src_cell                 ? 
_entity_src_gen.pdbx_gene_src_cellular_location    ? 
_entity_src_gen.host_org_common_name               ? 
_entity_src_gen.pdbx_host_org_scientific_name      'ESCHERICHIA COLI' 
_entity_src_gen.pdbx_host_org_ncbi_taxonomy_id     469008 
_entity_src_gen.host_org_genus                     ? 
_entity_src_gen.pdbx_host_org_gene                 ? 
_entity_src_gen.pdbx_host_org_organ                ? 
_entity_src_gen.host_org_species                   ? 
_entity_src_gen.pdbx_host_org_tissue               ? 
_entity_src_gen.pdbx_host_org_tissue_fraction      ? 
_entity_src_gen.pdbx_host_org_strain               'BL21(DE3)' 
_entity_src_gen.pdbx_host_org_variant              ? 
_entity_src_gen.pdbx_host_org_cell_line            ? 
_entity_src_gen.pdbx_host_org_atcc                 ? 
_entity_src_gen.pdbx_host_org_culture_collection   ? 
_entity_src_gen.pdbx_host_org_cell                 ? 
_entity_src_gen.pdbx_host_org_organelle            ? 
_entity_src_gen.pdbx_host_org_cellular_location    ? 
_entity_src_gen.pdbx_host_org_vector_type          ? 
_entity_src_gen.pdbx_host_org_vector               PET11A 
_entity_src_gen.host_org_details                   ? 
_entity_src_gen.expression_system_id               ? 
_entity_src_gen.plasmid_name                       PET11A-MACDHFR-DEL 
_entity_src_gen.plasmid_details                    ? 
_entity_src_gen.pdbx_description                   
'STRAIN OBTAINED FROM THE AIDS RESEARCH AND REFERENCE REAGENT PROGRAM, DIVISION OF AIDS, NIAID, NIH, CATALOG NUMBER 1786.' 
# 
_struct_ref.id                         1 
_struct_ref.db_name                    UNP 
_struct_ref.db_code                    O30463_MYCAV 
_struct_ref.entity_id                  1 
_struct_ref.pdbx_seq_one_letter_code   ? 
_struct_ref.pdbx_align_begin           ? 
_struct_ref.pdbx_db_accession          O30463 
_struct_ref.pdbx_db_isoform            ? 
# 
_struct_ref_seq.align_id                      1 
_struct_ref_seq.ref_id                        1 
_struct_ref_seq.pdbx_PDB_id_code              2W3W 
_struct_ref_seq.pdbx_strand_id                A 
_struct_ref_seq.seq_align_beg                 1 
_struct_ref_seq.pdbx_seq_align_beg_ins_code   ? 
_struct_ref_seq.seq_align_end                 167 
_struct_ref_seq.pdbx_seq_align_end_ins_code   ? 
_struct_ref_seq.pdbx_db_accession             O30463 
_struct_ref_seq.db_align_beg                  1 
_struct_ref_seq.pdbx_db_align_beg_ins_code    ? 
_struct_ref_seq.db_align_end                  167 
_struct_ref_seq.pdbx_db_align_end_ins_code    ? 
_struct_ref_seq.pdbx_auth_seq_align_beg       1 
_struct_ref_seq.pdbx_auth_seq_align_end       167 
# 
loop_
_chem_comp.id 
_chem_comp.type 
_chem_comp.mon_nstd_flag 
_chem_comp.name 
_chem_comp.pdbx_synonyms 
_chem_comp.formula 
_chem_comp.formula_weight 
ALA 'L-peptide linking' y ALANINE                                                                             ? 'C3 H7 N O2' 
89.093  
ARG 'L-peptide linking' y ARGININE                                                                            ? 'C6 H15 N4 O2 1' 
175.209 
ASN 'L-peptide linking' y ASPARAGINE                                                                          ? 'C4 H8 N2 O3' 
132.118 
ASP 'L-peptide linking' y 'ASPARTIC ACID'                                                                     ? 'C4 H7 N O4' 
133.103 
CYS 'L-peptide linking' y CYSTEINE                                                                            ? 'C3 H7 N O2 S' 
121.158 
GLN 'L-peptide linking' y GLUTAMINE                                                                           ? 'C5 H10 N2 O3' 
146.144 
GLU 'L-peptide linking' y 'GLUTAMIC ACID'                                                                     ? 'C5 H9 N O4' 
147.129 
GLY 'peptide linking'   y GLYCINE                                                                             ? 'C2 H5 N O2' 
75.067  
HIS 'L-peptide linking' y HISTIDINE                                                                           ? 'C6 H10 N3 O2 1' 
156.162 
HOH non-polymer         . WATER                                                                               ? 'H2 O' 18.015  
ILE 'L-peptide linking' y ISOLEUCINE                                                                          ? 'C6 H13 N O2' 
131.173 
LEU 'L-peptide linking' y LEUCINE                                                                             ? 'C6 H13 N O2' 
131.173 
LYS 'L-peptide linking' y LYSINE                                                                              ? 'C6 H15 N2 O2 1' 
147.195 
MET 'L-peptide linking' y METHIONINE                                                                          ? 'C5 H11 N O2 S' 
149.211 
NDP non-polymer         . 'NADPH DIHYDRO-NICOTINAMIDE-ADENINE-DINUCLEOTIDE PHOSPHATE'                         ? 
'C21 H30 N7 O17 P3' 745.421 
PHE 'L-peptide linking' y PHENYLALANINE                                                                       ? 'C9 H11 N O2' 
165.189 
PRO 'L-peptide linking' y PROLINE                                                                             ? 'C5 H9 N O2' 
115.130 
SER 'L-peptide linking' y SERINE                                                                              ? 'C3 H7 N O3' 
105.093 
THR 'L-peptide linking' y THREONINE                                                                           ? 'C4 H9 N O3' 
119.119 
TRP 'L-peptide linking' y TRYPTOPHAN                                                                          ? 'C11 H12 N2 O2' 
204.225 
TYR 'L-peptide linking' y TYROSINE                                                                            ? 'C9 H11 N O3' 
181.189 
VAL 'L-peptide linking' y VALINE                                                                              ? 'C5 H11 N O2' 
117.146 
VG9 non-polymer         . '6-{[(2,5-DIETHOXYPHENYL)AMINO]METHYL}-5-METHYLPYRIDO[2,3-D]PYRIMIDINE-2,4-DIAMINE' ? 'C19 H24 N6 O2' 
368.433 
# 
_exptl.entry_id          2W3W 
_exptl.method            'X-RAY DIFFRACTION' 
_exptl.crystals_number   1 
# 
_exptl_crystal.id                    1 
_exptl_crystal.density_meas          ? 
_exptl_crystal.density_Matthews      2.18 
_exptl_crystal.density_percent_sol   43.7 
_exptl_crystal.description           NONE 
# 
_exptl_crystal_grow.crystal_id      1 
_exptl_crystal_grow.method          'VAPOR DIFFUSION, HANGING DROP' 
_exptl_crystal_grow.temp            277 
_exptl_crystal_grow.temp_details    ? 
_exptl_crystal_grow.pH              7 
_exptl_crystal_grow.pdbx_pH_range   ? 
_exptl_crystal_grow.pdbx_details    
;MAVDHFR (15 MG/ML) IN 20 MM HEPES (PH 7.0), 1 MM DTT, 0.1 MM EDTA, 1.5 MM NAN3 WAS MIXED WITH NADPH (3 MM, 15 MIN AT ROOM TEMPERATURE) AND THEN SRI-8686 (2 MM, 15 MIN ON ICE). CRYSTALLIZATION (HANGING DROP VAPOR PHASE EQUILIBRATION) WAS ACHIEVED BY MIXING WITH AN EQUAL VOLUME OF THE PROTEIN COMPLEX WITH A RESERVOIR SOLUTION CONSISTING OF 55-70% 2-METHYL-2, 4-PENTANEDIOL (MPD) AND 100 MM HEPES (PH 6.5-7.5), AND SUSPENDING THE MIXTURE OVER THE RESERVOIR AT 277 K. SMALL ROD-LIKE CRYSTALS (0.01 X 0.01 X 0.05 MM) GREW WITHIN 2 DAYS. CRYSTALS WERE FLASH-COOLED DIRECTLY FROM THE DROP IN LIQUID N2.
;
# 
_diffrn.id                     1 
_diffrn.ambient_temp           100 
_diffrn.ambient_temp_details   ? 
_diffrn.crystal_id             1 
# 
_diffrn_detector.diffrn_id              1 
_diffrn_detector.detector               CCD 
_diffrn_detector.type                   'BRANDEIS UNIVERSITY BRANDEIS B4' 
_diffrn_detector.pdbx_collection_date   2000-04-13 
_diffrn_detector.details                MIRRORS 
# 
_diffrn_radiation.diffrn_id                        1 
_diffrn_radiation.wavelength_id                    1 
_diffrn_radiation.pdbx_monochromatic_or_laue_m_l   M 
_diffrn_radiation.monochromator                    SI 
_diffrn_radiation.pdbx_diffrn_protocol             'SINGLE WAVELENGTH' 
_diffrn_radiation.pdbx_scattering_type             x-ray 
# 
_diffrn_radiation_wavelength.id           1 
_diffrn_radiation_wavelength.wavelength   1.10 
_diffrn_radiation_wavelength.wt           1.0 
# 
_diffrn_source.diffrn_id                   1 
_diffrn_source.source                      SYNCHROTRON 
_diffrn_source.type                        'NSLS BEAMLINE X25' 
_diffrn_source.pdbx_synchrotron_site       NSLS 
_diffrn_source.pdbx_synchrotron_beamline   X25 
_diffrn_source.pdbx_wavelength             1.10 
_diffrn_source.pdbx_wavelength_list        ? 
# 
_reflns.pdbx_diffrn_id               1 
_reflns.pdbx_ordinal                 1 
_reflns.entry_id                     2W3W 
_reflns.observed_criterion_sigma_I   -10.0 
_reflns.observed_criterion_sigma_F   ? 
_reflns.d_resolution_low             15.00 
_reflns.d_resolution_high            1.60 
_reflns.number_obs                   18299 
_reflns.number_all                   ? 
_reflns.percent_possible_obs         83.5 
_reflns.pdbx_Rmerge_I_obs            0.08 
_reflns.pdbx_Rsym_value              ? 
_reflns.pdbx_netI_over_sigmaI        10.80 
_reflns.B_iso_Wilson_estimate        18.70 
_reflns.pdbx_redundancy              4.5 
# 
_reflns_shell.pdbx_diffrn_id         1 
_reflns_shell.pdbx_ordinal           1 
_reflns_shell.d_res_high             1.60 
_reflns_shell.d_res_low              1.64 
_reflns_shell.percent_possible_all   37.9 
_reflns_shell.Rmerge_I_obs           0.46 
_reflns_shell.pdbx_Rsym_value        ? 
_reflns_shell.meanI_over_sigI_obs    1.70 
_reflns_shell.pdbx_redundancy        1.2 
# 
_refine.pdbx_refine_id                           'X-RAY DIFFRACTION' 
_refine.entry_id                                 2W3W 
_refine.pdbx_diffrn_id                           1 
_refine.pdbx_TLS_residual_ADP_flag               'LIKELY RESIDUAL' 
_refine.ls_number_reflns_obs                     17339 
_refine.ls_number_reflns_all                     ? 
_refine.pdbx_ls_sigma_I                          ? 
_refine.pdbx_ls_sigma_F                          ? 
_refine.pdbx_data_cutoff_high_absF               ? 
_refine.pdbx_data_cutoff_low_absF                ? 
_refine.pdbx_data_cutoff_high_rms_absF           ? 
_refine.ls_d_res_low                             14.98 
_refine.ls_d_res_high                            1.60 
_refine.ls_percent_reflns_obs                    83.3 
_refine.ls_R_factor_obs                          0.175 
_refine.ls_R_factor_all                          ? 
_refine.ls_R_factor_R_work                       0.173 
_refine.ls_R_factor_R_free                       0.207 
_refine.ls_R_factor_R_free_error                 ? 
_refine.ls_R_factor_R_free_error_details         ? 
_refine.ls_percent_reflns_R_free                 5.000 
_refine.ls_number_reflns_R_free                  920 
_refine.ls_number_parameters                     ? 
_refine.ls_number_restraints                     ? 
_refine.occupancy_min                            ? 
_refine.occupancy_max                            ? 
_refine.correlation_coeff_Fo_to_Fc               0.964 
_refine.correlation_coeff_Fo_to_Fc_free          0.946 
_refine.B_iso_mean                               16.96 
_refine.aniso_B[1][1]                            0.89000 
_refine.aniso_B[2][2]                            -0.20000 
_refine.aniso_B[3][3]                            -0.70000 
_refine.aniso_B[1][2]                            0.00000 
_refine.aniso_B[1][3]                            0.00000 
_refine.aniso_B[2][3]                            0.00000 
_refine.solvent_model_details                    'BABINET MODEL WITH MASK' 
_refine.solvent_model_param_ksol                 ? 
_refine.solvent_model_param_bsol                 ? 
_refine.pdbx_solvent_vdw_probe_radii             1.20 
_refine.pdbx_solvent_ion_probe_radii             0.80 
_refine.pdbx_solvent_shrinkage_radii             0.80 
_refine.pdbx_ls_cross_valid_method               THROUGHOUT 
_refine.details                                  
;HYDROGENS HAVE BEEN ADDED IN THE RIDING POSITIONS. NOTE THAT THE 2' ETHYL GROUP OF SRI-8686 (VG9) WAS NOT LOCATED IN ELECTRON DENSITY MAPS. APPROXIMATE COORDINATES FOR THESE TWO ATOMS ARE INCLUDED, BUT AT ZERO OCCUPANCY.
;
_refine.pdbx_starting_model                      
'UNPUBLISHED M. AVIUM DHFR-NADPH- TRIMETHOPRIM COMPLEX, SINCE DEPOSITED AS PDB ENTRY 2W3V.' 
_refine.pdbx_method_to_determine_struct          'MOLECULAR REPLACEMENT' 
_refine.pdbx_isotropic_thermal_model             ? 
_refine.pdbx_stereochemistry_target_values       'MAXIMUM LIKELIHOOD' 
_refine.pdbx_stereochem_target_val_spec_case     ? 
_refine.pdbx_R_Free_selection_details            RANDOM 
_refine.pdbx_overall_ESU_R                       0.110 
_refine.pdbx_overall_ESU_R_Free                  0.106 
_refine.overall_SU_ML                            0.066 
_refine.pdbx_overall_phase_error                 ? 
_refine.overall_SU_B                             3.279 
_refine.overall_SU_R_Cruickshank_DPI             ? 
_refine.pdbx_overall_SU_R_free_Cruickshank_DPI   ? 
_refine.pdbx_overall_SU_R_Blow_DPI               ? 
_refine.pdbx_overall_SU_R_free_Blow_DPI          ? 
# 
_refine_hist.pdbx_refine_id                   'X-RAY DIFFRACTION' 
_refine_hist.cycle_id                         LAST 
_refine_hist.pdbx_number_atoms_protein        1247 
_refine_hist.pdbx_number_atoms_nucleic_acid   0 
_refine_hist.pdbx_number_atoms_ligand         75 
_refine_hist.number_atoms_solvent             126 
_refine_hist.number_atoms_total               1448 
_refine_hist.d_res_high                       1.60 
_refine_hist.d_res_low                        14.98 
# 
loop_
_refine_ls_restr.type 
_refine_ls_restr.dev_ideal 
_refine_ls_restr.dev_ideal_target 
_refine_ls_restr.weight 
_refine_ls_restr.number 
_refine_ls_restr.pdbx_refine_id 
_refine_ls_restr.pdbx_restraint_function 
r_bond_refined_d             0.014  0.021  ? 1430 'X-RAY DIFFRACTION' ? 
r_bond_other_d               0.002  0.020  ? 975  'X-RAY DIFFRACTION' ? 
r_angle_refined_deg          1.664  2.017  ? 1971 'X-RAY DIFFRACTION' ? 
r_angle_other_deg            1.310  3.000  ? 2335 'X-RAY DIFFRACTION' ? 
r_dihedral_angle_1_deg       5.915  5.000  ? 179  'X-RAY DIFFRACTION' ? 
r_dihedral_angle_2_deg       30.685 20.741 ? 54   'X-RAY DIFFRACTION' ? 
r_dihedral_angle_3_deg       12.814 15.000 ? 208  'X-RAY DIFFRACTION' ? 
r_dihedral_angle_4_deg       19.991 15.000 ? 17   'X-RAY DIFFRACTION' ? 
r_chiral_restr               0.091  0.200  ? 211  'X-RAY DIFFRACTION' ? 
r_gen_planes_refined         0.008  0.020  ? 1613 'X-RAY DIFFRACTION' ? 
r_gen_planes_other           0.002  0.020  ? 310  'X-RAY DIFFRACTION' ? 
r_nbd_refined                0.215  0.200  ? 231  'X-RAY DIFFRACTION' ? 
r_nbd_other                  0.215  0.200  ? 1065 'X-RAY DIFFRACTION' ? 
r_nbtor_refined              0.187  0.200  ? 677  'X-RAY DIFFRACTION' ? 
r_nbtor_other                0.085  0.200  ? 789  'X-RAY DIFFRACTION' ? 
r_xyhbond_nbd_refined        0.137  0.200  ? 97   'X-RAY DIFFRACTION' ? 
r_xyhbond_nbd_other          ?      ?      ? ?    'X-RAY DIFFRACTION' ? 
r_metal_ion_refined          ?      ?      ? ?    'X-RAY DIFFRACTION' ? 
r_metal_ion_other            ?      ?      ? ?    'X-RAY DIFFRACTION' ? 
r_symmetry_vdw_refined       0.175  0.200  ? 11   'X-RAY DIFFRACTION' ? 
r_symmetry_vdw_other         0.277  0.200  ? 30   'X-RAY DIFFRACTION' ? 
r_symmetry_hbond_refined     0.224  0.200  ? 18   'X-RAY DIFFRACTION' ? 
r_symmetry_hbond_other       ?      ?      ? ?    'X-RAY DIFFRACTION' ? 
r_symmetry_metal_ion_refined ?      ?      ? ?    'X-RAY DIFFRACTION' ? 
r_symmetry_metal_ion_other   ?      ?      ? ?    'X-RAY DIFFRACTION' ? 
r_mcbond_it                  1.265  1.500  ? 1098 'X-RAY DIFFRACTION' ? 
r_mcbond_other               ?      ?      ? ?    'X-RAY DIFFRACTION' ? 
r_mcangle_it                 1.438  2.000  ? 1390 'X-RAY DIFFRACTION' ? 
r_mcangle_other              ?      ?      ? ?    'X-RAY DIFFRACTION' ? 
r_scbond_it                  2.408  3.000  ? 708  'X-RAY DIFFRACTION' ? 
r_scbond_other               ?      ?      ? ?    'X-RAY DIFFRACTION' ? 
r_scangle_it                 3.377  4.500  ? 581  'X-RAY DIFFRACTION' ? 
r_scangle_other              ?      ?      ? ?    'X-RAY DIFFRACTION' ? 
r_long_range_B_refined       ?      ?      ? ?    'X-RAY DIFFRACTION' ? 
r_long_range_B_other         ?      ?      ? ?    'X-RAY DIFFRACTION' ? 
r_rigid_bond_restr           ?      ?      ? ?    'X-RAY DIFFRACTION' ? 
r_sphericity_free            ?      ?      ? ?    'X-RAY DIFFRACTION' ? 
r_sphericity_bonded          ?      ?      ? ?    'X-RAY DIFFRACTION' ? 
# 
_refine_ls_shell.pdbx_refine_id                   'X-RAY DIFFRACTION' 
_refine_ls_shell.pdbx_total_number_of_bins_used   20 
_refine_ls_shell.d_res_high                       1.60 
_refine_ls_shell.d_res_low                        1.64 
_refine_ls_shell.number_reflns_R_work             545 
_refine_ls_shell.R_factor_R_work                  0.2280 
_refine_ls_shell.percent_reflns_obs               ? 
_refine_ls_shell.R_factor_R_free                  0.3310 
_refine_ls_shell.R_factor_R_free_error            ? 
_refine_ls_shell.percent_reflns_R_free            ? 
_refine_ls_shell.number_reflns_R_free             30 
_refine_ls_shell.number_reflns_all                ? 
_refine_ls_shell.R_factor_all                     ? 
# 
_struct.entry_id                  2W3W 
_struct.title                     
;MYCOBACTERIUM AVIUM DIHYDROFOLATE REDUCTASE COMPLEXED WITH NADPH AND A LIPOPHILIC ANTIFOLATE SELECTIVE FOR M. AVIUM DHFR, 6-((2,5- DIETHOXYPHENYL)AMINOMETHYL)-2,4-DIAMINO-5-METHYLPYRIDO(2,3-D) PYRIMIDINE (SRI-8686)
;
_struct.pdbx_model_details        ? 
_struct.pdbx_CASP_flag            ? 
_struct.pdbx_model_type_details   ? 
# 
_struct_keywords.entry_id        2W3W 
_struct_keywords.pdbx_keywords   OXIDOREDUCTASE 
_struct_keywords.text            
'NONCLASSICAL ANTIFOLATES, ONE-CARBON METABOLISM, LIPOPHILIC ANTIFOLATES, NADP, REDUCTASE, OXIDOREDUCTASE' 
# 
loop_
_struct_asym.id 
_struct_asym.pdbx_blank_PDB_chainid_flag 
_struct_asym.pdbx_modified 
_struct_asym.entity_id 
_struct_asym.details 
A N N 1 ? 
B N N 2 ? 
C N N 3 ? 
D N N 4 ? 
# 
_struct_biol.id   1 
# 
loop_
_struct_conf.conf_type_id 
_struct_conf.id 
_struct_conf.pdbx_PDB_helix_id 
_struct_conf.beg_label_comp_id 
_struct_conf.beg_label_asym_id 
_struct_conf.beg_label_seq_id 
_struct_conf.pdbx_beg_PDB_ins_code 
_struct_conf.end_label_comp_id 
_struct_conf.end_label_asym_id 
_struct_conf.end_label_seq_id 
_struct_conf.pdbx_end_PDB_ins_code 
_struct_conf.beg_auth_comp_id 
_struct_conf.beg_auth_asym_id 
_struct_conf.beg_auth_seq_id 
_struct_conf.end_auth_comp_id 
_struct_conf.end_auth_asym_id 
_struct_conf.end_auth_seq_id 
_struct_conf.pdbx_PDB_helix_class 
_struct_conf.details 
_struct_conf.pdbx_PDB_helix_length 
HELX_P HELX_P1 1 VAL A 28  ? MET A 40  ? VAL A 28  MET A 40  1 ? 13 
HELX_P HELX_P2 2 ARG A 48  ? LEU A 54  ? ARG A 48  LEU A 54  1 ? 7  
HELX_P HELX_P3 3 PRO A 55  ? ARG A 59  ? PRO A 55  ARG A 59  5 ? 5  
HELX_P HELX_P4 4 SER A 85  ? ALA A 93  ? SER A 85  ALA A 93  1 ? 9  
HELX_P HELX_P5 5 GLY A 104 ? LEU A 112 ? GLY A 104 LEU A 112 1 ? 9  
HELX_P HELX_P6 6 PRO A 113 ? ALA A 115 ? PRO A 113 ALA A 115 5 ? 3  
# 
_struct_conf_type.id          HELX_P 
_struct_conf_type.criteria    ? 
_struct_conf_type.reference   ? 
# 
loop_
_struct_mon_prot_cis.pdbx_id 
_struct_mon_prot_cis.label_comp_id 
_struct_mon_prot_cis.label_seq_id 
_struct_mon_prot_cis.label_asym_id 
_struct_mon_prot_cis.label_alt_id 
_struct_mon_prot_cis.pdbx_PDB_ins_code 
_struct_mon_prot_cis.auth_comp_id 
_struct_mon_prot_cis.auth_seq_id 
_struct_mon_prot_cis.auth_asym_id 
_struct_mon_prot_cis.pdbx_label_comp_id_2 
_struct_mon_prot_cis.pdbx_label_seq_id_2 
_struct_mon_prot_cis.pdbx_label_asym_id_2 
_struct_mon_prot_cis.pdbx_PDB_ins_code_2 
_struct_mon_prot_cis.pdbx_auth_comp_id_2 
_struct_mon_prot_cis.pdbx_auth_seq_id_2 
_struct_mon_prot_cis.pdbx_auth_asym_id_2 
_struct_mon_prot_cis.pdbx_PDB_model_num 
_struct_mon_prot_cis.pdbx_omega_angle 
1 ARG 59  A . ? ARG 59  A PRO 60  A ? PRO 60  A 1 -3.80 
2 GLY 103 A . ? GLY 103 A GLY 104 A ? GLY 104 A 1 6.76  
# 
loop_
_struct_sheet.id 
_struct_sheet.type 
_struct_sheet.number_strands 
_struct_sheet.details 
AA ? 8 ? 
AB ? 8 ? 
AC ? 2 ? 
# 
loop_
_struct_sheet_order.sheet_id 
_struct_sheet_order.range_id_1 
_struct_sheet_order.range_id_2 
_struct_sheet_order.offset 
_struct_sheet_order.sense 
AA 1 2 ? parallel      
AA 2 3 ? parallel      
AA 3 4 ? parallel      
AA 4 5 ? parallel      
AA 5 6 ? parallel      
AA 6 7 ? anti-parallel 
AA 7 8 ? anti-parallel 
AB 1 2 ? parallel      
AB 2 3 ? parallel      
AB 3 4 ? parallel      
AB 4 5 ? parallel      
AB 5 6 ? parallel      
AB 6 7 ? anti-parallel 
AB 7 8 ? anti-parallel 
AC 1 2 ? anti-parallel 
# 
loop_
_struct_sheet_range.sheet_id 
_struct_sheet_range.id 
_struct_sheet_range.beg_label_comp_id 
_struct_sheet_range.beg_label_asym_id 
_struct_sheet_range.beg_label_seq_id 
_struct_sheet_range.pdbx_beg_PDB_ins_code 
_struct_sheet_range.end_label_comp_id 
_struct_sheet_range.end_label_asym_id 
_struct_sheet_range.end_label_seq_id 
_struct_sheet_range.pdbx_end_PDB_ins_code 
_struct_sheet_range.beg_auth_comp_id 
_struct_sheet_range.beg_auth_asym_id 
_struct_sheet_range.beg_auth_seq_id 
_struct_sheet_range.end_auth_comp_id 
_struct_sheet_range.end_auth_asym_id 
_struct_sheet_range.end_auth_seq_id 
AA 1 ARG A 81  ? ALA A 83  ? ARG A 81  ALA A 83  
AA 2 ARG A 65  ? VAL A 69  ? ARG A 65  VAL A 69  
AA 3 THR A 43  ? GLY A 47  ? THR A 43  GLY A 47  
AA 4 TRP A 100 ? GLY A 103 ? TRP A 100 GLY A 103 
AA 5 GLY A 7   ? SER A 13  ? GLY A 7   SER A 13  
AA 6 ARG A 117 ? GLU A 124 ? ARG A 117 GLU A 124 
AA 7 ARG A 158 ? ARG A 165 ? ARG A 158 ARG A 165 
AA 8 VAL A 144 ? THR A 147 ? VAL A 144 THR A 147 
AB 1 ARG A 81  ? ALA A 83  ? ARG A 81  ALA A 83  
AB 2 ARG A 65  ? VAL A 69  ? ARG A 65  VAL A 69  
AB 3 THR A 43  ? GLY A 47  ? THR A 43  GLY A 47  
AB 4 TRP A 100 ? GLY A 103 ? TRP A 100 GLY A 103 
AB 5 GLY A 7   ? SER A 13  ? GLY A 7   SER A 13  
AB 6 ARG A 117 ? GLU A 124 ? ARG A 117 GLU A 124 
AB 7 ARG A 158 ? ARG A 165 ? ARG A 158 ARG A 165 
AB 8 LEU A 151 ? ALA A 152 ? LEU A 151 ALA A 152 
AC 1 VAL A 17  ? GLY A 19  ? VAL A 17  GLY A 19  
AC 2 ALA A 134 ? LEU A 135 ? ALA A 134 LEU A 135 
# 
loop_
_pdbx_struct_sheet_hbond.sheet_id 
_pdbx_struct_sheet_hbond.range_id_1 
_pdbx_struct_sheet_hbond.range_id_2 
_pdbx_struct_sheet_hbond.range_1_label_atom_id 
_pdbx_struct_sheet_hbond.range_1_label_comp_id 
_pdbx_struct_sheet_hbond.range_1_label_asym_id 
_pdbx_struct_sheet_hbond.range_1_label_seq_id 
_pdbx_struct_sheet_hbond.range_1_PDB_ins_code 
_pdbx_struct_sheet_hbond.range_1_auth_atom_id 
_pdbx_struct_sheet_hbond.range_1_auth_comp_id 
_pdbx_struct_sheet_hbond.range_1_auth_asym_id 
_pdbx_struct_sheet_hbond.range_1_auth_seq_id 
_pdbx_struct_sheet_hbond.range_2_label_atom_id 
_pdbx_struct_sheet_hbond.range_2_label_comp_id 
_pdbx_struct_sheet_hbond.range_2_label_asym_id 
_pdbx_struct_sheet_hbond.range_2_label_seq_id 
_pdbx_struct_sheet_hbond.range_2_PDB_ins_code 
_pdbx_struct_sheet_hbond.range_2_auth_atom_id 
_pdbx_struct_sheet_hbond.range_2_auth_comp_id 
_pdbx_struct_sheet_hbond.range_2_auth_asym_id 
_pdbx_struct_sheet_hbond.range_2_auth_seq_id 
AA 1 2 N ARG A 81  ? N ARG A 81  O ASN A 66  ? O ASN A 66  
AA 2 3 N VAL A 67  ? N VAL A 67  O VAL A 44  ? O VAL A 44  
AA 3 4 N ILE A 45  ? N ILE A 45  O TRP A 100 ? O TRP A 100 
AA 4 5 N VAL A 101 ? N VAL A 101 O GLY A 7   ? O GLY A 7   
AA 5 6 N LEU A 8   ? N LEU A 8   O ARG A 117 ? O ARG A 117 
AA 6 7 N GLU A 124 ? N GLU A 124 O ARG A 158 ? O ARG A 158 
AA 7 8 N ARG A 165 ? N ARG A 165 O VAL A 144 ? O VAL A 144 
AB 1 2 N ARG A 81  ? N ARG A 81  O ASN A 66  ? O ASN A 66  
AB 2 3 N VAL A 67  ? N VAL A 67  O VAL A 44  ? O VAL A 44  
AB 3 4 N ILE A 45  ? N ILE A 45  O TRP A 100 ? O TRP A 100 
AB 4 5 N VAL A 101 ? N VAL A 101 O GLY A 7   ? O GLY A 7   
AB 5 6 N LEU A 8   ? N LEU A 8   O ARG A 117 ? O ARG A 117 
AB 6 7 N GLU A 124 ? N GLU A 124 O ARG A 158 ? O ARG A 158 
AB 7 8 N TYR A 159 ? N TYR A 159 O LEU A 151 ? O LEU A 151 
AC 1 2 N ILE A 18  ? N ILE A 18  O ALA A 134 ? O ALA A 134 
# 
loop_
_struct_site.id 
_struct_site.pdbx_evidence_code 
_struct_site.pdbx_auth_asym_id 
_struct_site.pdbx_auth_comp_id 
_struct_site.pdbx_auth_seq_id 
_struct_site.pdbx_auth_ins_code 
_struct_site.pdbx_num_residues 
_struct_site.details 
AC1 Software A VG9 1168 ? 11 'BINDING SITE FOR RESIDUE VG9 A 1168' 
AC2 Software A NDP 1169 ? 31 'BINDING SITE FOR RESIDUE NDP A 1169' 
# 
loop_
_struct_site_gen.id 
_struct_site_gen.site_id 
_struct_site_gen.pdbx_num_res 
_struct_site_gen.label_comp_id 
_struct_site_gen.label_asym_id 
_struct_site_gen.label_seq_id 
_struct_site_gen.pdbx_auth_ins_code 
_struct_site_gen.auth_comp_id 
_struct_site_gen.auth_asym_id 
_struct_site_gen.auth_seq_id 
_struct_site_gen.label_atom_id 
_struct_site_gen.label_alt_id 
_struct_site_gen.symmetry 
_struct_site_gen.details 
1  AC1 11 VAL A 9   ? VAL A 9    . ? 1_555 ? 
2  AC1 11 TRP A 10  ? TRP A 10   . ? 1_555 ? 
3  AC1 11 ALA A 11  ? ALA A 11   . ? 1_555 ? 
4  AC1 11 ILE A 24  ? ILE A 24   . ? 1_555 ? 
5  AC1 11 ASP A 31  ? ASP A 31   . ? 1_555 ? 
6  AC1 11 LEU A 32  ? LEU A 32   . ? 1_555 ? 
7  AC1 11 PHE A 35  ? PHE A 35   . ? 1_555 ? 
8  AC1 11 ILE A 102 ? ILE A 102  . ? 1_555 ? 
9  AC1 11 TYR A 108 ? TYR A 108  . ? 1_555 ? 
10 AC1 11 NDP C .   ? NDP A 1169 . ? 1_555 ? 
11 AC1 11 HOH D .   ? HOH A 2087 . ? 1_555 ? 
12 AC2 31 TRP A 10  ? TRP A 10   . ? 1_555 ? 
13 AC2 31 ALA A 11  ? ALA A 11   . ? 1_555 ? 
14 AC2 31 ILE A 18  ? ILE A 18   . ? 1_555 ? 
15 AC2 31 GLY A 19  ? GLY A 19   . ? 1_555 ? 
16 AC2 31 GLY A 22  ? GLY A 22   . ? 1_555 ? 
17 AC2 31 ASP A 23  ? ASP A 23   . ? 1_555 ? 
18 AC2 31 ILE A 24  ? ILE A 24   . ? 1_555 ? 
19 AC2 31 GLY A 47  ? GLY A 47   . ? 1_555 ? 
20 AC2 31 ARG A 48  ? ARG A 48   . ? 1_555 ? 
21 AC2 31 ARG A 49  ? ARG A 49   . ? 1_555 ? 
22 AC2 31 THR A 50  ? THR A 50   . ? 1_555 ? 
23 AC2 31 VAL A 69  ? VAL A 69   . ? 1_555 ? 
24 AC2 31 SER A 70  ? SER A 70   . ? 1_555 ? 
25 AC2 31 ARG A 71  ? ARG A 71   . ? 1_555 ? 
26 AC2 31 ARG A 72  ? ARG A 72   . ? 1_555 ? 
27 AC2 31 GLY A 84  ? GLY A 84   . ? 1_555 ? 
28 AC2 31 ILE A 102 ? ILE A 102  . ? 1_555 ? 
29 AC2 31 GLY A 104 ? GLY A 104  . ? 1_555 ? 
30 AC2 31 ALA A 105 ? ALA A 105  . ? 1_555 ? 
31 AC2 31 GLN A 106 ? GLN A 106  . ? 1_555 ? 
32 AC2 31 ILE A 107 ? ILE A 107  . ? 1_555 ? 
33 AC2 31 TYR A 108 ? TYR A 108  . ? 1_555 ? 
34 AC2 31 LEU A 110 ? LEU A 110  . ? 1_555 ? 
35 AC2 31 VG9 B .   ? VG9 A 1168 . ? 1_555 ? 
36 AC2 31 HOH D .   ? HOH A 2048 . ? 1_555 ? 
37 AC2 31 HOH D .   ? HOH A 2121 . ? 1_555 ? 
38 AC2 31 HOH D .   ? HOH A 2122 . ? 1_555 ? 
39 AC2 31 HOH D .   ? HOH A 2123 . ? 1_555 ? 
40 AC2 31 HOH D .   ? HOH A 2124 . ? 1_555 ? 
41 AC2 31 HOH D .   ? HOH A 2125 . ? 1_555 ? 
42 AC2 31 HOH D .   ? HOH A 2126 . ? 1_555 ? 
# 
_atom_sites.entry_id                    2W3W 
_atom_sites.fract_transf_matrix[1][1]   0.01702805 
_atom_sites.fract_transf_matrix[1][2]   0.02082056 
_atom_sites.fract_transf_matrix[1][3]   -0.00421955 
_atom_sites.fract_transf_matrix[2][1]   0.00233804 
_atom_sites.fract_transf_matrix[2][2]   0.00179556 
_atom_sites.fract_transf_matrix[2][3]   0.01829501 
_atom_sites.fract_transf_matrix[3][1]   0.00948420 
_atom_sites.fract_transf_matrix[3][2]   -0.00784621 
_atom_sites.fract_transf_matrix[3][3]   -0.00044198 
_atom_sites.fract_transf_vector[1]      0.367972 
_atom_sites.fract_transf_vector[2]      0.050621 
_atom_sites.fract_transf_vector[3]      0.577248 
# 
loop_
_atom_type.symbol 
C 
N 
O 
P 
S 
# 
loop_
_atom_site.group_PDB 
_atom_site.id 
_atom_site.type_symbol 
_atom_site.label_atom_id 
_atom_site.label_alt_id 
_atom_site.label_comp_id 
_atom_site.label_asym_id 
_atom_site.label_entity_id 
_atom_site.label_seq_id 
_atom_site.pdbx_PDB_ins_code 
_atom_site.Cartn_x 
_atom_site.Cartn_y 
_atom_site.Cartn_z 
_atom_site.occupancy 
_atom_site.B_iso_or_equiv 
_atom_site.pdbx_formal_charge 
_atom_site.auth_seq_id 
_atom_site.auth_comp_id 
_atom_site.auth_asym_id 
_atom_site.auth_atom_id 
_atom_site.pdbx_PDB_model_num 
ATOM   1    N N   . ARG A 1 3   ? -0.673  -20.228 -6.087  1.00   37.14 ? 3    ARG A N   1 
ATOM   2    C CA  . ARG A 1 3   ? -1.679  -20.484 -5.019  1.00   36.05 ? 3    ARG A CA  1 
ATOM   3    C C   . ARG A 1 3   ? -1.999  -19.172 -4.294  1.00   35.50 ? 3    ARG A C   1 
ATOM   4    O O   . ARG A 1 3   ? -3.172  -18.771 -4.229  1.00   37.41 ? 3    ARG A O   1 
ATOM   5    C CB  . ARG A 1 3   ? -1.172  -21.562 -4.048  1.00   36.89 ? 3    ARG A CB  1 
ATOM   6    C CG  . ARG A 1 3   ? -2.259  -22.251 -3.241  1.00   37.23 ? 3    ARG A CG  1 
ATOM   7    N N   . ALA A 1 4   ? -0.979  -18.486 -3.774  1.00   33.87 ? 4    ALA A N   1 
ATOM   8    C CA  . ALA A 1 4   ? -1.205  -17.187 -3.136  1.00   31.94 ? 4    ALA A CA  1 
ATOM   9    C C   . ALA A 1 4   ? -1.400  -16.091 -4.197  1.00   30.69 ? 4    ALA A C   1 
ATOM   10   O O   . ALA A 1 4   ? -0.666  -16.035 -5.195  1.00   31.26 ? 4    ALA A O   1 
ATOM   11   C CB  . ALA A 1 4   ? -0.054  -16.822 -2.192  1.00   32.32 ? 4    ALA A CB  1 
ATOM   12   N N   . GLU A 1 5   ? -2.402  -15.241 -3.983  1.00   28.11 ? 5    GLU A N   1 
ATOM   13   C CA  . GLU A 1 5   ? -2.660  -14.086 -4.840  1.00   26.33 ? 5    GLU A CA  1 
ATOM   14   C C   . GLU A 1 5   ? -2.020  -12.880 -4.178  1.00   24.70 ? 5    GLU A C   1 
ATOM   15   O O   . GLU A 1 5   ? -2.571  -12.367 -3.203  1.00   25.70 ? 5    GLU A O   1 
ATOM   16   C CB  . GLU A 1 5   ? -4.167  -13.826 -4.953  1.00   26.43 ? 5    GLU A CB  1 
ATOM   17   N N   . VAL A 1 6   ? -0.884  -12.413 -4.702  1.00   21.91 ? 6    VAL A N   1 
ATOM   18   C CA  . VAL A 1 6   ? -0.211  -11.220 -4.151  1.00   20.37 ? 6    VAL A CA  1 
ATOM   19   C C   . VAL A 1 6   ? -0.901  -9.953  -4.629  1.00   19.32 ? 6    VAL A C   1 
ATOM   20   O O   . VAL A 1 6   ? -1.048  -9.752  -5.832  1.00   18.26 ? 6    VAL A O   1 
ATOM   21   C CB  . VAL A 1 6   ? 1.245   -11.138 -4.624  1.00   20.99 ? 6    VAL A CB  1 
ATOM   22   C CG1 . VAL A 1 6   ? 1.985   -9.932  -4.008  1.00   20.12 ? 6    VAL A CG1 1 
ATOM   23   C CG2 . VAL A 1 6   ? 1.979   -12.456 -4.313  1.00   21.90 ? 6    VAL A CG2 1 
ATOM   24   N N   . GLY A 1 7   ? -1.318  -9.119  -3.683  1.00   16.96 ? 7    GLY A N   1 
ATOM   25   C CA  . GLY A 1 7   ? -1.974  -7.855  -3.976  1.00   16.57 ? 7    GLY A CA  1 
ATOM   26   C C   . GLY A 1 7   ? -1.145  -6.639  -3.577  1.00   15.11 ? 7    GLY A C   1 
ATOM   27   O O   . GLY A 1 7   ? -0.348  -6.703  -2.652  1.00   14.68 ? 7    GLY A O   1 
ATOM   28   N N   A LEU A 1 8   ? -1.399  -5.535  -4.269  0.50   15.01 ? 8    LEU A N   1 
ATOM   29   N N   B LEU A 1 8   ? -1.284  -5.533  -4.304  0.50   14.63 ? 8    LEU A N   1 
ATOM   30   C CA  A LEU A 1 8   ? -0.895  -4.209  -3.933  0.50   15.40 ? 8    LEU A CA  1 
ATOM   31   C CA  B LEU A 1 8   ? -0.821  -4.221  -3.819  0.50   14.95 ? 8    LEU A CA  1 
ATOM   32   C C   A LEU A 1 8   ? -2.075  -3.331  -3.553  0.50   14.66 ? 8    LEU A C   1 
ATOM   33   C C   B LEU A 1 8   ? -2.031  -3.341  -3.547  0.50   14.36 ? 8    LEU A C   1 
ATOM   34   O O   A LEU A 1 8   ? -3.133  -3.402  -4.178  0.50   14.04 ? 8    LEU A O   1 
ATOM   35   O O   B LEU A 1 8   ? -3.044  -3.409  -4.240  0.50   13.78 ? 8    LEU A O   1 
ATOM   36   C CB  A LEU A 1 8   ? -0.241  -3.599  -5.154  0.50   15.10 ? 8    LEU A CB  1 
ATOM   37   C CB  B LEU A 1 8   ? 0.086   -3.490  -4.808  0.50   14.05 ? 8    LEU A CB  1 
ATOM   38   C CG  A LEU A 1 8   ? 0.927   -4.392  -5.739  0.50   17.11 ? 8    LEU A CG  1 
ATOM   39   C CG  B LEU A 1 8   ? 0.992   -4.243  -5.778  0.50   15.49 ? 8    LEU A CG  1 
ATOM   40   C CD1 A LEU A 1 8   ? 1.109   -4.100  -7.243  0.50   15.65 ? 8    LEU A CD1 1 
ATOM   41   C CD1 B LEU A 1 8   ? 1.888   -3.260  -6.548  0.50   11.74 ? 8    LEU A CD1 1 
ATOM   42   C CD2 A LEU A 1 8   ? 2.145   -4.067  -5.002  0.50   15.85 ? 8    LEU A CD2 1 
ATOM   43   C CD2 B LEU A 1 8   ? 1.799   -5.323  -5.144  0.50   12.48 ? 8    LEU A CD2 1 
ATOM   44   N N   . VAL A 1 9   ? -1.895  -2.486  -2.549  1.00   15.06 ? 9    VAL A N   1 
ATOM   45   C CA  . VAL A 1 9   ? -2.978  -1.590  -2.150  1.00   14.73 ? 9    VAL A CA  1 
ATOM   46   C C   . VAL A 1 9   ? -2.342  -0.228  -1.887  1.00   14.48 ? 9    VAL A C   1 
ATOM   47   O O   . VAL A 1 9   ? -1.390  -0.136  -1.143  1.00   14.87 ? 9    VAL A O   1 
ATOM   48   C CB  . VAL A 1 9   ? -3.784  -2.127  -0.959  1.00   15.99 ? 9    VAL A CB  1 
ATOM   49   C CG1 . VAL A 1 9   ? -2.855  -2.473  0.279   1.00   13.57 ? 9    VAL A CG1 1 
ATOM   50   C CG2 . VAL A 1 9   ? -4.834  -1.091  -0.558  1.00   15.27 ? 9    VAL A CG2 1 
ATOM   51   N N   . TRP A 1 10  ? -2.835  0.802   -2.562  1.00   14.49 ? 10   TRP A N   1 
ATOM   52   C CA  . TRP A 1 10  ? -2.367  2.173   -2.356  1.00   14.53 ? 10   TRP A CA  1 
ATOM   53   C C   . TRP A 1 10  ? -3.450  3.213   -2.614  1.00   14.12 ? 10   TRP A C   1 
ATOM   54   O O   . TRP A 1 10  ? -4.456  2.895   -3.256  1.00   14.27 ? 10   TRP A O   1 
ATOM   55   C CB  . TRP A 1 10  ? -1.139  2.475   -3.227  1.00   14.48 ? 10   TRP A CB  1 
ATOM   56   C CG  . TRP A 1 10  ? -1.359  2.678   -4.697  1.00   14.62 ? 10   TRP A CG  1 
ATOM   57   C CD1 . TRP A 1 10  ? -1.549  3.883   -5.329  1.00   15.53 ? 10   TRP A CD1 1 
ATOM   58   C CD2 . TRP A 1 10  ? -1.286  1.691   -5.727  1.00   14.73 ? 10   TRP A CD2 1 
ATOM   59   N NE1 . TRP A 1 10  ? -1.667  3.689   -6.679  1.00   15.08 ? 10   TRP A NE1 1 
ATOM   60   C CE2 . TRP A 1 10  ? -1.493  2.357   -6.960  1.00   15.17 ? 10   TRP A CE2 1 
ATOM   61   C CE3 . TRP A 1 10  ? -1.103  0.307   -5.733  1.00   16.53 ? 10   TRP A CE3 1 
ATOM   62   C CZ2 . TRP A 1 10  ? -1.487  1.677   -8.196  1.00   16.11 ? 10   TRP A CZ2 1 
ATOM   63   C CZ3 . TRP A 1 10  ? -1.113  -0.370  -6.960  1.00   17.93 ? 10   TRP A CZ3 1 
ATOM   64   C CH2 . TRP A 1 10  ? -1.316  0.315   -8.164  1.00   16.66 ? 10   TRP A CH2 1 
ATOM   65   N N   . ALA A 1 11  ? -3.207  4.432   -2.141  1.00   13.58 ? 11   ALA A N   1 
ATOM   66   C CA  . ALA A 1 11  ? -3.976  5.638   -2.470  1.00   13.44 ? 11   ALA A CA  1 
ATOM   67   C C   . ALA A 1 11  ? -3.093  6.629   -3.169  1.00   13.69 ? 11   ALA A C   1 
ATOM   68   O O   . ALA A 1 11  ? -1.969  6.854   -2.751  1.00   14.42 ? 11   ALA A O   1 
ATOM   69   C CB  . ALA A 1 11  ? -4.564  6.292   -1.208  1.00   13.20 ? 11   ALA A CB  1 
ATOM   70   N N   . GLN A 1 12  ? -3.624  7.254   -4.217  1.00   13.38 ? 12   GLN A N   1 
ATOM   71   C CA  . GLN A 1 12  ? -2.854  8.251   -4.956  1.00   12.92 ? 12   GLN A CA  1 
ATOM   72   C C   . GLN A 1 12  ? -3.725  9.435   -5.298  1.00   14.23 ? 12   GLN A C   1 
ATOM   73   O O   . GLN A 1 12  ? -4.934  9.319   -5.458  1.00   14.87 ? 12   GLN A O   1 
ATOM   74   C CB  . GLN A 1 12  ? -2.259  7.677   -6.250  1.00   12.98 ? 12   GLN A CB  1 
ATOM   75   C CG  . GLN A 1 12  ? -3.309  7.121   -7.251  1.00   13.54 ? 12   GLN A CG  1 
ATOM   76   C CD  . GLN A 1 12  ? -2.711  6.749   -8.585  1.00   14.26 ? 12   GLN A CD  1 
ATOM   77   O OE1 . GLN A 1 12  ? -2.226  5.628   -8.774  1.00   14.40 ? 12   GLN A OE1 1 
ATOM   78   N NE2 . GLN A 1 12  ? -2.734  7.708   -9.548  1.00   13.83 ? 12   GLN A NE2 1 
ATOM   79   N N   . SER A 1 13  ? -3.077  10.562  -5.499  1.00   14.19 ? 13   SER A N   1 
ATOM   80   C CA  . SER A 1 13  ? -3.727  11.672  -6.179  1.00   15.40 ? 13   SER A CA  1 
ATOM   81   C C   . SER A 1 13  ? -3.929  11.260  -7.635  1.00   15.88 ? 13   SER A C   1 
ATOM   82   O O   . SER A 1 13  ? -3.252  10.368  -8.162  1.00   14.77 ? 13   SER A O   1 
ATOM   83   C CB  . SER A 1 13  ? -2.889  12.930  -6.139  1.00   16.62 ? 13   SER A CB  1 
ATOM   84   O OG  . SER A 1 13  ? -1.663  12.784  -6.829  1.00   16.24 ? 13   SER A OG  1 
ATOM   85   N N   A THR A 1 14  ? -4.873  11.926  -8.292  0.50   16.53 ? 14   THR A N   1 
ATOM   86   N N   B THR A 1 14  ? -4.869  11.904  -8.315  0.50   15.95 ? 14   THR A N   1 
ATOM   87   C CA  A THR A 1 14  ? -5.083  11.769  -9.727  0.50   17.34 ? 14   THR A CA  1 
ATOM   88   C CA  B THR A 1 14  ? -5.038  11.664  -9.742  0.50   16.55 ? 14   THR A CA  1 
ATOM   89   C C   A THR A 1 14  ? -3.764  11.968  -10.481 0.50   17.41 ? 14   THR A C   1 
ATOM   90   C C   B THR A 1 14  ? -3.720  11.931  -10.481 0.50   16.98 ? 14   THR A C   1 
ATOM   91   O O   A THR A 1 14  ? -3.484  11.266  -11.442 0.50   18.31 ? 14   THR A O   1 
ATOM   92   O O   B THR A 1 14  ? -3.382  11.216  -11.416 0.50   17.81 ? 14   THR A O   1 
ATOM   93   C CB  A THR A 1 14  ? -6.138  12.775  -10.225 0.50   17.51 ? 14   THR A CB  1 
ATOM   94   C CB  B THR A 1 14  ? -6.209  12.490  -10.297 0.50   16.48 ? 14   THR A CB  1 
ATOM   95   O OG1 A THR A 1 14  ? -5.726  14.095  -9.883  0.50   20.14 ? 14   THR A OG1 1 
ATOM   96   O OG1 B THR A 1 14  ? -7.432  11.959  -9.770  0.50   15.94 ? 14   THR A OG1 1 
ATOM   97   C CG2 A THR A 1 14  ? -7.474  12.529  -9.570  0.50   17.41 ? 14   THR A CG2 1 
ATOM   98   C CG2 B THR A 1 14  ? -6.255  12.427  -11.806 0.50   15.20 ? 14   THR A CG2 1 
ATOM   99   N N   . SER A 1 15  ? -2.935  12.894  -9.998  1.00   17.54 ? 15   SER A N   1 
ATOM   100  C CA  . SER A 1 15  ? -1.610  13.155  -10.565 1.00   18.03 ? 15   SER A CA  1 
ATOM   101  C C   . SER A 1 15  ? -0.517  12.117  -10.297 1.00   17.99 ? 15   SER A C   1 
ATOM   102  O O   . SER A 1 15  ? 0.601   12.246  -10.820 1.00   19.35 ? 15   SER A O   1 
ATOM   103  C CB  . SER A 1 15  ? -1.110  14.534  -10.093 1.00   19.09 ? 15   SER A CB  1 
ATOM   104  O OG  . SER A 1 15  ? -0.860  14.539  -8.688  1.00   21.18 ? 15   SER A OG  1 
ATOM   105  N N   . GLY A 1 16  ? -0.813  11.086  -9.508  1.00   16.24 ? 16   GLY A N   1 
ATOM   106  C CA  . GLY A 1 16  ? 0.113   10.005  -9.278  1.00   17.36 ? 16   GLY A CA  1 
ATOM   107  C C   . GLY A 1 16  ? 0.968   10.074  -8.028  1.00   16.73 ? 16   GLY A C   1 
ATOM   108  O O   . GLY A 1 16  ? 1.845   9.247   -7.841  1.00   18.94 ? 16   GLY A O   1 
ATOM   109  N N   . VAL A 1 17  ? 0.666   10.981  -7.117  1.00   15.45 ? 17   VAL A N   1 
ATOM   110  C CA  . VAL A 1 17  ? 1.461   11.109  -5.913  1.00   15.83 ? 17   VAL A CA  1 
ATOM   111  C C   . VAL A 1 17  ? 0.923   10.239  -4.801  1.00   15.20 ? 17   VAL A C   1 
ATOM   112  O O   . VAL A 1 17  ? -0.282  10.225  -4.583  1.00   14.55 ? 17   VAL A O   1 
ATOM   113  C CB  . VAL A 1 17  ? 1.482   12.579  -5.472  1.00   16.61 ? 17   VAL A CB  1 
ATOM   114  C CG1 . VAL A 1 17  ? 2.239   12.777  -4.133  1.00   17.33 ? 17   VAL A CG1 1 
ATOM   115  C CG2 . VAL A 1 17  ? 2.134   13.417  -6.564  1.00   16.73 ? 17   VAL A CG2 1 
ATOM   116  N N   . ILE A 1 18  ? 1.805   9.528   -4.083  1.00   14.44 ? 18   ILE A N   1 
ATOM   117  C CA  . ILE A 1 18  ? 1.403   8.752   -2.911  1.00   15.08 ? 18   ILE A CA  1 
ATOM   118  C C   . ILE A 1 18  ? 2.000   9.270   -1.605  1.00   13.83 ? 18   ILE A C   1 
ATOM   119  O O   . ILE A 1 18  ? 1.472   8.978   -0.520  1.00   14.26 ? 18   ILE A O   1 
ATOM   120  C CB  . ILE A 1 18  ? 1.715   7.217   -3.027  1.00   14.61 ? 18   ILE A CB  1 
ATOM   121  C CG1 . ILE A 1 18  ? 3.222   6.932   -3.011  1.00   16.58 ? 18   ILE A CG1 1 
ATOM   122  C CG2 . ILE A 1 18  ? 1.088   6.602   -4.306  1.00   14.30 ? 18   ILE A CG2 1 
ATOM   123  C CD1 . ILE A 1 18  ? 3.569   5.409   -2.910  1.00   17.10 ? 18   ILE A CD1 1 
ATOM   124  N N   . GLY A 1 19  ? 3.054   10.048  -1.692  1.00   13.79 ? 19   GLY A N   1 
ATOM   125  C CA  . GLY A 1 19  ? 3.695   10.541  -0.502  1.00   15.51 ? 19   GLY A CA  1 
ATOM   126  C C   . GLY A 1 19  ? 4.494   11.781  -0.746  1.00   16.26 ? 19   GLY A C   1 
ATOM   127  O O   . GLY A 1 19  ? 4.947   12.023  -1.859  1.00   16.49 ? 19   GLY A O   1 
ATOM   128  N N   . ARG A 1 20  ? 4.618   12.595  0.300   1.00   16.36 ? 20   ARG A N   1 
ATOM   129  C CA  . ARG A 1 20  ? 5.359   13.839  0.217   1.00   18.00 ? 20   ARG A CA  1 
ATOM   130  C C   . ARG A 1 20  ? 5.857   14.170  1.602   1.00   18.23 ? 20   ARG A C   1 
ATOM   131  O O   . ARG A 1 20  ? 5.143   13.994  2.571   1.00   17.83 ? 20   ARG A O   1 
ATOM   132  C CB  . ARG A 1 20  ? 4.429   14.925  -0.317  1.00   18.20 ? 20   ARG A CB  1 
ATOM   133  C CG  . ARG A 1 20  ? 4.943   16.288  -0.261  1.00   20.41 ? 20   ARG A CG  1 
ATOM   134  C CD  . ARG A 1 20  ? 3.980   17.228  -0.981  1.00   20.61 ? 20   ARG A CD  1 
ATOM   135  N NE  . ARG A 1 20  ? 3.958   17.001  -2.427  1.00   22.67 ? 20   ARG A NE  1 
ATOM   136  C CZ  . ARG A 1 20  ? 3.365   17.813  -3.293  1.00   24.45 ? 20   ARG A CZ  1 
ATOM   137  N NH1 . ARG A 1 20  ? 2.739   18.892  -2.873  1.00   23.56 ? 20   ARG A NH1 1 
ATOM   138  N NH2 . ARG A 1 20  ? 3.393   17.544  -4.587  1.00   25.74 ? 20   ARG A NH2 1 
ATOM   139  N N   . GLY A 1 21  ? 7.111   14.586  1.691   1.00   19.26 ? 21   GLY A N   1 
ATOM   140  C CA  . GLY A 1 21  ? 7.706   14.900  2.989   1.00   20.09 ? 21   GLY A CA  1 
ATOM   141  C C   . GLY A 1 21  ? 7.705   13.753  3.972   1.00   21.50 ? 21   GLY A C   1 
ATOM   142  O O   . GLY A 1 21  ? 7.676   13.963  5.203   1.00   22.91 ? 21   GLY A O   1 
ATOM   143  N N   . GLY A 1 22  ? 7.760   12.536  3.448   1.00   21.99 ? 22   GLY A N   1 
ATOM   144  C CA  . GLY A 1 22  ? 7.788   11.338  4.258   1.00   21.59 ? 22   GLY A CA  1 
ATOM   145  C C   . GLY A 1 22  ? 6.462   10.978  4.905   1.00   22.15 ? 22   GLY A C   1 
ATOM   146  O O   . GLY A 1 22  ? 6.447   10.195  5.861   1.00   23.04 ? 22   GLY A O   1 
ATOM   147  N N   . ASP A 1 23  ? 5.360   11.526  4.387   1.00   21.54 ? 23   ASP A N   1 
ATOM   148  C CA  . ASP A 1 23  ? 4.045   11.338  4.953   1.00   21.84 ? 23   ASP A CA  1 
ATOM   149  C C   . ASP A 1 23  ? 3.017   11.242  3.811   1.00   21.26 ? 23   ASP A C   1 
ATOM   150  O O   . ASP A 1 23  ? 3.374   11.395  2.658   1.00   20.27 ? 23   ASP A O   1 
ATOM   151  C CB  . ASP A 1 23  ? 3.696   12.525  5.857   1.00   23.17 ? 23   ASP A CB  1 
ATOM   152  C CG  . ASP A 1 23  ? 4.521   12.562  7.133   1.00   29.25 ? 23   ASP A CG  1 
ATOM   153  O OD1 . ASP A 1 23  ? 4.958   11.482  7.616   1.00   39.34 ? 23   ASP A OD1 1 
ATOM   154  O OD2 . ASP A 1 23  ? 4.720   13.671  7.674   1.00   39.48 ? 23   ASP A OD2 1 
ATOM   155  N N   . ILE A 1 24  ? 1.760   10.982  4.151   1.00   21.25 ? 24   ILE A N   1 
ATOM   156  C CA  . ILE A 1 24  ? 0.668   11.008  3.172   1.00   21.63 ? 24   ILE A CA  1 
ATOM   157  C C   . ILE A 1 24  ? 0.035   12.401  3.187   1.00   21.08 ? 24   ILE A C   1 
ATOM   158  O O   . ILE A 1 24  ? -0.287  12.937  4.247   1.00   21.39 ? 24   ILE A O   1 
ATOM   159  C CB  . ILE A 1 24  ? -0.344  9.919   3.456   1.00   23.04 ? 24   ILE A CB  1 
ATOM   160  C CG1 . ILE A 1 24  ? 0.339   8.547   3.264   1.00   22.83 ? 24   ILE A CG1 1 
ATOM   161  C CG2 . ILE A 1 24  ? -1.542  10.069  2.529   1.00   22.71 ? 24   ILE A CG2 1 
ATOM   162  C CD1 . ILE A 1 24  ? -0.359  7.427   3.848   1.00   25.56 ? 24   ILE A CD1 1 
ATOM   163  N N   . PRO A 1 25  ? -0.036  13.060  2.027   1.00   20.90 ? 25   PRO A N   1 
ATOM   164  C CA  . PRO A 1 25  ? -0.452  14.445  2.012   1.00   19.96 ? 25   PRO A CA  1 
ATOM   165  C C   . PRO A 1 25  ? -1.934  14.751  1.859   1.00   19.90 ? 25   PRO A C   1 
ATOM   166  O O   . PRO A 1 25  ? -2.290  15.729  1.196   1.00   19.63 ? 25   PRO A O   1 
ATOM   167  C CB  . PRO A 1 25  ? 0.309   14.993  0.812   1.00   20.84 ? 25   PRO A CB  1 
ATOM   168  C CG  . PRO A 1 25  ? 0.308   13.877  -0.115  1.00   20.87 ? 25   PRO A CG  1 
ATOM   169  C CD  . PRO A 1 25  ? 0.403   12.626  0.689   1.00   20.94 ? 25   PRO A CD  1 
ATOM   170  N N   . TRP A 1 26  ? -2.775  13.958  2.497   1.00   19.88 ? 26   TRP A N   1 
ATOM   171  C CA  . TRP A 1 26  ? -4.215  14.213  2.574   1.00   19.93 ? 26   TRP A CA  1 
ATOM   172  C C   . TRP A 1 26  ? -4.742  13.458  3.781   1.00   20.31 ? 26   TRP A C   1 
ATOM   173  O O   . TRP A 1 26  ? -4.013  12.700  4.412   1.00   20.29 ? 26   TRP A O   1 
ATOM   174  C CB  . TRP A 1 26  ? -4.952  13.718  1.315   1.00   19.06 ? 26   TRP A CB  1 
ATOM   175  C CG  . TRP A 1 26  ? -4.638  12.281  0.986   1.00   18.11 ? 26   TRP A CG  1 
ATOM   176  C CD1 . TRP A 1 26  ? -5.049  11.177  1.653   1.00   18.95 ? 26   TRP A CD1 1 
ATOM   177  C CD2 . TRP A 1 26  ? -3.788  11.824  -0.051  1.00   16.13 ? 26   TRP A CD2 1 
ATOM   178  N NE1 . TRP A 1 26  ? -4.512  10.046  1.097   1.00   17.98 ? 26   TRP A NE1 1 
ATOM   179  C CE2 . TRP A 1 26  ? -3.746  10.417  0.027   1.00   16.60 ? 26   TRP A CE2 1 
ATOM   180  C CE3 . TRP A 1 26  ? -3.059  12.454  -1.053  1.00   16.65 ? 26   TRP A CE3 1 
ATOM   181  C CZ2 . TRP A 1 26  ? -2.969  9.661   -0.835  1.00   17.18 ? 26   TRP A CZ2 1 
ATOM   182  C CZ3 . TRP A 1 26  ? -2.313  11.694  -1.913  1.00   17.88 ? 26   TRP A CZ3 1 
ATOM   183  C CH2 . TRP A 1 26  ? -2.256  10.329  -1.793  1.00   19.06 ? 26   TRP A CH2 1 
ATOM   184  N N   . SER A 1 27  ? -6.018  13.668  4.089   1.00   21.83 ? 27   SER A N   1 
ATOM   185  C CA  . SER A 1 27  ? -6.725  12.860  5.076   1.00   21.78 ? 27   SER A CA  1 
ATOM   186  C C   . SER A 1 27  ? -8.085  12.533  4.453   1.00   21.29 ? 27   SER A C   1 
ATOM   187  O O   . SER A 1 27  ? -8.870  13.428  4.215   1.00   22.88 ? 27   SER A O   1 
ATOM   188  C CB  . SER A 1 27  ? -6.890  13.630  6.381   1.00   23.20 ? 27   SER A CB  1 
ATOM   189  O OG  . SER A 1 27  ? -7.471  12.788  7.370   1.00   27.65 ? 27   SER A OG  1 
ATOM   190  N N   . VAL A 1 28  ? -8.296  11.261  4.107   1.00   20.29 ? 28   VAL A N   1 
ATOM   191  C CA  . VAL A 1 28  ? -9.554  10.775  3.550   1.00   19.60 ? 28   VAL A CA  1 
ATOM   192  C C   . VAL A 1 28  ? -9.929  9.529   4.392   1.00   19.07 ? 28   VAL A C   1 
ATOM   193  O O   . VAL A 1 28  ? -9.453  8.400   4.143   1.00   18.90 ? 28   VAL A O   1 
ATOM   194  C CB  . VAL A 1 28  ? -9.425  10.429  2.047   1.00   19.22 ? 28   VAL A CB  1 
ATOM   195  C CG1 . VAL A 1 28  ? -10.718 9.871   1.523   1.00   19.45 ? 28   VAL A CG1 1 
ATOM   196  C CG2 . VAL A 1 28  ? -9.033  11.657  1.210   1.00   20.25 ? 28   VAL A CG2 1 
ATOM   197  N N   . PRO A 1 29  ? -10.736 9.732   5.435   1.00   19.36 ? 29   PRO A N   1 
ATOM   198  C CA  . PRO A 1 29  ? -11.010 8.636   6.358   1.00   18.81 ? 29   PRO A CA  1 
ATOM   199  C C   . PRO A 1 29  ? -11.582 7.425   5.651   1.00   18.19 ? 29   PRO A C   1 
ATOM   200  O O   . PRO A 1 29  ? -11.367 6.295   6.091   1.00   18.26 ? 29   PRO A O   1 
ATOM   201  C CB  . PRO A 1 29  ? -12.076 9.222   7.299   1.00   19.06 ? 29   PRO A CB  1 
ATOM   202  C CG  . PRO A 1 29  ? -11.923 10.671  7.237   1.00   21.36 ? 29   PRO A CG  1 
ATOM   203  C CD  . PRO A 1 29  ? -11.375 10.995  5.859   1.00   19.39 ? 29   PRO A CD  1 
ATOM   204  N N   . GLU A 1 30  ? -12.359 7.669   4.599   1.00   17.88 ? 30   GLU A N   1 
ATOM   205  C CA  . GLU A 1 30  ? -12.965 6.565   3.861   1.00   18.29 ? 30   GLU A CA  1 
ATOM   206  C C   . GLU A 1 30  ? -11.918 5.662   3.222   1.00   18.17 ? 30   GLU A C   1 
ATOM   207  O O   . GLU A 1 30  ? -12.148 4.441   3.066   1.00   18.44 ? 30   GLU A O   1 
ATOM   208  C CB  . GLU A 1 30  ? -13.967 7.100   2.811   1.00   18.53 ? 30   GLU A CB  1 
ATOM   209  C CG  . GLU A 1 30  ? -15.155 7.797   3.420   1.00   19.85 ? 30   GLU A CG  1 
ATOM   210  C CD  . GLU A 1 30  ? -14.962 9.297   3.687   1.00   19.41 ? 30   GLU A CD  1 
ATOM   211  O OE1 . GLU A 1 30  ? -13.825 9.819   3.577   1.00   20.81 ? 30   GLU A OE1 1 
ATOM   212  O OE2 . GLU A 1 30  ? -15.964 9.985   3.976   1.00   19.22 ? 30   GLU A OE2 1 
ATOM   213  N N   . ASP A 1 31  ? -10.770 6.232   2.853   1.00   17.60 ? 31   ASP A N   1 
ATOM   214  C CA  . ASP A 1 31  ? -9.672  5.457   2.300   1.00   18.53 ? 31   ASP A CA  1 
ATOM   215  C C   . ASP A 1 31  ? -9.027  4.634   3.395   1.00   18.78 ? 31   ASP A C   1 
ATOM   216  O O   . ASP A 1 31  ? -8.680  3.482   3.189   1.00   18.91 ? 31   ASP A O   1 
ATOM   217  C CB  . ASP A 1 31  ? -8.612  6.330   1.665   1.00   17.94 ? 31   ASP A CB  1 
ATOM   218  C CG  . ASP A 1 31  ? -7.354  5.530   1.284   1.00   19.32 ? 31   ASP A CG  1 
ATOM   219  O OD1 . ASP A 1 31  ? -7.455  4.627   0.417   1.00   19.29 ? 31   ASP A OD1 1 
ATOM   220  O OD2 . ASP A 1 31  ? -6.271  5.795   1.854   1.00   21.65 ? 31   ASP A OD2 1 
ATOM   221  N N   A LEU A 1 32  ? -8.855  5.227   4.568   0.50   19.29 ? 32   LEU A N   1 
ATOM   222  N N   B LEU A 1 32  ? -8.846  5.222   4.573   0.50   18.83 ? 32   LEU A N   1 
ATOM   223  C CA  A LEU A 1 32  ? -8.304  4.451   5.667   0.50   19.28 ? 32   LEU A CA  1 
ATOM   224  C CA  B LEU A 1 32  ? -8.297  4.432   5.677   0.50   18.81 ? 32   LEU A CA  1 
ATOM   225  C C   A LEU A 1 32  ? -9.219  3.268   5.993   0.50   18.75 ? 32   LEU A C   1 
ATOM   226  C C   B LEU A 1 32  ? -9.221  3.265   6.012   0.50   18.46 ? 32   LEU A C   1 
ATOM   227  O O   A LEU A 1 32  ? -8.757  2.169   6.277   0.50   19.66 ? 32   LEU A O   1 
ATOM   228  O O   B LEU A 1 32  ? -8.769  2.166   6.322   0.50   19.33 ? 32   LEU A O   1 
ATOM   229  C CB  A LEU A 1 32  ? -8.093  5.333   6.891   0.50   19.84 ? 32   LEU A CB  1 
ATOM   230  C CB  B LEU A 1 32  ? -8.050  5.310   6.904   0.50   19.11 ? 32   LEU A CB  1 
ATOM   231  C CG  A LEU A 1 32  ? -7.227  4.671   7.955   0.50   20.38 ? 32   LEU A CG  1 
ATOM   232  C CG  B LEU A 1 32  ? -6.978  6.389   6.735   0.50   18.63 ? 32   LEU A CG  1 
ATOM   233  C CD1 A LEU A 1 32  ? -5.812  4.470   7.479   0.50   21.86 ? 32   LEU A CD1 1 
ATOM   234  C CD1 B LEU A 1 32  ? -6.856  7.156   8.045   0.50   19.02 ? 32   LEU A CD1 1 
ATOM   235  C CD2 A LEU A 1 32  ? -7.268  5.511   9.219   0.50   19.80 ? 32   LEU A CD2 1 
ATOM   236  C CD2 B LEU A 1 32  ? -5.625  5.791   6.311   0.50   16.81 ? 32   LEU A CD2 1 
ATOM   237  N N   . THR A 1 33  ? -10.529 3.477   5.952   1.00   18.85 ? 33   THR A N   1 
ATOM   238  C CA  . THR A 1 33  ? -11.465 2.382   6.194   1.00   18.47 ? 33   THR A CA  1 
ATOM   239  C C   . THR A 1 33  ? -11.293 1.277   5.146   1.00   18.69 ? 33   THR A C   1 
ATOM   240  O O   . THR A 1 33  ? -11.226 0.107   5.475   1.00   19.64 ? 33   THR A O   1 
ATOM   241  C CB  . THR A 1 33  ? -12.929 2.888   6.227   1.00   18.41 ? 33   THR A CB  1 
ATOM   242  O OG1 . THR A 1 33  ? -13.063 3.760   7.348   1.00   20.86 ? 33   THR A OG1 1 
ATOM   243  C CG2 . THR A 1 33  ? -13.935 1.745   6.361   1.00   18.91 ? 33   THR A CG2 1 
ATOM   244  N N   . ARG A 1 34  ? -11.189 1.655   3.883   1.00   19.36 ? 34   ARG A N   1 
ATOM   245  C CA  . ARG A 1 34  ? -10.944 0.689   2.813   1.00   19.86 ? 34   ARG A CA  1 
ATOM   246  C C   . ARG A 1 34  ? -9.654  -0.088  3.056   1.00   19.27 ? 34   ARG A C   1 
ATOM   247  O O   . ARG A 1 34  ? -9.608  -1.312  2.929   1.00   18.77 ? 34   ARG A O   1 
ATOM   248  C CB  . ARG A 1 34  ? -10.860 1.444   1.493   1.00   21.52 ? 34   ARG A CB  1 
ATOM   249  C CG  . ARG A 1 34  ? -10.615 0.583   0.253   1.00   22.55 ? 34   ARG A CG  1 
ATOM   250  C CD  . ARG A 1 34  ? -11.846 -0.120  -0.205  1.00   28.81 ? 34   ARG A CD  1 
ATOM   251  N NE  . ARG A 1 34  ? -11.463 -1.050  -1.279  1.00   30.15 ? 34   ARG A NE  1 
ATOM   252  C CZ  . ARG A 1 34  ? -12.053 -2.217  -1.531  1.00   35.41 ? 34   ARG A CZ  1 
ATOM   253  N NH1 . ARG A 1 34  ? -13.070 -2.657  -0.795  1.00   38.08 ? 34   ARG A NH1 1 
ATOM   254  N NH2 . ARG A 1 34  ? -11.595 -2.971  -2.522  1.00   36.21 ? 34   ARG A NH2 1 
ATOM   255  N N   . PHE A 1 35  ? -8.581  0.628   3.357   1.00   18.54 ? 35   PHE A N   1 
ATOM   256  C CA  . PHE A 1 35  ? -7.298  0.004   3.587   1.00   18.38 ? 35   PHE A CA  1 
ATOM   257  C C   . PHE A 1 35  ? -7.351  -1.015  4.718   1.00   17.47 ? 35   PHE A C   1 
ATOM   258  O O   . PHE A 1 35  ? -6.804  -2.103  4.608   1.00   16.03 ? 35   PHE A O   1 
ATOM   259  C CB  . PHE A 1 35  ? -6.269  1.053   3.959   1.00   18.22 ? 35   PHE A CB  1 
ATOM   260  C CG  . PHE A 1 35  ? -4.988  0.480   4.425   1.00   17.91 ? 35   PHE A CG  1 
ATOM   261  C CD1 . PHE A 1 35  ? -4.153  -0.182  3.545   1.00   18.13 ? 35   PHE A CD1 1 
ATOM   262  C CD2 . PHE A 1 35  ? -4.568  0.658   5.742   1.00   20.69 ? 35   PHE A CD2 1 
ATOM   263  C CE1 . PHE A 1 35  ? -2.957  -0.691  3.963   1.00   17.01 ? 35   PHE A CE1 1 
ATOM   264  C CE2 . PHE A 1 35  ? -3.358  0.156   6.163   1.00   19.58 ? 35   PHE A CE2 1 
ATOM   265  C CZ  . PHE A 1 35  ? -2.556  -0.519  5.275   1.00   19.84 ? 35   PHE A CZ  1 
ATOM   266  N N   . LYS A 1 36  ? -7.998  -0.641  5.817   1.00   18.07 ? 36   LYS A N   1 
ATOM   267  C CA  . LYS A 1 36  ? -8.215  -1.558  6.924   1.00   20.26 ? 36   LYS A CA  1 
ATOM   268  C C   . LYS A 1 36  ? -9.005  -2.782  6.490   1.00   20.44 ? 36   LYS A C   1 
ATOM   269  O O   . LYS A 1 36  ? -8.658  -3.900  6.860   1.00   21.20 ? 36   LYS A O   1 
ATOM   270  C CB  . LYS A 1 36  ? -8.935  -0.868  8.069   1.00   21.79 ? 36   LYS A CB  1 
ATOM   271  C CG  . LYS A 1 36  ? -8.120  0.114   8.832   1.00   24.10 ? 36   LYS A CG  1 
ATOM   272  C CD  . LYS A 1 36  ? -8.985  0.842   9.870   1.00   25.39 ? 36   LYS A CD  1 
ATOM   273  C CE  . LYS A 1 36  ? -8.327  2.111   10.350  1.00   28.53 ? 36   LYS A CE  1 
ATOM   274  N NZ  . LYS A 1 36  ? -9.103  2.759   11.454  1.00   31.24 ? 36   LYS A NZ  1 
ATOM   275  N N   . GLU A 1 37  ? -10.055 -2.603  5.691   1.00   19.89 ? 37   GLU A N   1 
ATOM   276  C CA  . GLU A 1 37  ? -10.907 -3.723  5.303   1.00   20.26 ? 37   GLU A CA  1 
ATOM   277  C C   . GLU A 1 37  ? -10.214 -4.694  4.346   1.00   20.73 ? 37   GLU A C   1 
ATOM   278  O O   . GLU A 1 37  ? -10.416 -5.926  4.454   1.00   19.67 ? 37   GLU A O   1 
ATOM   279  C CB  . GLU A 1 37  ? -12.221 -3.229  4.700   1.00   21.38 ? 37   GLU A CB  1 
ATOM   280  N N   . VAL A 1 38  ? -9.405  -4.148  3.429   1.00   19.26 ? 38   VAL A N   1 
ATOM   281  C CA  . VAL A 1 38  ? -8.599  -4.948  2.466   1.00   19.13 ? 38   VAL A CA  1 
ATOM   282  C C   . VAL A 1 38  ? -7.592  -5.859  3.189   1.00   17.70 ? 38   VAL A C   1 
ATOM   283  O O   . VAL A 1 38  ? -7.461  -7.061  2.872   1.00   18.75 ? 38   VAL A O   1 
ATOM   284  C CB  . VAL A 1 38  ? -7.900  -4.006  1.449   1.00   20.16 ? 38   VAL A CB  1 
ATOM   285  C CG1 . VAL A 1 38  ? -6.815  -4.714  0.655   1.00   21.67 ? 38   VAL A CG1 1 
ATOM   286  C CG2 . VAL A 1 38  ? -8.950  -3.407  0.507   1.00   22.48 ? 38   VAL A CG2 1 
ATOM   287  N N   . THR A 1 39  ? -6.959  -5.317  4.218   1.00   16.41 ? 39   THR A N   1 
ATOM   288  C CA  . THR A 1 39  ? -5.770  -5.947  4.794   1.00   16.25 ? 39   THR A CA  1 
ATOM   289  C C   . THR A 1 39  ? -6.005  -6.735  6.092   1.00   16.05 ? 39   THR A C   1 
ATOM   290  O O   . THR A 1 39  ? -5.160  -7.502  6.477   1.00   15.54 ? 39   THR A O   1 
ATOM   291  C CB  . THR A 1 39  ? -4.644  -4.908  5.036   1.00   15.48 ? 39   THR A CB  1 
ATOM   292  O OG1 . THR A 1 39  ? -5.103  -3.945  5.983   1.00   16.57 ? 39   THR A OG1 1 
ATOM   293  C CG2 . THR A 1 39  ? -4.187  -4.190  3.708   1.00   15.69 ? 39   THR A CG2 1 
ATOM   294  N N   A MET A 1 40  ? -7.152  -6.551  6.744   0.33   16.51 ? 40   MET A N   1 
ATOM   295  N N   B MET A 1 40  ? -7.146  -6.532  6.742   0.33   16.16 ? 40   MET A N   1 
ATOM   296  N N   C MET A 1 40  ? -7.125  -6.524  6.775   0.33   15.92 ? 40   MET A N   1 
ATOM   297  C CA  A MET A 1 40  ? -7.377  -7.219  8.026   0.33   17.31 ? 40   MET A CA  1 
ATOM   298  C CA  B MET A 1 40  ? -7.445  -7.201  8.008   0.33   16.39 ? 40   MET A CA  1 
ATOM   299  C CA  C MET A 1 40  ? -7.282  -7.136  8.090   0.33   15.97 ? 40   MET A CA  1 
ATOM   300  C C   A MET A 1 40  ? -7.156  -8.702  7.894   0.33   16.54 ? 40   MET A C   1 
ATOM   301  C C   B MET A 1 40  ? -7.207  -8.707  7.918   0.33   16.11 ? 40   MET A C   1 
ATOM   302  C C   C MET A 1 40  ? -7.222  -8.660  7.976   0.33   15.90 ? 40   MET A C   1 
ATOM   303  O O   A MET A 1 40  ? -7.659  -9.333  6.963   0.33   16.45 ? 40   MET A O   1 
ATOM   304  O O   B MET A 1 40  ? -7.749  -9.363  7.026   0.33   16.06 ? 40   MET A O   1 
ATOM   305  O O   C MET A 1 40  ? -7.888  -9.265  7.135   0.33   15.81 ? 40   MET A O   1 
ATOM   306  C CB  A MET A 1 40  ? -8.798  -7.026  8.538   0.33   17.83 ? 40   MET A CB  1 
ATOM   307  C CB  B MET A 1 40  ? -8.909  -6.926  8.380   0.33   16.75 ? 40   MET A CB  1 
ATOM   308  C CB  C MET A 1 40  ? -8.580  -6.677  8.768   0.33   16.33 ? 40   MET A CB  1 
ATOM   309  C CG  A MET A 1 40  ? -9.161  -5.616  8.841   0.33   19.69 ? 40   MET A CG  1 
ATOM   310  C CG  B MET A 1 40  ? -9.428  -7.675  9.592   0.33   16.77 ? 40   MET A CG  1 
ATOM   311  C CG  C MET A 1 40  ? -8.824  -7.256  10.161  0.33   16.34 ? 40   MET A CG  1 
ATOM   312  S SD  A MET A 1 40  ? -10.439 -5.568  10.069  0.33   22.15 ? 40   MET A SD  1 
ATOM   313  S SD  B MET A 1 40  ? -11.106 -7.181  10.015  0.33   18.15 ? 40   MET A SD  1 
ATOM   314  S SD  C MET A 1 40  ? -7.576  -6.838  11.402  0.33   18.42 ? 40   MET A SD  1 
ATOM   315  C CE  A MET A 1 40  ? -9.444  -5.370  11.544  0.33   21.64 ? 40   MET A CE  1 
ATOM   316  C CE  B MET A 1 40  ? -11.993 -7.750  8.563   0.33   14.63 ? 40   MET A CE  1 
ATOM   317  C CE  C MET A 1 40  ? -8.075  -5.176  11.844  0.33   17.18 ? 40   MET A CE  1 
ATOM   318  N N   . GLY A 1 41  ? -6.400  -9.257  8.832   1.00   15.76 ? 41   GLY A N   1 
ATOM   319  C CA  . GLY A 1 41  ? -6.170  -10.696 8.864   1.00   16.14 ? 41   GLY A CA  1 
ATOM   320  C C   . GLY A 1 41  ? -5.130  -11.240 7.899   1.00   16.02 ? 41   GLY A C   1 
ATOM   321  O O   . GLY A 1 41  ? -4.906  -12.446 7.850   1.00   17.29 ? 41   GLY A O   1 
ATOM   322  N N   . HIS A 1 42  ? -4.502  -10.370 7.118   1.00   15.71 ? 42   HIS A N   1 
ATOM   323  C CA  . HIS A 1 42  ? -3.562  -10.832 6.136   1.00   15.80 ? 42   HIS A CA  1 
ATOM   324  C C   . HIS A 1 42  ? -2.162  -10.383 6.526   1.00   16.63 ? 42   HIS A C   1 
ATOM   325  O O   . HIS A 1 42  ? -1.989  -9.522  7.390   1.00   17.37 ? 42   HIS A O   1 
ATOM   326  C CB  . HIS A 1 42  ? -3.929  -10.222 4.772   1.00   15.98 ? 42   HIS A CB  1 
ATOM   327  C CG  . HIS A 1 42  ? -5.212  -10.757 4.229   1.00   15.81 ? 42   HIS A CG  1 
ATOM   328  N ND1 . HIS A 1 42  ? -5.323  -12.035 3.759   1.00   20.09 ? 42   HIS A ND1 1 
ATOM   329  C CD2 . HIS A 1 42  ? -6.434  -10.194 4.091   1.00   15.42 ? 42   HIS A CD2 1 
ATOM   330  C CE1 . HIS A 1 42  ? -6.566  -12.255 3.357   1.00   18.22 ? 42   HIS A CE1 1 
ATOM   331  N NE2 . HIS A 1 42  ? -7.254  -11.142 3.521   1.00   15.15 ? 42   HIS A NE2 1 
ATOM   332  N N   . THR A 1 43  ? -1.182  -10.938 5.833   1.00   16.64 ? 43   THR A N   1 
ATOM   333  C CA  . THR A 1 43  ? 0.206   -10.433 5.893   1.00   15.85 ? 43   THR A CA  1 
ATOM   334  C C   . THR A 1 43  ? 0.280   -9.111  5.183   1.00   16.48 ? 43   THR A C   1 
ATOM   335  O O   . THR A 1 43  ? -0.311  -8.974  4.127   1.00   17.09 ? 43   THR A O   1 
ATOM   336  C CB  . THR A 1 43  ? 1.151   -11.391 5.177   1.00   17.15 ? 43   THR A CB  1 
ATOM   337  O OG1 . THR A 1 43  ? 0.982   -12.695 5.699   1.00   18.37 ? 43   THR A OG1 1 
ATOM   338  C CG2 . THR A 1 43  ? 2.630   -10.987 5.363   1.00   17.98 ? 43   THR A CG2 1 
ATOM   339  N N   . VAL A 1 44  ? 0.986   -8.131  5.768   1.00   14.24 ? 44   VAL A N   1 
ATOM   340  C CA  . VAL A 1 44  ? 1.219   -6.872  5.121   1.00   14.68 ? 44   VAL A CA  1 
ATOM   341  C C   . VAL A 1 44  ? 2.717   -6.664  4.997   1.00   14.60 ? 44   VAL A C   1 
ATOM   342  O O   . VAL A 1 44  ? 3.466   -6.834  5.962   1.00   16.17 ? 44   VAL A O   1 
ATOM   343  C CB  . VAL A 1 44  ? 0.501   -5.654  5.789   1.00   13.88 ? 44   VAL A CB  1 
ATOM   344  C CG1 . VAL A 1 44  ? -1.015  -5.811  5.634   1.00   13.96 ? 44   VAL A CG1 1 
ATOM   345  C CG2 . VAL A 1 44  ? 0.864   -5.504  7.262   1.00   14.67 ? 44   VAL A CG2 1 
ATOM   346  N N   . ILE A 1 45  ? 3.131   -6.352  3.789   1.00   13.17 ? 45   ILE A N   1 
ATOM   347  C CA  . ILE A 1 45  ? 4.557   -6.238  3.425   1.00   13.51 ? 45   ILE A CA  1 
ATOM   348  C C   . ILE A 1 45  ? 4.822   -4.789  3.070   1.00   13.65 ? 45   ILE A C   1 
ATOM   349  O O   . ILE A 1 45  ? 4.110   -4.234  2.234   1.00   13.17 ? 45   ILE A O   1 
ATOM   350  C CB  . ILE A 1 45  ? 4.905   -7.125  2.212   1.00   13.80 ? 45   ILE A CB  1 
ATOM   351  C CG1 . ILE A 1 45  ? 4.715   -8.605  2.550   1.00   14.69 ? 45   ILE A CG1 1 
ATOM   352  C CG2 . ILE A 1 45  ? 6.321   -6.849  1.717   1.00   13.50 ? 45   ILE A CG2 1 
ATOM   353  C CD1 . ILE A 1 45  ? 4.581   -9.580  1.341   1.00   14.42 ? 45   ILE A CD1 1 
ATOM   354  N N   . MET A 1 46  ? 5.877   -4.198  3.641   1.00   12.86 ? 46   MET A N   1 
ATOM   355  C CA  . MET A 1 46  ? 6.149   -2.798  3.406   1.00   13.99 ? 46   MET A CA  1 
ATOM   356  C C   . MET A 1 46  ? 7.617   -2.496  3.416   1.00   14.51 ? 46   MET A C   1 
ATOM   357  O O   . MET A 1 46  ? 8.383   -3.243  4.003   1.00   14.55 ? 46   MET A O   1 
ATOM   358  C CB  . MET A 1 46  ? 5.460   -1.948  4.466   1.00   14.20 ? 46   MET A CB  1 
ATOM   359  C CG  . MET A 1 46  ? 6.110   -1.980  5.830   1.00   13.71 ? 46   MET A CG  1 
ATOM   360  S SD  . MET A 1 46  ? 5.051   -1.399  7.209   1.00   16.45 ? 46   MET A SD  1 
ATOM   361  C CE  . MET A 1 46  ? 4.172   -2.971  7.561   1.00   18.80 ? 46   MET A CE  1 
ATOM   362  N N   . GLY A 1 47  ? 8.002   -1.411  2.748   1.00   13.93 ? 47   GLY A N   1 
ATOM   363  C CA  . GLY A 1 47  ? 9.393   -1.003  2.752   1.00   13.32 ? 47   GLY A CA  1 
ATOM   364  C C   . GLY A 1 47  ? 9.784   -0.390  4.074   1.00   13.64 ? 47   GLY A C   1 
ATOM   365  O O   . GLY A 1 47  ? 8.940   0.030   4.835   1.00   14.16 ? 47   GLY A O   1 
ATOM   366  N N   . ARG A 1 48  ? 11.074  -0.286  4.334   1.00   13.58 ? 48   ARG A N   1 
ATOM   367  C CA  . ARG A 1 48  ? 11.512  0.262   5.594   1.00   14.25 ? 48   ARG A CA  1 
ATOM   368  C C   . ARG A 1 48  ? 11.046  1.708   5.848   1.00   14.74 ? 48   ARG A C   1 
ATOM   369  O O   . ARG A 1 48  ? 10.732  2.079   7.017   1.00   15.29 ? 48   ARG A O   1 
ATOM   370  C CB  . ARG A 1 48  ? 13.031  0.156   5.725   1.00   14.34 ? 48   ARG A CB  1 
ATOM   371  C CG  . ARG A 1 48  ? 13.608  0.483   7.092   1.00   15.14 ? 48   ARG A CG  1 
ATOM   372  C CD  . ARG A 1 48  ? 14.047  1.947   7.222   1.00   16.95 ? 48   ARG A CD  1 
ATOM   373  N NE  . ARG A 1 48  ? 15.062  2.297   6.240   1.00   18.29 ? 48   ARG A NE  1 
ATOM   374  C CZ  . ARG A 1 48  ? 15.494  3.536   6.027   1.00   19.86 ? 48   ARG A CZ  1 
ATOM   375  N NH1 . ARG A 1 48  ? 15.032  4.530   6.758   1.00   22.80 ? 48   ARG A NH1 1 
ATOM   376  N NH2 . ARG A 1 48  ? 16.392  3.778   5.101   1.00   20.71 ? 48   ARG A NH2 1 
ATOM   377  N N   A ARG A 1 49  ? 10.995  2.532   4.803   0.50   15.04 ? 49   ARG A N   1 
ATOM   378  N N   B ARG A 1 49  ? 11.001  2.533   4.803   0.50   15.08 ? 49   ARG A N   1 
ATOM   379  C CA  A ARG A 1 49  ? 10.589  3.923   5.005   0.50   15.77 ? 49   ARG A CA  1 
ATOM   380  C CA  B ARG A 1 49  ? 10.602  3.929   5.002   0.50   15.90 ? 49   ARG A CA  1 
ATOM   381  C C   A ARG A 1 49  ? 9.111   3.988   5.382   0.50   15.69 ? 49   ARG A C   1 
ATOM   382  C C   B ARG A 1 49  ? 9.102   4.029   5.329   0.50   15.80 ? 49   ARG A C   1 
ATOM   383  O O   A ARG A 1 49  ? 8.732   4.760   6.251   0.50   16.30 ? 49   ARG A O   1 
ATOM   384  O O   B ARG A 1 49  ? 8.695   4.876   6.105   0.50   16.70 ? 49   ARG A O   1 
ATOM   385  C CB  A ARG A 1 49  ? 10.910  4.787   3.786   0.50   16.39 ? 49   ARG A CB  1 
ATOM   386  C CB  B ARG A 1 49  ? 11.011  4.810   3.811   0.50   16.28 ? 49   ARG A CB  1 
ATOM   387  C CG  A ARG A 1 49  ? 12.391  4.790   3.492   0.50   16.89 ? 49   ARG A CG  1 
ATOM   388  C CG  B ARG A 1 49  ? 12.523  5.026   3.744   0.50   17.89 ? 49   ARG A CG  1 
ATOM   389  C CD  A ARG A 1 49  ? 12.913  6.080   2.866   0.50   19.10 ? 49   ARG A CD  1 
ATOM   390  C CD  B ARG A 1 49  ? 12.936  6.338   3.046   0.50   19.35 ? 49   ARG A CD  1 
ATOM   391  N NE  A ARG A 1 49  ? 14.165  5.819   2.157   0.50   20.78 ? 49   ARG A NE  1 
ATOM   392  N NE  B ARG A 1 49  ? 12.634  6.334   1.613   0.50   21.28 ? 49   ARG A NE  1 
ATOM   393  C CZ  A ARG A 1 49  ? 14.221  5.335   0.914   0.50   22.64 ? 49   ARG A CZ  1 
ATOM   394  C CZ  B ARG A 1 49  ? 13.191  7.148   0.709   0.50   21.71 ? 49   ARG A CZ  1 
ATOM   395  N NH1 A ARG A 1 49  ? 13.095  5.073   0.268   0.50   24.54 ? 49   ARG A NH1 1 
ATOM   396  N NH1 B ARG A 1 49  ? 14.110  8.043   1.058   0.50   24.00 ? 49   ARG A NH1 1 
ATOM   397  N NH2 A ARG A 1 49  ? 15.389  5.089   0.322   0.50   21.71 ? 49   ARG A NH2 1 
ATOM   398  N NH2 B ARG A 1 49  ? 12.841  7.063   -0.569  0.50   21.14 ? 49   ARG A NH2 1 
ATOM   399  N N   . THR A 1 50  ? 8.290   3.143   4.762   1.00   15.10 ? 50   THR A N   1 
ATOM   400  C CA  . THR A 1 50  ? 6.854   3.118   5.089   1.00   15.54 ? 50   THR A CA  1 
ATOM   401  C C   . THR A 1 50  ? 6.648   2.696   6.538   1.00   16.55 ? 50   THR A C   1 
ATOM   402  O O   . THR A 1 50  ? 5.945   3.371   7.311   1.00   16.70 ? 50   THR A O   1 
ATOM   403  C CB  . THR A 1 50  ? 6.086   2.267   4.138   1.00   17.32 ? 50   THR A CB  1 
ATOM   404  O OG1 . THR A 1 50  ? 6.149   2.895   2.840   1.00   17.49 ? 50   THR A OG1 1 
ATOM   405  C CG2 . THR A 1 50  ? 4.609   2.115   4.571   1.00   15.84 ? 50   THR A CG2 1 
ATOM   406  N N   . TRP A 1 51  ? 7.339   1.641   6.955   1.00   16.30 ? 51   TRP A N   1 
ATOM   407  C CA  . TRP A 1 51  ? 7.312   1.256   8.362   1.00   15.91 ? 51   TRP A CA  1 
ATOM   408  C C   . TRP A 1 51  ? 7.600   2.440   9.279   1.00   15.91 ? 51   TRP A C   1 
ATOM   409  O O   . TRP A 1 51  ? 6.878   2.687   10.280  1.00   15.60 ? 51   TRP A O   1 
ATOM   410  C CB  . TRP A 1 51  ? 8.313   0.141   8.616   1.00   16.00 ? 51   TRP A CB  1 
ATOM   411  C CG  . TRP A 1 51  ? 8.557   -0.211  10.052  1.00   15.34 ? 51   TRP A CG  1 
ATOM   412  C CD1 . TRP A 1 51  ? 9.648   0.136   10.779  1.00   15.43 ? 51   TRP A CD1 1 
ATOM   413  C CD2 . TRP A 1 51  ? 7.742   -1.038  10.928  1.00   14.81 ? 51   TRP A CD2 1 
ATOM   414  N NE1 . TRP A 1 51  ? 9.555   -0.375  12.064  1.00   14.93 ? 51   TRP A NE1 1 
ATOM   415  C CE2 . TRP A 1 51  ? 8.404   -1.101  12.168  1.00   14.35 ? 51   TRP A CE2 1 
ATOM   416  C CE3 . TRP A 1 51  ? 6.523   -1.724  10.778  1.00   15.87 ? 51   TRP A CE3 1 
ATOM   417  C CZ2 . TRP A 1 51  ? 7.888   -1.812  13.253  1.00   14.24 ? 51   TRP A CZ2 1 
ATOM   418  C CZ3 . TRP A 1 51  ? 6.004   -2.427  11.871  1.00   14.88 ? 51   TRP A CZ3 1 
ATOM   419  C CH2 . TRP A 1 51  ? 6.710   -2.482  13.080  1.00   16.65 ? 51   TRP A CH2 1 
ATOM   420  N N   . GLU A 1 52  ? 8.669   3.182   8.985   1.00   16.17 ? 52   GLU A N   1 
ATOM   421  C CA  . GLU A 1 52  ? 9.049   4.310   9.846   1.00   17.41 ? 52   GLU A CA  1 
ATOM   422  C C   . GLU A 1 52  ? 8.063   5.481   9.758   1.00   18.03 ? 52   GLU A C   1 
ATOM   423  O O   . GLU A 1 52  ? 8.029   6.315   10.675  1.00   20.13 ? 52   GLU A O   1 
ATOM   424  C CB  . GLU A 1 52  ? 10.470  4.736   9.523   1.00   16.77 ? 52   GLU A CB  1 
ATOM   425  C CG  . GLU A 1 52  ? 11.475  3.703   9.976   1.00   17.63 ? 52   GLU A CG  1 
ATOM   426  C CD  . GLU A 1 52  ? 12.910  4.135   9.812   1.00   19.59 ? 52   GLU A CD  1 
ATOM   427  O OE1 . GLU A 1 52  ? 13.154  5.063   9.009   1.00   24.75 ? 52   GLU A OE1 1 
ATOM   428  O OE2 . GLU A 1 52  ? 13.796  3.539   10.479  1.00   22.64 ? 52   GLU A OE2 1 
ATOM   429  N N   . SER A 1 53  ? 7.290   5.547   8.684   1.00   18.40 ? 53   SER A N   1 
ATOM   430  C CA  . SER A 1 53  ? 6.299   6.599   8.470   1.00   20.26 ? 53   SER A CA  1 
ATOM   431  C C   . SER A 1 53  ? 4.981   6.309   9.196   1.00   21.64 ? 53   SER A C   1 
ATOM   432  O O   . SER A 1 53  ? 4.157   7.215   9.341   1.00   23.02 ? 53   SER A O   1 
ATOM   433  C CB  . SER A 1 53  ? 5.982   6.791   6.970   1.00   19.87 ? 53   SER A CB  1 
ATOM   434  O OG  . SER A 1 53  ? 5.112   5.757   6.484   1.00   21.36 ? 53   SER A OG  1 
ATOM   435  N N   . LEU A 1 54  ? 4.740   5.059   9.595   1.00   21.54 ? 54   LEU A N   1 
ATOM   436  C CA  . LEU A 1 54  ? 3.468   4.751   10.252  1.00   22.43 ? 54   LEU A CA  1 
ATOM   437  C C   . LEU A 1 54  ? 3.364   5.496   11.595  1.00   23.38 ? 54   LEU A C   1 
ATOM   438  O O   . LEU A 1 54  ? 4.345   5.669   12.307  1.00   23.01 ? 54   LEU A O   1 
ATOM   439  C CB  . LEU A 1 54  ? 3.295   3.251   10.484  1.00   21.77 ? 54   LEU A CB  1 
ATOM   440  C CG  . LEU A 1 54  ? 3.233   2.325   9.279   1.00   22.88 ? 54   LEU A CG  1 
ATOM   441  C CD1 . LEU A 1 54  ? 3.205   0.901   9.777   1.00   21.01 ? 54   LEU A CD1 1 
ATOM   442  C CD2 . LEU A 1 54  ? 2.026   2.600   8.400   1.00   23.24 ? 54   LEU A CD2 1 
ATOM   443  N N   . PRO A 1 55  ? 2.150   5.962   11.935  1.00   24.45 ? 55   PRO A N   1 
ATOM   444  C CA  . PRO A 1 55  ? 1.972   6.512   13.262  1.00   25.18 ? 55   PRO A CA  1 
ATOM   445  C C   . PRO A 1 55  ? 2.289   5.433   14.315  1.00   26.01 ? 55   PRO A C   1 
ATOM   446  O O   . PRO A 1 55  ? 1.917   4.263   14.127  1.00   24.67 ? 55   PRO A O   1 
ATOM   447  C CB  . PRO A 1 55  ? 0.489   6.890   13.286  1.00   24.85 ? 55   PRO A CB  1 
ATOM   448  C CG  . PRO A 1 55  ? 0.037   6.933   11.922  1.00   25.09 ? 55   PRO A CG  1 
ATOM   449  C CD  . PRO A 1 55  ? 0.916   6.015   11.131  1.00   24.58 ? 55   PRO A CD  1 
ATOM   450  N N   . ALA A 1 56  ? 2.959   5.819   15.405  1.00   26.86 ? 56   ALA A N   1 
ATOM   451  C CA  . ALA A 1 56  ? 3.379   4.878   16.449  1.00   27.50 ? 56   ALA A CA  1 
ATOM   452  C C   . ALA A 1 56  ? 2.190   4.153   17.094  1.00   27.97 ? 56   ALA A C   1 
ATOM   453  O O   . ALA A 1 56  ? 2.335   3.021   17.571  1.00   28.41 ? 56   ALA A O   1 
ATOM   454  C CB  . ALA A 1 56  ? 4.205   5.589   17.510  1.00   28.18 ? 56   ALA A CB  1 
ATOM   455  N N   A LYS A 1 57  ? 1.020   4.787   17.085  0.50   27.95 ? 57   LYS A N   1 
ATOM   456  N N   B LYS A 1 57  ? 1.034   4.813   17.105  0.50   27.91 ? 57   LYS A N   1 
ATOM   457  C CA  A LYS A 1 57  ? -0.175  4.192   17.678  0.50   28.35 ? 57   LYS A CA  1 
ATOM   458  C CA  B LYS A 1 57  ? -0.188  4.227   17.642  0.50   28.30 ? 57   LYS A CA  1 
ATOM   459  C C   A LYS A 1 57  ? -0.859  3.159   16.771  0.50   28.33 ? 57   LYS A C   1 
ATOM   460  C C   B LYS A 1 57  ? -0.592  2.950   16.909  0.50   28.32 ? 57   LYS A C   1 
ATOM   461  O O   A LYS A 1 57  ? -1.951  2.681   17.096  0.50   28.47 ? 57   LYS A O   1 
ATOM   462  O O   B LYS A 1 57  ? -1.156  2.046   17.531  0.50   28.60 ? 57   LYS A O   1 
ATOM   463  C CB  A LYS A 1 57  ? -1.164  5.288   18.102  0.50   28.28 ? 57   LYS A CB  1 
ATOM   464  C CB  B LYS A 1 57  ? -1.344  5.238   17.607  0.50   28.05 ? 57   LYS A CB  1 
ATOM   465  C CG  A LYS A 1 57  ? -1.965  5.957   16.997  0.50   28.66 ? 57   LYS A CG  1 
ATOM   466  C CG  B LYS A 1 57  ? -1.273  6.264   18.729  0.50   28.46 ? 57   LYS A CG  1 
ATOM   467  C CD  A LYS A 1 57  ? -2.816  7.059   17.607  0.50   28.77 ? 57   LYS A CD  1 
ATOM   468  C CD  B LYS A 1 57  ? -2.554  7.079   18.894  0.50   28.82 ? 57   LYS A CD  1 
ATOM   469  C CE  A LYS A 1 57  ? -3.736  7.725   16.604  0.50   29.45 ? 57   LYS A CE  1 
ATOM   470  C CE  B LYS A 1 57  ? -2.534  8.406   18.147  0.50   29.00 ? 57   LYS A CE  1 
ATOM   471  N NZ  A LYS A 1 57  ? -4.750  8.561   17.310  0.50   29.74 ? 57   LYS A NZ  1 
ATOM   472  N NZ  B LYS A 1 57  ? -3.365  9.421   18.859  0.50   28.42 ? 57   LYS A NZ  1 
ATOM   473  N N   . VAL A 1 58  ? -0.253  2.860   15.618  1.00   28.38 ? 58   VAL A N   1 
ATOM   474  C CA  . VAL A 1 58  ? -0.700  1.742   14.763  1.00   28.33 ? 58   VAL A CA  1 
ATOM   475  C C   . VAL A 1 58  ? 0.478   0.938   14.212  1.00   28.39 ? 58   VAL A C   1 
ATOM   476  O O   . VAL A 1 58  ? 0.389   0.360   13.137  1.00   29.43 ? 58   VAL A O   1 
ATOM   477  C CB  . VAL A 1 58  ? -1.560  2.229   13.576  1.00   28.77 ? 58   VAL A CB  1 
ATOM   478  C CG1 . VAL A 1 58  ? -2.844  2.911   14.094  1.00   29.71 ? 58   VAL A CG1 1 
ATOM   479  C CG2 . VAL A 1 58  ? -0.750  3.154   12.650  1.00   28.66 ? 58   VAL A CG2 1 
ATOM   480  N N   . ARG A 1 59  ? 1.586   0.910   14.938  1.00   27.78 ? 59   ARG A N   1 
ATOM   481  C CA  . ARG A 1 59  ? 2.760   0.178   14.515  1.00   28.04 ? 59   ARG A CA  1 
ATOM   482  C C   . ARG A 1 59  ? 3.214   -0.765  15.629  1.00   26.62 ? 59   ARG A C   1 
ATOM   483  O O   . ARG A 1 59  ? 3.432   -0.321  16.757  1.00   27.83 ? 59   ARG A O   1 
ATOM   484  C CB  . ARG A 1 59  ? 3.883   1.135   14.169  1.00   27.62 ? 59   ARG A CB  1 
ATOM   485  C CG  . ARG A 1 59  ? 5.120   0.404   13.781  1.00   30.35 ? 59   ARG A CG  1 
ATOM   486  C CD  . ARG A 1 59  ? 6.076   1.291   13.121  1.00   31.34 ? 59   ARG A CD  1 
ATOM   487  N NE  . ARG A 1 59  ? 6.761   2.103   14.092  1.00   34.59 ? 59   ARG A NE  1 
ATOM   488  C CZ  . ARG A 1 59  ? 7.094   3.371   13.909  1.00   36.70 ? 59   ARG A CZ  1 
ATOM   489  N NH1 . ARG A 1 59  ? 6.797   4.002   12.777  1.00   38.00 ? 59   ARG A NH1 1 
ATOM   490  N NH2 . ARG A 1 59  ? 7.713   4.016   14.883  1.00   38.51 ? 59   ARG A NH2 1 
ATOM   491  N N   . PRO A 1 60  ? 3.275   -2.079  15.350  1.00   24.64 ? 60   PRO A N   1 
ATOM   492  C CA  . PRO A 1 60  ? 2.872   -2.714  14.093  1.00   23.31 ? 60   PRO A CA  1 
ATOM   493  C C   . PRO A 1 60  ? 1.377   -2.626  13.915  1.00   22.15 ? 60   PRO A C   1 
ATOM   494  O O   . PRO A 1 60  ? 0.652   -2.329  14.863  1.00   22.18 ? 60   PRO A O   1 
ATOM   495  C CB  . PRO A 1 60  ? 3.298   -4.168  14.284  1.00   22.98 ? 60   PRO A CB  1 
ATOM   496  C CG  . PRO A 1 60  ? 3.249   -4.378  15.737  1.00   24.08 ? 60   PRO A CG  1 
ATOM   497  C CD  . PRO A 1 60  ? 3.714   -3.078  16.335  1.00   24.88 ? 60   PRO A CD  1 
ATOM   498  N N   . LEU A 1 61  ? 0.917   -2.856  12.691  1.00   21.52 ? 61   LEU A N   1 
ATOM   499  C CA  . LEU A 1 61  ? -0.522  -2.821  12.394  1.00   21.40 ? 61   LEU A CA  1 
ATOM   500  C C   . LEU A 1 61  ? -1.215  -4.028  13.036  1.00   20.69 ? 61   LEU A C   1 
ATOM   501  O O   . LEU A 1 61  ? -0.810  -5.161  12.818  1.00   20.29 ? 61   LEU A O   1 
ATOM   502  C CB  . LEU A 1 61  ? -0.734  -2.806  10.864  1.00   20.89 ? 61   LEU A CB  1 
ATOM   503  C CG  . LEU A 1 61  ? -0.111  -1.605  10.114  1.00   23.16 ? 61   LEU A CG  1 
ATOM   504  C CD1 . LEU A 1 61  ? -0.094  -1.824  8.598   1.00   22.41 ? 61   LEU A CD1 1 
ATOM   505  C CD2 . LEU A 1 61  ? -0.822  -0.295  10.421  1.00   26.61 ? 61   LEU A CD2 1 
ATOM   506  N N   . PRO A 1 62  ? -2.251  -3.800  13.875  1.00   21.32 ? 62   PRO A N   1 
ATOM   507  C CA  . PRO A 1 62  ? -2.815  -4.930  14.622  1.00   20.76 ? 62   PRO A CA  1 
ATOM   508  C C   . PRO A 1 62  ? -3.600  -5.948  13.786  1.00   20.73 ? 62   PRO A C   1 
ATOM   509  O O   . PRO A 1 62  ? -4.259  -5.572  12.815  1.00   19.92 ? 62   PRO A O   1 
ATOM   510  C CB  . PRO A 1 62  ? -3.738  -4.253  15.629  1.00   20.88 ? 62   PRO A CB  1 
ATOM   511  C CG  . PRO A 1 62  ? -4.078  -2.957  15.041  1.00   21.98 ? 62   PRO A CG  1 
ATOM   512  C CD  . PRO A 1 62  ? -2.943  -2.531  14.171  1.00   21.73 ? 62   PRO A CD  1 
ATOM   513  N N   . GLY A 1 63  ? -3.497  -7.221  14.161  1.00   20.52 ? 63   GLY A N   1 
ATOM   514  C CA  . GLY A 1 63  ? -4.239  -8.304  13.510  1.00   21.21 ? 63   GLY A CA  1 
ATOM   515  C C   . GLY A 1 63  ? -3.793  -8.603  12.091  1.00   21.89 ? 63   GLY A C   1 
ATOM   516  O O   . GLY A 1 63  ? -4.542  -9.195  11.299  1.00   22.98 ? 63   GLY A O   1 
ATOM   517  N N   . ARG A 1 64  ? -2.574  -8.175  11.776  1.00   20.66 ? 64   ARG A N   1 
ATOM   518  C CA  . ARG A 1 64  ? -1.931  -8.462  10.516  1.00   20.58 ? 64   ARG A CA  1 
ATOM   519  C C   . ARG A 1 64  ? -0.496  -8.858  10.807  1.00   19.51 ? 64   ARG A C   1 
ATOM   520  O O   . ARG A 1 64  ? 0.103   -8.366  11.762  1.00   19.47 ? 64   ARG A O   1 
ATOM   521  C CB  . ARG A 1 64  ? -1.922  -7.196  9.681   1.00   20.39 ? 64   ARG A CB  1 
ATOM   522  C CG  . ARG A 1 64  ? -3.286  -6.688  9.271   1.00   21.20 ? 64   ARG A CG  1 
ATOM   523  C CD  . ARG A 1 64  ? -3.281  -5.195  9.093   1.00   23.05 ? 64   ARG A CD  1 
ATOM   524  N NE  . ARG A 1 64  ? -4.619  -4.687  8.827   1.00   24.38 ? 64   ARG A NE  1 
ATOM   525  C CZ  . ARG A 1 64  ? -5.422  -4.088  9.703   1.00   27.84 ? 64   ARG A CZ  1 
ATOM   526  N NH1 . ARG A 1 64  ? -5.058  -3.843  10.971  1.00   29.45 ? 64   ARG A NH1 1 
ATOM   527  N NH2 . ARG A 1 64  ? -6.611  -3.708  9.299   1.00   27.60 ? 64   ARG A NH2 1 
ATOM   528  N N   . ARG A 1 65  ? 0.065   -9.747  9.989   1.00   18.67 ? 65   ARG A N   1 
ATOM   529  C CA  . ARG A 1 65  ? 1.467   -10.131 10.116  1.00   18.31 ? 65   ARG A CA  1 
ATOM   530  C C   . ARG A 1 65  ? 2.264   -9.072  9.379   1.00   17.28 ? 65   ARG A C   1 
ATOM   531  O O   . ARG A 1 65  ? 2.180   -8.963  8.146   1.00   15.62 ? 65   ARG A O   1 
ATOM   532  C CB  . ARG A 1 65  ? 1.696   -11.515 9.501   1.00   18.28 ? 65   ARG A CB  1 
ATOM   533  C CG  . ARG A 1 65  ? 3.140   -11.979 9.509   1.00   19.67 ? 65   ARG A CG  1 
ATOM   534  C CD  . ARG A 1 65  ? 3.241   -13.342 8.878   1.00   22.95 ? 65   ARG A CD  1 
ATOM   535  N NE  . ARG A 1 65  ? 2.408   -14.294 9.605   1.00   25.46 ? 65   ARG A NE  1 
ATOM   536  C CZ  . ARG A 1 65  ? 2.230   -15.555 9.240   1.00   27.88 ? 65   ARG A CZ  1 
ATOM   537  N NH1 . ARG A 1 65  ? 2.847   -16.023 8.171   1.00   29.54 ? 65   ARG A NH1 1 
ATOM   538  N NH2 . ARG A 1 65  ? 1.453   -16.353 9.961   1.00   29.52 ? 65   ARG A NH2 1 
ATOM   539  N N   . ASN A 1 66  ? 3.021   -8.269  10.139  1.00   15.70 ? 66   ASN A N   1 
ATOM   540  C CA  . ASN A 1 66  ? 3.789   -7.191  9.546   1.00   14.74 ? 66   ASN A CA  1 
ATOM   541  C C   . ASN A 1 66  ? 5.180   -7.671  9.100   1.00   14.08 ? 66   ASN A C   1 
ATOM   542  O O   . ASN A 1 66  ? 5.902   -8.283  9.891   1.00   15.10 ? 66   ASN A O   1 
ATOM   543  C CB  . ASN A 1 66  ? 4.000   -6.057  10.550  1.00   14.48 ? 66   ASN A CB  1 
ATOM   544  C CG  . ASN A 1 66  ? 2.739   -5.301  10.909  1.00   16.30 ? 66   ASN A CG  1 
ATOM   545  O OD1 . ASN A 1 66  ? 2.744   -4.068  10.856  1.00   18.00 ? 66   ASN A OD1 1 
ATOM   546  N ND2 . ASN A 1 66  ? 1.661   -6.007  11.275  1.00   17.36 ? 66   ASN A ND2 1 
ATOM   547  N N   . VAL A 1 67  ? 5.541   -7.367  7.860   1.00   12.77 ? 67   VAL A N   1 
ATOM   548  C CA  . VAL A 1 67  ? 6.841   -7.696  7.281   1.00   13.58 ? 67   VAL A CA  1 
ATOM   549  C C   . VAL A 1 67  ? 7.455   -6.429  6.703   1.00   13.35 ? 67   VAL A C   1 
ATOM   550  O O   . VAL A 1 67  ? 6.789   -5.708  5.956   1.00   13.57 ? 67   VAL A O   1 
ATOM   551  C CB  . VAL A 1 67  ? 6.742   -8.745  6.165   1.00   14.33 ? 67   VAL A CB  1 
ATOM   552  C CG1 . VAL A 1 67  ? 8.132   -9.076  5.656   1.00   14.88 ? 67   VAL A CG1 1 
ATOM   553  C CG2 . VAL A 1 67  ? 6.012   -9.993  6.637   1.00   16.03 ? 67   VAL A CG2 1 
ATOM   554  N N   . VAL A 1 68  ? 8.694   -6.138  7.080   1.00   12.42 ? 68   VAL A N   1 
ATOM   555  C CA  . VAL A 1 68  ? 9.392   -4.914  6.666   1.00   13.31 ? 68   VAL A CA  1 
ATOM   556  C C   . VAL A 1 68  ? 10.590  -5.317  5.808   1.00   13.32 ? 68   VAL A C   1 
ATOM   557  O O   . VAL A 1 68  ? 11.410  -6.136  6.251   1.00   15.42 ? 68   VAL A O   1 
ATOM   558  C CB  . VAL A 1 68  ? 9.887   -4.114  7.877   1.00   12.68 ? 68   VAL A CB  1 
ATOM   559  C CG1 . VAL A 1 68  ? 10.606  -2.836  7.450   1.00   14.93 ? 68   VAL A CG1 1 
ATOM   560  C CG2 . VAL A 1 68  ? 8.730   -3.787  8.788   1.00   13.51 ? 68   VAL A CG2 1 
ATOM   561  N N   . VAL A 1 69  ? 10.681  -4.748  4.614   1.00   13.91 ? 69   VAL A N   1 
ATOM   562  C CA  . VAL A 1 69  ? 11.749  -5.022  3.643   1.00   14.11 ? 69   VAL A CA  1 
ATOM   563  C C   . VAL A 1 69  ? 12.857  -3.958  3.729   1.00   14.77 ? 69   VAL A C   1 
ATOM   564  O O   . VAL A 1 69  ? 12.604  -2.761  3.589   1.00   15.10 ? 69   VAL A O   1 
ATOM   565  C CB  . VAL A 1 69  ? 11.179  -5.097  2.225   1.00   15.14 ? 69   VAL A CB  1 
ATOM   566  C CG1 . VAL A 1 69  ? 12.267  -5.433  1.200   1.00   14.23 ? 69   VAL A CG1 1 
ATOM   567  C CG2 . VAL A 1 69  ? 10.035  -6.120  2.161   1.00   16.06 ? 69   VAL A CG2 1 
ATOM   568  N N   . SER A 1 70  ? 14.078  -4.428  3.950   1.00   15.09 ? 70   SER A N   1 
ATOM   569  C CA  . SER A 1 70  ? 15.230  -3.587  4.063   1.00   15.50 ? 70   SER A CA  1 
ATOM   570  C C   . SER A 1 70  ? 16.425  -4.301  3.413   1.00   16.08 ? 70   SER A C   1 
ATOM   571  O O   . SER A 1 70  ? 16.436  -5.510  3.362   1.00   14.76 ? 70   SER A O   1 
ATOM   572  C CB  . SER A 1 70  ? 15.539  -3.341  5.544   1.00   16.23 ? 70   SER A CB  1 
ATOM   573  O OG  . SER A 1 70  ? 16.724  -2.562  5.669   1.00   14.59 ? 70   SER A OG  1 
ATOM   574  N N   . ARG A 1 71  ? 17.427  -3.556  2.955   1.00   16.95 ? 71   ARG A N   1 
ATOM   575  C CA  . ARG A 1 71  ? 18.669  -4.173  2.477   1.00   18.48 ? 71   ARG A CA  1 
ATOM   576  C C   . ARG A 1 71  ? 19.572  -4.496  3.642   1.00   20.24 ? 71   ARG A C   1 
ATOM   577  O O   . ARG A 1 71  ? 20.589  -5.167  3.464   1.00   21.14 ? 71   ARG A O   1 
ATOM   578  C CB  . ARG A 1 71  ? 19.401  -3.274  1.487   1.00   19.04 ? 71   ARG A CB  1 
ATOM   579  C CG  . ARG A 1 71  ? 18.639  -3.052  0.185   1.00   19.01 ? 71   ARG A CG  1 
ATOM   580  C CD  . ARG A 1 71  ? 19.557  -2.477  -0.884  1.00   21.80 ? 71   ARG A CD  1 
ATOM   581  N NE  . ARG A 1 71  ? 18.906  -2.212  -2.183  1.00   24.70 ? 71   ARG A NE  1 
ATOM   582  C CZ  . ARG A 1 71  ? 18.169  -1.139  -2.473  1.00   26.12 ? 71   ARG A CZ  1 
ATOM   583  N NH1 . ARG A 1 71  ? 17.922  -0.201  -1.549  1.00   25.83 ? 71   ARG A NH1 1 
ATOM   584  N NH2 . ARG A 1 71  ? 17.651  -1.016  -3.696  1.00   28.39 ? 71   ARG A NH2 1 
ATOM   585  N N   . ARG A 1 72  ? 19.196  -4.020  4.826   1.00   20.92 ? 72   ARG A N   1 
ATOM   586  C CA  . ARG A 1 72  ? 19.996  -4.195  6.034   1.00   22.61 ? 72   ARG A CA  1 
ATOM   587  C C   . ARG A 1 72  ? 19.378  -5.280  6.895   1.00   22.09 ? 72   ARG A C   1 
ATOM   588  O O   . ARG A 1 72  ? 18.446  -5.030  7.616   1.00   21.27 ? 72   ARG A O   1 
ATOM   589  C CB  . ARG A 1 72  ? 20.016  -2.880  6.819   1.00   22.67 ? 72   ARG A CB  1 
ATOM   590  C CG  . ARG A 1 72  ? 20.300  -1.670  5.957   1.00   25.67 ? 72   ARG A CG  1 
ATOM   591  C CD  . ARG A 1 72  ? 20.469  -0.458  6.817   1.00   28.03 ? 72   ARG A CD  1 
ATOM   592  N NE  . ARG A 1 72  ? 19.202  -0.164  7.480   1.00   31.69 ? 72   ARG A NE  1 
ATOM   593  C CZ  . ARG A 1 72  ? 18.442  0.899   7.246   1.00   32.18 ? 72   ARG A CZ  1 
ATOM   594  N NH1 . ARG A 1 72  ? 18.805  1.839   6.381   1.00   36.41 ? 72   ARG A NH1 1 
ATOM   595  N NH2 . ARG A 1 72  ? 17.304  1.031   7.902   1.00   33.96 ? 72   ARG A NH2 1 
ATOM   596  N N   . PRO A 1 73  ? 19.939  -6.483  6.858   1.00   24.13 ? 73   PRO A N   1 
ATOM   597  C CA  . PRO A 1 73  ? 19.372  -7.611  7.580   1.00   24.84 ? 73   PRO A CA  1 
ATOM   598  C C   . PRO A 1 73  ? 19.315  -7.386  9.099   1.00   25.26 ? 73   PRO A C   1 
ATOM   599  O O   . PRO A 1 73  ? 18.501  -8.020  9.779   1.00   27.22 ? 73   PRO A O   1 
ATOM   600  C CB  . PRO A 1 73  ? 20.343  -8.763  7.262   1.00   25.09 ? 73   PRO A CB  1 
ATOM   601  C CG  . PRO A 1 73  ? 21.584  -8.127  6.876   1.00   25.48 ? 73   PRO A CG  1 
ATOM   602  C CD  . PRO A 1 73  ? 21.214  -6.830  6.217   1.00   23.90 ? 73   PRO A CD  1 
ATOM   603  N N   . ASP A 1 74  ? 20.131  -6.467  9.605   1.00   25.13 ? 74   ASP A N   1 
ATOM   604  C CA  . ASP A 1 74  ? 20.190  -6.207  11.051  1.00   23.75 ? 74   ASP A CA  1 
ATOM   605  C C   . ASP A 1 74  ? 19.158  -5.183  11.546  1.00   22.61 ? 74   ASP A C   1 
ATOM   606  O O   . ASP A 1 74  ? 19.051  -4.941  12.755  1.00   22.78 ? 74   ASP A O   1 
ATOM   607  C CB  . ASP A 1 74  ? 21.607  -5.828  11.475  1.00   24.09 ? 74   ASP A CB  1 
ATOM   608  C CG  . ASP A 1 74  ? 22.161  -4.615  10.739  1.00   25.83 ? 74   ASP A CG  1 
ATOM   609  O OD1 . ASP A 1 74  ? 21.429  -3.960  9.971   1.00   28.07 ? 74   ASP A OD1 1 
ATOM   610  O OD2 . ASP A 1 74  ? 23.364  -4.305  10.946  1.00   28.62 ? 74   ASP A OD2 1 
ATOM   611  N N   . PHE A 1 75  ? 18.362  -4.619  10.647  1.00   21.11 ? 75   PHE A N   1 
ATOM   612  C CA  . PHE A 1 75  ? 17.380  -3.623  11.030  1.00   20.39 ? 75   PHE A CA  1 
ATOM   613  C C   . PHE A 1 75  ? 16.451  -4.195  12.068  1.00   19.41 ? 75   PHE A C   1 
ATOM   614  O O   . PHE A 1 75  ? 15.969  -5.297  11.916  1.00   18.91 ? 75   PHE A O   1 
ATOM   615  C CB  . PHE A 1 75  ? 16.556  -3.186  9.810   1.00   20.74 ? 75   PHE A CB  1 
ATOM   616  C CG  . PHE A 1 75  ? 15.572  -2.109  10.099  1.00   20.59 ? 75   PHE A CG  1 
ATOM   617  C CD1 . PHE A 1 75  ? 16.006  -0.810  10.335  1.00   22.53 ? 75   PHE A CD1 1 
ATOM   618  C CD2 . PHE A 1 75  ? 14.211  -2.373  10.121  1.00   20.18 ? 75   PHE A CD2 1 
ATOM   619  C CE1 . PHE A 1 75  ? 15.089  0.209   10.567  1.00   22.46 ? 75   PHE A CE1 1 
ATOM   620  C CE2 . PHE A 1 75  ? 13.294  -1.370  10.392  1.00   20.74 ? 75   PHE A CE2 1 
ATOM   621  C CZ  . PHE A 1 75  ? 13.734  -0.067  10.608  1.00   21.10 ? 75   PHE A CZ  1 
ATOM   622  N N   . VAL A 1 76  ? 16.171  -3.429  13.102  1.00   19.44 ? 76   VAL A N   1 
ATOM   623  C CA  . VAL A 1 76  ? 15.273  -3.861  14.164  1.00   20.28 ? 76   VAL A CA  1 
ATOM   624  C C   . VAL A 1 76  ? 13.910  -3.200  14.008  1.00   20.24 ? 76   VAL A C   1 
ATOM   625  O O   . VAL A 1 76  ? 13.810  -1.973  13.958  1.00   20.93 ? 76   VAL A O   1 
ATOM   626  C CB  . VAL A 1 76  ? 15.847  -3.508  15.552  1.00   20.69 ? 76   VAL A CB  1 
ATOM   627  C CG1 . VAL A 1 76  ? 14.878  -3.912  16.652  1.00   21.48 ? 76   VAL A CG1 1 
ATOM   628  C CG2 . VAL A 1 76  ? 17.198  -4.163  15.727  1.00   21.19 ? 76   VAL A CG2 1 
ATOM   629  N N   . ALA A 1 77  ? 12.873  -4.031  13.901  1.00   21.13 ? 77   ALA A N   1 
ATOM   630  C CA  . ALA A 1 77  ? 11.489  -3.590  13.730  1.00   20.85 ? 77   ALA A CA  1 
ATOM   631  C C   . ALA A 1 77  ? 10.643  -4.313  14.757  1.00   21.68 ? 77   ALA A C   1 
ATOM   632  O O   . ALA A 1 77  ? 10.232  -5.460  14.527  1.00   22.07 ? 77   ALA A O   1 
ATOM   633  C CB  . ALA A 1 77  ? 10.995  -3.953  12.331  1.00   21.92 ? 77   ALA A CB  1 
ATOM   634  N N   . GLU A 1 78  ? 10.397  -3.667  15.891  1.00   21.40 ? 78   GLU A N   1 
ATOM   635  C CA  . GLU A 1 78  ? 9.718   -4.329  16.991  1.00   21.66 ? 78   GLU A CA  1 
ATOM   636  C C   . GLU A 1 78  ? 8.299   -4.733  16.594  1.00   21.34 ? 78   GLU A C   1 
ATOM   637  O O   . GLU A 1 78  ? 7.487   -3.889  16.206  1.00   20.24 ? 78   GLU A O   1 
ATOM   638  C CB  . GLU A 1 78  ? 9.687   -3.420  18.214  1.00   21.83 ? 78   GLU A CB  1 
ATOM   639  C CG  . GLU A 1 78  ? 11.066  -3.176  18.815  1.00   23.79 ? 78   GLU A CG  1 
ATOM   640  N N   . GLY A 1 79  ? 8.015   -6.032  16.692  1.00   21.26 ? 79   GLY A N   1 
ATOM   641  C CA  . GLY A 1 79  ? 6.686   -6.545  16.367  1.00   21.29 ? 79   GLY A CA  1 
ATOM   642  C C   . GLY A 1 79  ? 6.476   -6.823  14.885  1.00   21.37 ? 79   GLY A C   1 
ATOM   643  O O   . GLY A 1 79  ? 5.346   -7.094  14.449  1.00   22.75 ? 79   GLY A O   1 
ATOM   644  N N   . ALA A 1 80  ? 7.554   -6.748  14.103  1.00   20.19 ? 80   ALA A N   1 
ATOM   645  C CA  . ALA A 1 80  ? 7.505   -7.113  12.691  1.00   19.82 ? 80   ALA A CA  1 
ATOM   646  C C   . ALA A 1 80  ? 8.654   -8.035  12.350  1.00   19.49 ? 80   ALA A C   1 
ATOM   647  O O   . ALA A 1 80  ? 9.640   -8.087  13.087  1.00   20.59 ? 80   ALA A O   1 
ATOM   648  C CB  . ALA A 1 80  ? 7.573   -5.854  11.824  1.00   18.80 ? 80   ALA A CB  1 
ATOM   649  N N   . ARG A 1 81  ? 8.511   -8.781  11.259  1.00   18.28 ? 81   ARG A N   1 
ATOM   650  C CA  . ARG A 1 81  ? 9.599   -9.575  10.699  1.00   18.64 ? 81   ARG A CA  1 
ATOM   651  C C   . ARG A 1 81  ? 10.332  -8.761  9.677   1.00   18.71 ? 81   ARG A C   1 
ATOM   652  O O   . ARG A 1 81  ? 9.716   -8.081  8.872   1.00   18.43 ? 81   ARG A O   1 
ATOM   653  C CB  . ARG A 1 81  ? 9.043   -10.819 10.014  1.00   19.18 ? 81   ARG A CB  1 
ATOM   654  C CG  . ARG A 1 81  ? 8.371   -11.765 10.948  1.00   22.06 ? 81   ARG A CG  1 
ATOM   655  N N   . VAL A 1 82  ? 11.652  -8.838  9.671   1.00   18.29 ? 82   VAL A N   1 
ATOM   656  C CA  . VAL A 1 82  ? 12.423  -8.114  8.687   1.00   18.19 ? 82   VAL A CA  1 
ATOM   657  C C   . VAL A 1 82  ? 12.894  -9.064  7.589   1.00   18.51 ? 82   VAL A C   1 
ATOM   658  O O   . VAL A 1 82  ? 13.447  -10.122 7.879   1.00   19.39 ? 82   VAL A O   1 
ATOM   659  C CB  . VAL A 1 82  ? 13.597  -7.385  9.361   1.00   19.45 ? 82   VAL A CB  1 
ATOM   660  C CG1 . VAL A 1 82  ? 14.462  -6.697  8.342   1.00   21.25 ? 82   VAL A CG1 1 
ATOM   661  C CG2 . VAL A 1 82  ? 13.009  -6.362  10.372  1.00   19.02 ? 82   VAL A CG2 1 
ATOM   662  N N   . ALA A 1 83  ? 12.702  -8.676  6.338   1.00   17.53 ? 83   ALA A N   1 
ATOM   663  C CA  . ALA A 1 83  ? 13.040  -9.485  5.155   1.00   17.73 ? 83   ALA A CA  1 
ATOM   664  C C   . ALA A 1 83  ? 13.987  -8.723  4.234   1.00   18.18 ? 83   ALA A C   1 
ATOM   665  O O   . ALA A 1 83  ? 13.927  -7.495  4.133   1.00   17.43 ? 83   ALA A O   1 
ATOM   666  C CB  . ALA A 1 83  ? 11.741  -9.887  4.387   1.00   18.50 ? 83   ALA A CB  1 
ATOM   667  N N   . GLY A 1 84  ? 14.869  -9.430  3.541   1.00   18.67 ? 84   GLY A N   1 
ATOM   668  C CA  . GLY A 1 84  ? 15.871  -8.744  2.699   1.00   18.83 ? 84   GLY A CA  1 
ATOM   669  C C   . GLY A 1 84  ? 15.548  -8.636  1.232   1.00   19.17 ? 84   GLY A C   1 
ATOM   670  O O   . GLY A 1 84  ? 16.375  -8.152  0.439   1.00   19.81 ? 84   GLY A O   1 
ATOM   671  N N   . SER A 1 85  ? 14.348  -9.087  0.859   1.00   18.34 ? 85   SER A N   1 
ATOM   672  C CA  . SER A 1 85  ? 13.894  -9.143  -0.516  1.00   19.34 ? 85   SER A CA  1 
ATOM   673  C C   . SER A 1 85  ? 12.405  -9.390  -0.521  1.00   19.06 ? 85   SER A C   1 
ATOM   674  O O   . SER A 1 85  ? 11.861  -9.858  0.491   1.00   18.75 ? 85   SER A O   1 
ATOM   675  C CB  . SER A 1 85  ? 14.608  -10.283 -1.262  1.00   20.28 ? 85   SER A CB  1 
ATOM   676  O OG  . SER A 1 85  ? 14.253  -11.551 -0.708  1.00   19.74 ? 85   SER A OG  1 
ATOM   677  N N   . LEU A 1 86  ? 11.751  -9.114  -1.643  1.00   19.78 ? 86   LEU A N   1 
ATOM   678  C CA  . LEU A 1 86  ? 10.336  -9.488  -1.820  1.00   20.60 ? 86   LEU A CA  1 
ATOM   679  C C   . LEU A 1 86  ? 10.128  -10.998 -1.711  1.00   19.63 ? 86   LEU A C   1 
ATOM   680  O O   . LEU A 1 86  ? 9.158   -11.447 -1.116  1.00   19.52 ? 86   LEU A O   1 
ATOM   681  C CB  . LEU A 1 86  ? 9.753   -9.005  -3.157  1.00   21.52 ? 86   LEU A CB  1 
ATOM   682  C CG  . LEU A 1 86  ? 8.723   -7.900  -3.089  1.00   25.38 ? 86   LEU A CG  1 
ATOM   683  C CD1 . LEU A 1 86  ? 7.453   -8.414  -2.424  1.00   26.96 ? 86   LEU A CD1 1 
ATOM   684  C CD2 . LEU A 1 86  ? 9.306   -6.709  -2.332  1.00   27.37 ? 86   LEU A CD2 1 
ATOM   685  N N   . GLU A 1 87  ? 11.034  -11.772 -2.289  1.00   18.56 ? 87   GLU A N   1 
ATOM   686  C CA  . GLU A 1 87  ? 10.917  -13.241 -2.251  1.00   18.37 ? 87   GLU A CA  1 
ATOM   687  C C   . GLU A 1 87  ? 10.975  -13.762 -0.800  1.00   16.41 ? 87   GLU A C   1 
ATOM   688  O O   . GLU A 1 87  ? 10.232  -14.683 -0.424  1.00   14.32 ? 87   GLU A O   1 
ATOM   689  C CB  . GLU A 1 87  ? 11.994  -13.883 -3.101  1.00   18.67 ? 87   GLU A CB  1 
ATOM   690  C CG  . GLU A 1 87  ? 11.804  -13.641 -4.607  1.00   23.58 ? 87   GLU A CG  1 
ATOM   691  C CD  . GLU A 1 87  ? 12.312  -12.271 -5.137  1.00   29.60 ? 87   GLU A CD  1 
ATOM   692  O OE1 . GLU A 1 87  ? 12.728  -11.376 -4.342  1.00   28.31 ? 87   GLU A OE1 1 
ATOM   693  O OE2 . GLU A 1 87  ? 12.306  -12.120 -6.403  1.00   34.30 ? 87   GLU A OE2 1 
ATOM   694  N N   . ALA A 1 88  ? 11.825  -13.155 0.020   1.00   14.79 ? 88   ALA A N   1 
ATOM   695  C CA  . ALA A 1 88  ? 11.868  -13.495 1.453   1.00   15.42 ? 88   ALA A CA  1 
ATOM   696  C C   . ALA A 1 88  ? 10.574  -13.056 2.178   1.00   14.47 ? 88   ALA A C   1 
ATOM   697  O O   . ALA A 1 88  ? 10.040  -13.770 3.026   1.00   14.23 ? 88   ALA A O   1 
ATOM   698  C CB  . ALA A 1 88  ? 13.110  -12.879 2.109   1.00   14.89 ? 88   ALA A CB  1 
ATOM   699  N N   . ALA A 1 89  ? 10.076  -11.874 1.832   1.00   15.45 ? 89   ALA A N   1 
ATOM   700  C CA  . ALA A 1 89  ? 8.838   -11.359 2.416   1.00   15.52 ? 89   ALA A CA  1 
ATOM   701  C C   . ALA A 1 89  ? 7.676   -12.254 2.112   1.00   15.61 ? 89   ALA A C   1 
ATOM   702  O O   . ALA A 1 89  ? 6.827   -12.535 2.991   1.00   16.04 ? 89   ALA A O   1 
ATOM   703  C CB  . ALA A 1 89  ? 8.549   -9.919  1.907   1.00   14.90 ? 89   ALA A CB  1 
ATOM   704  N N   . LEU A 1 90  ? 7.621   -12.744 0.875   1.00   15.51 ? 90   LEU A N   1 
ATOM   705  C CA  . LEU A 1 90  ? 6.497   -13.598 0.460   1.00   16.07 ? 90   LEU A CA  1 
ATOM   706  C C   . LEU A 1 90  ? 6.566   -14.966 1.129   1.00   16.25 ? 90   LEU A C   1 
ATOM   707  O O   . LEU A 1 90  ? 5.537   -15.606 1.363   1.00   18.23 ? 90   LEU A O   1 
ATOM   708  C CB  . LEU A 1 90  ? 6.447   -13.719 -1.062  1.00   16.47 ? 90   LEU A CB  1 
ATOM   709  C CG  . LEU A 1 90  ? 6.051   -12.421 -1.795  1.00   16.98 ? 90   LEU A CG  1 
ATOM   710  C CD1 . LEU A 1 90  ? 6.344   -12.529 -3.314  1.00   19.88 ? 90   LEU A CD1 1 
ATOM   711  C CD2 . LEU A 1 90  ? 4.575   -12.054 -1.554  1.00   20.88 ? 90   LEU A CD2 1 
ATOM   712  N N   . ALA A 1 91  ? 7.777   -15.427 1.431   1.00   15.86 ? 91   ALA A N   1 
ATOM   713  C CA  . ALA A 1 91  ? 7.952   -16.670 2.181   1.00   16.72 ? 91   ALA A CA  1 
ATOM   714  C C   . ALA A 1 91  ? 7.366   -16.541 3.609   1.00   16.63 ? 91   ALA A C   1 
ATOM   715  O O   . ALA A 1 91  ? 6.737   -17.469 4.120   1.00   16.37 ? 91   ALA A O   1 
ATOM   716  C CB  . ALA A 1 91  ? 9.403   -17.029 2.232   1.00   15.32 ? 91   ALA A CB  1 
ATOM   717  N N   . TYR A 1 92  ? 7.532   -15.378 4.230   1.00   17.45 ? 92   TYR A N   1 
ATOM   718  C CA  . TYR A 1 92  ? 6.965   -15.121 5.583   1.00   19.36 ? 92   TYR A CA  1 
ATOM   719  C C   . TYR A 1 92  ? 5.453   -15.082 5.589   1.00   19.86 ? 92   TYR A C   1 
ATOM   720  O O   . TYR A 1 92  ? 4.823   -15.275 6.643   1.00   20.93 ? 92   TYR A O   1 
ATOM   721  C CB  . TYR A 1 92  ? 7.448   -13.786 6.153   1.00   20.94 ? 92   TYR A CB  1 
ATOM   722  C CG  . TYR A 1 92  ? 8.855   -13.768 6.683   1.00   23.29 ? 92   TYR A CG  1 
ATOM   723  C CD1 . TYR A 1 92  ? 9.251   -14.651 7.679   1.00   24.84 ? 92   TYR A CD1 1 
ATOM   724  C CD2 . TYR A 1 92  ? 9.763   -12.809 6.252   1.00   24.80 ? 92   TYR A CD2 1 
ATOM   725  C CE1 . TYR A 1 92  ? 10.541  -14.621 8.185   1.00   25.60 ? 92   TYR A CE1 1 
ATOM   726  C CE2 . TYR A 1 92  ? 11.060  -12.779 6.750   1.00   25.14 ? 92   TYR A CE2 1 
ATOM   727  C CZ  . TYR A 1 92  ? 11.435  -13.686 7.726   1.00   25.76 ? 92   TYR A CZ  1 
ATOM   728  O OH  . TYR A 1 92  ? 12.708  -13.672 8.238   1.00   28.37 ? 92   TYR A OH  1 
ATOM   729  N N   . ALA A 1 93  ? 4.842   -14.844 4.436   1.00   20.13 ? 93   ALA A N   1 
ATOM   730  C CA  . ALA A 1 93  ? 3.384   -14.886 4.348   1.00   21.28 ? 93   ALA A CA  1 
ATOM   731  C C   . ALA A 1 93  ? 2.853   -16.282 4.677   1.00   21.84 ? 93   ALA A C   1 
ATOM   732  O O   . ALA A 1 93  ? 1.701   -16.435 5.111   1.00   21.53 ? 93   ALA A O   1 
ATOM   733  C CB  . ALA A 1 93  ? 2.906   -14.444 2.972   1.00   21.37 ? 93   ALA A CB  1 
ATOM   734  N N   . GLY A 1 94  ? 3.687   -17.305 4.480   1.00   23.23 ? 94   GLY A N   1 
ATOM   735  C CA  . GLY A 1 94  ? 3.314   -18.658 4.825   1.00   23.17 ? 94   GLY A CA  1 
ATOM   736  C C   . GLY A 1 94  ? 2.101   -19.074 4.028   1.00   23.89 ? 94   GLY A C   1 
ATOM   737  O O   . GLY A 1 94  ? 2.048   -18.845 2.825   1.00   24.51 ? 94   GLY A O   1 
ATOM   738  N N   . SER A 1 95  ? 1.104   -19.641 4.705   1.00   23.70 ? 95   SER A N   1 
ATOM   739  C CA  . SER A 1 95  ? -0.127  -20.075 4.049   1.00   23.97 ? 95   SER A CA  1 
ATOM   740  C C   . SER A 1 95  ? -1.190  -18.976 3.874   1.00   23.61 ? 95   SER A C   1 
ATOM   741  O O   . SER A 1 95  ? -2.337  -19.265 3.533   1.00   24.14 ? 95   SER A O   1 
ATOM   742  C CB  . SER A 1 95  ? -0.729  -21.246 4.835   1.00   24.81 ? 95   SER A CB  1 
ATOM   743  O OG  . SER A 1 95  ? -1.213  -20.777 6.080   1.00   28.11 ? 95   SER A OG  1 
ATOM   744  N N   . ASP A 1 96  ? -0.841  -17.714 4.088   1.00   22.52 ? 96   ASP A N   1 
ATOM   745  C CA  . ASP A 1 96  ? -1.782  -16.660 3.796   1.00   22.10 ? 96   ASP A CA  1 
ATOM   746  C C   . ASP A 1 96  ? -2.172  -16.742 2.316   1.00   21.58 ? 96   ASP A C   1 
ATOM   747  O O   . ASP A 1 96  ? -1.309  -16.736 1.457   1.00   21.11 ? 96   ASP A O   1 
ATOM   748  C CB  . ASP A 1 96  ? -1.117  -15.313 4.101   1.00   21.62 ? 96   ASP A CB  1 
ATOM   749  C CG  . ASP A 1 96  ? -2.020  -14.137 3.890   1.00   23.06 ? 96   ASP A CG  1 
ATOM   750  O OD1 . ASP A 1 96  ? -3.205  -14.262 3.501   1.00   22.61 ? 96   ASP A OD1 1 
ATOM   751  O OD2 . ASP A 1 96  ? -1.519  -13.037 4.116   1.00   21.82 ? 96   ASP A OD2 1 
ATOM   752  N N   . PRO A 1 97  ? -3.471  -16.855 2.015   1.00   22.03 ? 97   PRO A N   1 
ATOM   753  C CA  . PRO A 1 97  ? -3.858  -16.933 0.612   1.00   21.80 ? 97   PRO A CA  1 
ATOM   754  C C   . PRO A 1 97  ? -3.840  -15.616 -0.155  1.00   21.90 ? 97   PRO A C   1 
ATOM   755  O O   . PRO A 1 97  ? -3.967  -15.629 -1.384  1.00   22.54 ? 97   PRO A O   1 
ATOM   756  C CB  . PRO A 1 97  ? -5.292  -17.453 0.695   1.00   22.59 ? 97   PRO A CB  1 
ATOM   757  C CG  . PRO A 1 97  ? -5.797  -16.855 1.957   1.00   22.38 ? 97   PRO A CG  1 
ATOM   758  C CD  . PRO A 1 97  ? -4.644  -17.000 2.900   1.00   22.78 ? 97   PRO A CD  1 
ATOM   759  N N   . ALA A 1 98  ? -3.722  -14.487 0.542   1.00   20.31 ? 98   ALA A N   1 
ATOM   760  C CA  . ALA A 1 98  ? -3.753  -13.201 -0.125  1.00   19.09 ? 98   ALA A CA  1 
ATOM   761  C C   . ALA A 1 98  ? -2.917  -12.184 0.646   1.00   18.04 ? 98   ALA A C   1 
ATOM   762  O O   . ALA A 1 98  ? -3.460  -11.315 1.294   1.00   18.27 ? 98   ALA A O   1 
ATOM   763  C CB  . ALA A 1 98  ? -5.165  -12.714 -0.235  1.00   19.84 ? 98   ALA A CB  1 
ATOM   764  N N   . PRO A 1 99  ? -1.594  -12.283 0.557   1.00   17.06 ? 99   PRO A N   1 
ATOM   765  C CA  . PRO A 1 99  ? -0.766  -11.239 1.196   1.00   16.49 ? 99   PRO A CA  1 
ATOM   766  C C   . PRO A 1 99  ? -0.878  -9.920  0.448   1.00   16.36 ? 99   PRO A C   1 
ATOM   767  O O   . PRO A 1 99  ? -1.096  -9.910  -0.755  1.00   15.90 ? 99   PRO A O   1 
ATOM   768  C CB  . PRO A 1 99  ? 0.662   -11.800 1.107   1.00   17.18 ? 99   PRO A CB  1 
ATOM   769  C CG  . PRO A 1 99  ? 0.605   -12.850 0.027   1.00   18.00 ? 99   PRO A CG  1 
ATOM   770  C CD  . PRO A 1 99  ? -0.805  -13.304 -0.138  1.00   17.43 ? 99   PRO A CD  1 
ATOM   771  N N   . TRP A 1 100 ? -0.699  -8.817  1.166   1.00   14.65 ? 100  TRP A N   1 
ATOM   772  C CA  . TRP A 1 100 ? -0.797  -7.476  0.593   1.00   14.82 ? 100  TRP A CA  1 
ATOM   773  C C   . TRP A 1 100 ? 0.502   -6.719  0.732   1.00   15.38 ? 100  TRP A C   1 
ATOM   774  O O   . TRP A 1 100 ? 1.058   -6.656  1.833   1.00   15.61 ? 100  TRP A O   1 
ATOM   775  C CB  . TRP A 1 100 ? -1.900  -6.695  1.308   1.00   14.87 ? 100  TRP A CB  1 
ATOM   776  C CG  . TRP A 1 100 ? -3.235  -7.226  0.895   1.00   14.75 ? 100  TRP A CG  1 
ATOM   777  C CD1 . TRP A 1 100 ? -3.961  -8.179  1.524   1.00   17.07 ? 100  TRP A CD1 1 
ATOM   778  C CD2 . TRP A 1 100 ? -3.947  -6.906  -0.307  1.00   14.82 ? 100  TRP A CD2 1 
ATOM   779  N NE1 . TRP A 1 100 ? -5.102  -8.448  0.810   1.00   17.43 ? 100  TRP A NE1 1 
ATOM   780  C CE2 . TRP A 1 100 ? -5.110  -7.672  -0.322  1.00   16.31 ? 100  TRP A CE2 1 
ATOM   781  C CE3 . TRP A 1 100 ? -3.732  -6.005  -1.349  1.00   16.10 ? 100  TRP A CE3 1 
ATOM   782  C CZ2 . TRP A 1 100 ? -6.019  -7.590  -1.343  1.00   16.10 ? 100  TRP A CZ2 1 
ATOM   783  C CZ3 . TRP A 1 100 ? -4.658  -5.926  -2.353  1.00   16.34 ? 100  TRP A CZ3 1 
ATOM   784  C CH2 . TRP A 1 100 ? -5.782  -6.717  -2.346  1.00   16.58 ? 100  TRP A CH2 1 
ATOM   785  N N   . VAL A 1 101 ? 0.908   -6.062  -0.343  1.00   14.42 ? 101  VAL A N   1 
ATOM   786  C CA  . VAL A 1 101 ? 1.997   -5.080  -0.310  1.00   14.74 ? 101  VAL A CA  1 
ATOM   787  C C   . VAL A 1 101 ? 1.383   -3.679  -0.128  1.00   15.07 ? 101  VAL A C   1 
ATOM   788  O O   . VAL A 1 101 ? 0.510   -3.243  -0.907  1.00   14.78 ? 101  VAL A O   1 
ATOM   789  C CB  . VAL A 1 101 ? 2.838   -5.182  -1.570  1.00   14.85 ? 101  VAL A CB  1 
ATOM   790  C CG1 . VAL A 1 101 ? 3.923   -4.074  -1.586  1.00   16.25 ? 101  VAL A CG1 1 
ATOM   791  C CG2 . VAL A 1 101 ? 3.489   -6.589  -1.713  1.00   15.51 ? 101  VAL A CG2 1 
ATOM   792  N N   . ILE A 1 102 ? 1.813   -3.004  0.933   1.00   14.47 ? 102  ILE A N   1 
ATOM   793  C CA  . ILE A 1 102 ? 1.176   -1.782  1.387   1.00   14.22 ? 102  ILE A CA  1 
ATOM   794  C C   . ILE A 1 102 ? 2.048   -0.501  1.209   1.00   14.87 ? 102  ILE A C   1 
ATOM   795  O O   . ILE A 1 102 ? 1.669   0.558   1.677   1.00   15.17 ? 102  ILE A O   1 
ATOM   796  C CB  . ILE A 1 102 ? 0.643   -1.927  2.862   1.00   14.71 ? 102  ILE A CB  1 
ATOM   797  C CG1 . ILE A 1 102 ? 1.801   -1.937  3.875   1.00   14.95 ? 102  ILE A CG1 1 
ATOM   798  C CG2 . ILE A 1 102 ? -0.334  -3.128  3.031   1.00   15.27 ? 102  ILE A CG2 1 
ATOM   799  C CD1 . ILE A 1 102 ? 1.372   -1.702  5.302   1.00   14.29 ? 102  ILE A CD1 1 
ATOM   800  N N   . GLY A 1 103 ? 3.193   -0.622  0.524   1.00   14.92 ? 103  GLY A N   1 
ATOM   801  C CA  . GLY A 1 103 ? 3.996   0.524   0.114   1.00   15.27 ? 103  GLY A CA  1 
ATOM   802  C C   . GLY A 1 103 ? 5.404   0.431   0.614   1.00   16.75 ? 103  GLY A C   1 
ATOM   803  O O   . GLY A 1 103 ? 5.718   -0.482  1.359   1.00   17.08 ? 103  GLY A O   1 
ATOM   804  N N   . GLY A 1 104 ? 6.272   1.375   0.243   1.00   15.83 ? 104  GLY A N   1 
ATOM   805  C CA  . GLY A 1 104 ? 5.920   2.563   -0.496  1.00   15.80 ? 104  GLY A CA  1 
ATOM   806  C C   . GLY A 1 104 ? 6.317   2.425   -1.944  1.00   15.38 ? 104  GLY A C   1 
ATOM   807  O O   . GLY A 1 104 ? 6.236   1.337   -2.531  1.00   16.13 ? 104  GLY A O   1 
ATOM   808  N N   . ALA A 1 105 ? 6.692   3.553   -2.538  1.00   15.38 ? 105  ALA A N   1 
ATOM   809  C CA  . ALA A 1 105 ? 6.972   3.633   -3.961  1.00   15.68 ? 105  ALA A CA  1 
ATOM   810  C C   . ALA A 1 105 ? 7.976   2.598   -4.428  1.00   16.07 ? 105  ALA A C   1 
ATOM   811  O O   . ALA A 1 105 ? 7.783   1.951   -5.464  1.00   17.83 ? 105  ALA A O   1 
ATOM   812  C CB  . ALA A 1 105 ? 7.447   5.052   -4.351  1.00   14.90 ? 105  ALA A CB  1 
ATOM   813  N N   . GLN A 1 106 ? 9.095   2.482   -3.709  1.00   15.96 ? 106  GLN A N   1 
ATOM   814  C CA  . GLN A 1 106 ? 10.131  1.518   -4.093  1.00   16.14 ? 106  GLN A CA  1 
ATOM   815  C C   . GLN A 1 106 ? 9.622   0.076   -3.995  1.00   15.96 ? 106  GLN A C   1 
ATOM   816  O O   . GLN A 1 106 ? 9.837   -0.736  -4.902  1.00   16.81 ? 106  GLN A O   1 
ATOM   817  C CB  . GLN A 1 106 ? 11.409  1.698   -3.254  1.00   15.82 ? 106  GLN A CB  1 
ATOM   818  C CG  . GLN A 1 106 ? 12.052  3.031   -3.478  1.00   17.14 ? 106  GLN A CG  1 
ATOM   819  C CD  . GLN A 1 106 ? 13.238  3.268   -2.581  1.00   18.50 ? 106  GLN A CD  1 
ATOM   820  O OE1 . GLN A 1 106 ? 13.460  4.391   -2.135  1.00   26.77 ? 106  GLN A OE1 1 
ATOM   821  N NE2 . GLN A 1 106 ? 14.021  2.250   -2.340  1.00   16.37 ? 106  GLN A NE2 1 
ATOM   822  N N   . ILE A 1 107 ? 8.953   -0.249  -2.899  1.00   16.03 ? 107  ILE A N   1 
ATOM   823  C CA  . ILE A 1 107 ? 8.520   -1.609  -2.699  1.00   16.87 ? 107  ILE A CA  1 
ATOM   824  C C   . ILE A 1 107 ? 7.404   -1.964  -3.691  1.00   17.28 ? 107  ILE A C   1 
ATOM   825  O O   . ILE A 1 107 ? 7.337   -3.117  -4.158  1.00   18.78 ? 107  ILE A O   1 
ATOM   826  C CB  . ILE A 1 107 ? 8.118   -1.845  -1.234  1.00   16.56 ? 107  ILE A CB  1 
ATOM   827  C CG1 . ILE A 1 107 ? 9.282   -2.466  -0.467  1.00   19.18 ? 107  ILE A CG1 1 
ATOM   828  C CG2 . ILE A 1 107 ? 6.953   -2.802  -1.144  1.00   21.25 ? 107  ILE A CG2 1 
ATOM   829  C CD1 . ILE A 1 107 ? 10.564  -1.893  -0.644  1.00   17.50 ? 107  ILE A CD1 1 
ATOM   830  N N   . TYR A 1 108 ? 6.553   -1.015  -4.080  1.00   16.45 ? 108  TYR A N   1 
ATOM   831  C CA  . TYR A 1 108 ? 5.535   -1.331  -5.110  1.00   16.46 ? 108  TYR A CA  1 
ATOM   832  C C   . TYR A 1 108 ? 6.187   -1.782  -6.407  1.00   17.27 ? 108  TYR A C   1 
ATOM   833  O O   . TYR A 1 108 ? 5.747   -2.763  -7.015  1.00   16.28 ? 108  TYR A O   1 
ATOM   834  C CB  . TYR A 1 108 ? 4.591   -0.174  -5.422  1.00   16.31 ? 108  TYR A CB  1 
ATOM   835  C CG  . TYR A 1 108 ? 3.597   0.153   -4.306  1.00   14.25 ? 108  TYR A CG  1 
ATOM   836  C CD1 . TYR A 1 108 ? 2.813   -0.812  -3.717  1.00   17.06 ? 108  TYR A CD1 1 
ATOM   837  C CD2 . TYR A 1 108 ? 3.433   1.453   -3.881  1.00   16.16 ? 108  TYR A CD2 1 
ATOM   838  C CE1 . TYR A 1 108 ? 1.924   -0.500  -2.705  1.00   14.99 ? 108  TYR A CE1 1 
ATOM   839  C CE2 . TYR A 1 108 ? 2.552   1.792   -2.866  1.00   13.55 ? 108  TYR A CE2 1 
ATOM   840  C CZ  . TYR A 1 108 ? 1.792   0.807   -2.258  1.00   14.93 ? 108  TYR A CZ  1 
ATOM   841  O OH  . TYR A 1 108 ? 0.915   1.152   -1.231  1.00   16.63 ? 108  TYR A OH  1 
ATOM   842  N N   . LEU A 1 109 ? 7.245   -1.098  -6.813  1.00   17.25 ? 109  LEU A N   1 
ATOM   843  C CA  . LEU A 1 109 ? 7.937   -1.460  -8.059  1.00   18.56 ? 109  LEU A CA  1 
ATOM   844  C C   . LEU A 1 109 ? 8.581   -2.853  -7.969  1.00   19.38 ? 109  LEU A C   1 
ATOM   845  O O   . LEU A 1 109 ? 8.568   -3.600  -8.955  1.00   19.99 ? 109  LEU A O   1 
ATOM   846  C CB  . LEU A 1 109 ? 8.995   -0.416  -8.421  1.00   19.02 ? 109  LEU A CB  1 
ATOM   847  C CG  . LEU A 1 109 ? 8.483   0.957   -8.876  1.00   21.30 ? 109  LEU A CG  1 
ATOM   848  C CD1 . LEU A 1 109 ? 9.653   1.884   -9.095  1.00   23.57 ? 109  LEU A CD1 1 
ATOM   849  C CD2 . LEU A 1 109 ? 7.649   0.855   -10.135 1.00   27.54 ? 109  LEU A CD2 1 
ATOM   850  N N   . LEU A 1 110 ? 9.175   -3.200  -6.819  1.00   19.03 ? 110  LEU A N   1 
ATOM   851  C CA  . LEU A 1 110 ? 9.702   -4.560  -6.605  1.00   18.84 ? 110  LEU A CA  1 
ATOM   852  C C   . LEU A 1 110 ? 8.631   -5.656  -6.685  1.00   19.47 ? 110  LEU A C   1 
ATOM   853  O O   . LEU A 1 110 ? 8.903   -6.771  -7.131  1.00   19.96 ? 110  LEU A O   1 
ATOM   854  C CB  . LEU A 1 110 ? 10.374  -4.680  -5.231  1.00   20.31 ? 110  LEU A CB  1 
ATOM   855  C CG  . LEU A 1 110 ? 11.768  -4.141  -5.084  1.00   22.17 ? 110  LEU A CG  1 
ATOM   856  C CD1 . LEU A 1 110 ? 12.231  -4.433  -3.639  1.00   22.82 ? 110  LEU A CD1 1 
ATOM   857  C CD2 . LEU A 1 110 ? 12.703  -4.784  -6.091  1.00   23.00 ? 110  LEU A CD2 1 
ATOM   858  N N   . ALA A 1 111 ? 7.439   -5.353  -6.204  1.00   18.66 ? 111  ALA A N   1 
ATOM   859  C CA  . ALA A 1 111 ? 6.370   -6.347  -6.019  1.00   19.12 ? 111  ALA A CA  1 
ATOM   860  C C   . ALA A 1 111 ? 5.495   -6.512  -7.238  1.00   19.19 ? 111  ALA A C   1 
ATOM   861  O O   . ALA A 1 111 ? 4.900   -7.561  -7.439  1.00   19.44 ? 111  ALA A O   1 
ATOM   862  C CB  . ALA A 1 111 ? 5.499   -5.995  -4.822  1.00   19.03 ? 111  ALA A CB  1 
ATOM   863  N N   . LEU A 1 112 ? 5.417   -5.466  -8.047  1.00   20.46 ? 112  LEU A N   1 
ATOM   864  C CA  . LEU A 1 112 ? 4.519   -5.444  -9.203  1.00   20.37 ? 112  LEU A CA  1 
ATOM   865  C C   . LEU A 1 112 ? 4.591   -6.692  -10.102 1.00   20.51 ? 112  LEU A C   1 
ATOM   866  O O   . LEU A 1 112 ? 3.542   -7.232  -10.457 1.00   20.09 ? 112  LEU A O   1 
ATOM   867  C CB  . LEU A 1 112 ? 4.732   -4.152  -9.996  1.00   21.08 ? 112  LEU A CB  1 
ATOM   868  C CG  . LEU A 1 112 ? 3.619   -3.654  -10.916 1.00   22.62 ? 112  LEU A CG  1 
ATOM   869  C CD1 . LEU A 1 112 ? 2.219   -3.632  -10.308 1.00   22.26 ? 112  LEU A CD1 1 
ATOM   870  C CD2 . LEU A 1 112 ? 4.050   -2.251  -11.369 1.00   23.02 ? 112  LEU A CD2 1 
ATOM   871  N N   . PRO A 1 113 ? 5.811   -7.184  -10.435 1.00   19.58 ? 113  PRO A N   1 
ATOM   872  C CA  . PRO A 1 113 ? 5.854   -8.410  -11.244 1.00   20.12 ? 113  PRO A CA  1 
ATOM   873  C C   . PRO A 1 113 ? 5.343   -9.699  -10.598 1.00   20.22 ? 113  PRO A C   1 
ATOM   874  O O   . PRO A 1 113 ? 5.120   -10.697 -11.328 1.00   21.47 ? 113  PRO A O   1 
ATOM   875  C CB  . PRO A 1 113 ? 7.326   -8.545  -11.604 1.00   19.71 ? 113  PRO A CB  1 
ATOM   876  C CG  . PRO A 1 113 ? 8.059   -7.657  -10.769 1.00   19.75 ? 113  PRO A CG  1 
ATOM   877  C CD  . PRO A 1 113 ? 7.156   -6.631  -10.222 1.00   19.93 ? 113  PRO A CD  1 
ATOM   878  N N   . HIS A 1 114 ? 5.169   -9.700  -9.287  1.00   19.62 ? 114  HIS A N   1 
ATOM   879  C CA  . HIS A 1 114 ? 4.578   -10.812 -8.579  1.00   19.94 ? 114  HIS A CA  1 
ATOM   880  C C   . HIS A 1 114 ? 3.061   -10.660 -8.414  1.00   19.46 ? 114  HIS A C   1 
ATOM   881  O O   . HIS A 1 114 ? 2.410   -11.610 -8.017  1.00   19.24 ? 114  HIS A O   1 
ATOM   882  C CB  . HIS A 1 114 ? 5.162   -10.929 -7.170  1.00   21.15 ? 114  HIS A CB  1 
ATOM   883  C CG  . HIS A 1 114 ? 6.650   -10.965 -7.121  1.00   23.98 ? 114  HIS A CG  1 
ATOM   884  N ND1 . HIS A 1 114 ? 7.364   -12.141 -7.187  1.00   26.30 ? 114  HIS A ND1 1 
ATOM   885  C CD2 . HIS A 1 114 ? 7.562   -9.979  -6.938  1.00   25.83 ? 114  HIS A CD2 1 
ATOM   886  C CE1 . HIS A 1 114 ? 8.651   -11.873 -7.085  1.00   27.85 ? 114  HIS A CE1 1 
ATOM   887  N NE2 . HIS A 1 114 ? 8.799   -10.569 -6.938  1.00   26.49 ? 114  HIS A NE2 1 
ATOM   888  N N   . ALA A 1 115 ? 2.519   -9.462  -8.647  1.00   18.92 ? 115  ALA A N   1 
ATOM   889  C CA  . ALA A 1 115 ? 1.146   -9.129  -8.187  1.00   18.83 ? 115  ALA A CA  1 
ATOM   890  C C   . ALA A 1 115 ? 0.065   -9.605  -9.144  1.00   18.52 ? 115  ALA A C   1 
ATOM   891  O O   . ALA A 1 115 ? 0.251   -9.577  -10.342 1.00   18.68 ? 115  ALA A O   1 
ATOM   892  C CB  . ALA A 1 115 ? 1.018   -7.625  -7.969  1.00   18.64 ? 115  ALA A CB  1 
ATOM   893  N N   . THR A 1 116 ? -1.060  -10.076 -8.609  1.00   18.52 ? 116  THR A N   1 
ATOM   894  C CA  . THR A 1 116 ? -2.203  -10.389 -9.434  1.00   18.59 ? 116  THR A CA  1 
ATOM   895  C C   . THR A 1 116 ? -3.437  -9.556  -9.103  1.00   18.69 ? 116  THR A C   1 
ATOM   896  O O   . THR A 1 116 ? -4.457  -9.679  -9.753  1.00   18.00 ? 116  THR A O   1 
ATOM   897  C CB  . THR A 1 116 ? -2.530  -11.908 -9.348  1.00   19.12 ? 116  THR A CB  1 
ATOM   898  O OG1 . THR A 1 116 ? -2.599  -12.291 -7.968  1.00   21.84 ? 116  THR A OG1 1 
ATOM   899  C CG2 . THR A 1 116 ? -1.434  -12.684 -10.009 1.00   19.77 ? 116  THR A CG2 1 
ATOM   900  N N   . ARG A 1 117 ? -3.328  -8.671  -8.112  1.00   18.40 ? 117  ARG A N   1 
ATOM   901  C CA  . ARG A 1 117 ? -4.441  -7.840  -7.710  1.00   19.07 ? 117  ARG A CA  1 
ATOM   902  C C   . ARG A 1 117 ? -3.912  -6.503  -7.266  1.00   18.49 ? 117  ARG A C   1 
ATOM   903  O O   . ARG A 1 117 ? -2.880  -6.445  -6.615  1.00   16.68 ? 117  ARG A O   1 
ATOM   904  C CB  . ARG A 1 117 ? -5.154  -8.479  -6.534  1.00   19.83 ? 117  ARG A CB  1 
ATOM   905  C CG  . ARG A 1 117 ? -6.323  -7.674  -6.036  1.00   21.90 ? 117  ARG A CG  1 
ATOM   906  C CD  . ARG A 1 117 ? -7.403  -8.559  -5.416  1.00   25.40 ? 117  ARG A CD  1 
ATOM   907  N NE  . ARG A 1 117 ? -8.452  -7.747  -4.796  1.00   27.79 ? 117  ARG A NE  1 
ATOM   908  C CZ  . ARG A 1 117 ? -9.047  -8.049  -3.650  1.00   31.52 ? 117  ARG A CZ  1 
ATOM   909  N NH1 . ARG A 1 117 ? -8.738  -9.169  -2.988  1.00   33.96 ? 117  ARG A NH1 1 
ATOM   910  N NH2 . ARG A 1 117 ? -9.975  -7.240  -3.168  1.00   33.86 ? 117  ARG A NH2 1 
ATOM   911  N N   . CYS A 1 118 ? -4.608  -5.441  -7.644  1.00   17.37 ? 118  CYS A N   1 
ATOM   912  C CA  . CYS A 1 118 ? -4.314  -4.114  -7.135  1.00   17.98 ? 118  CYS A CA  1 
ATOM   913  C C   . CYS A 1 118 ? -5.628  -3.476  -6.675  1.00   17.48 ? 118  CYS A C   1 
ATOM   914  O O   . CYS A 1 118 ? -6.672  -3.608  -7.338  1.00   17.93 ? 118  CYS A O   1 
ATOM   915  C CB  . CYS A 1 118 ? -3.673  -3.235  -8.208  1.00   17.64 ? 118  CYS A CB  1 
ATOM   916  S SG  . CYS A 1 118 ? -1.995  -3.604  -8.687  1.00   22.86 ? 118  CYS A SG  1 
ATOM   917  N N   . GLU A 1 119 ? -5.591  -2.867  -5.512  1.00   16.14 ? 119  GLU A N   1 
ATOM   918  C CA  . GLU A 1 119 ? -6.721  -2.102  -4.968  1.00   16.62 ? 119  GLU A CA  1 
ATOM   919  C C   . GLU A 1 119 ? -6.249  -0.676  -4.789  1.00   16.73 ? 119  GLU A C   1 
ATOM   920  O O   . GLU A 1 119 ? -5.403  -0.399  -3.934  1.00   16.16 ? 119  GLU A O   1 
ATOM   921  C CB  . GLU A 1 119 ? -7.217  -2.705  -3.649  1.00   16.82 ? 119  GLU A CB  1 
ATOM   922  C CG  . GLU A 1 119 ? -7.865  -4.070  -3.822  1.00   18.13 ? 119  GLU A CG  1 
ATOM   923  C CD  . GLU A 1 119 ? -9.167  -4.078  -4.652  1.00   23.26 ? 119  GLU A CD  1 
ATOM   924  O OE1 . GLU A 1 119 ? -9.929  -3.109  -4.657  1.00   27.29 ? 119  GLU A OE1 1 
ATOM   925  O OE2 . GLU A 1 119 ? -9.427  -5.081  -5.328  1.00   28.90 ? 119  GLU A OE2 1 
ATOM   926  N N   . VAL A 1 120 ? -6.795  0.228   -5.607  1.00   15.46 ? 120  VAL A N   1 
ATOM   927  C CA  . VAL A 1 120 ? -6.299  1.598   -5.686  1.00   15.77 ? 120  VAL A CA  1 
ATOM   928  C C   . VAL A 1 120 ? -7.388  2.590   -5.321  1.00   16.26 ? 120  VAL A C   1 
ATOM   929  O O   . VAL A 1 120 ? -8.539  2.507   -5.825  1.00   16.11 ? 120  VAL A O   1 
ATOM   930  C CB  . VAL A 1 120 ? -5.842  1.910   -7.109  1.00   15.93 ? 120  VAL A CB  1 
ATOM   931  C CG1 . VAL A 1 120 ? -5.278  3.329   -7.207  1.00   18.25 ? 120  VAL A CG1 1 
ATOM   932  C CG2 . VAL A 1 120 ? -4.820  0.882   -7.609  1.00   18.46 ? 120  VAL A CG2 1 
ATOM   933  N N   . THR A 1 121 ? -7.048  3.537   -4.460  1.00   15.38 ? 121  THR A N   1 
ATOM   934  C CA  . THR A 1 121 ? -7.938  4.665   -4.225  1.00   14.69 ? 121  THR A CA  1 
ATOM   935  C C   . THR A 1 121 ? -7.395  5.880   -4.948  1.00   15.88 ? 121  THR A C   1 
ATOM   936  O O   . THR A 1 121 ? -6.202  6.173   -4.827  1.00   16.89 ? 121  THR A O   1 
ATOM   937  C CB  . THR A 1 121 ? -8.032  4.990   -2.748  1.00   14.57 ? 121  THR A CB  1 
ATOM   938  O OG1 . THR A 1 121 ? -8.372  3.811   -2.012  1.00   16.48 ? 121  THR A OG1 1 
ATOM   939  C CG2 . THR A 1 121 ? -9.054  6.132   -2.472  1.00   16.25 ? 121  THR A CG2 1 
ATOM   940  N N   . GLU A 1 122 ? -8.234  6.562   -5.726  1.00   15.68 ? 122  GLU A N   1 
ATOM   941  C CA  . GLU A 1 122 ? -7.838  7.768   -6.449  1.00   15.74 ? 122  GLU A CA  1 
ATOM   942  C C   . GLU A 1 122 ? -8.465  8.933   -5.731  1.00   15.14 ? 122  GLU A C   1 
ATOM   943  O O   . GLU A 1 122 ? -9.659  8.920   -5.464  1.00   14.46 ? 122  GLU A O   1 
ATOM   944  C CB  . GLU A 1 122 ? -8.316  7.744   -7.909  1.00   16.88 ? 122  GLU A CB  1 
ATOM   945  C CG  . GLU A 1 122 ? -7.862  8.932   -8.744  1.00   17.68 ? 122  GLU A CG  1 
ATOM   946  C CD  . GLU A 1 122 ? -8.493  8.965   -10.131 1.00   20.41 ? 122  GLU A CD  1 
ATOM   947  O OE1 . GLU A 1 122 ? -9.169  7.979   -10.539 1.00   20.39 ? 122  GLU A OE1 1 
ATOM   948  O OE2 . GLU A 1 122 ? -8.287  9.989   -10.822 1.00   23.17 ? 122  GLU A OE2 1 
ATOM   949  N N   . ILE A 1 123 ? -7.676  9.956   -5.476  1.00   14.70 ? 123  ILE A N   1 
ATOM   950  C CA  . ILE A 1 123 ? -8.120  11.119  -4.711  1.00   16.37 ? 123  ILE A CA  1 
ATOM   951  C C   . ILE A 1 123 ? -7.981  12.381  -5.541  1.00   17.29 ? 123  ILE A C   1 
ATOM   952  O O   . ILE A 1 123 ? -6.904  12.649  -6.062  1.00   16.34 ? 123  ILE A O   1 
ATOM   953  C CB  . ILE A 1 123 ? -7.299  11.260  -3.416  1.00   15.26 ? 123  ILE A CB  1 
ATOM   954  C CG1 . ILE A 1 123 ? -7.548  10.001  -2.556  1.00   17.10 ? 123  ILE A CG1 1 
ATOM   955  C CG2 . ILE A 1 123 ? -7.720  12.518  -2.595  1.00   15.46 ? 123  ILE A CG2 1 
ATOM   956  C CD1 . ILE A 1 123 ? -6.553  9.775   -1.489  1.00   19.62 ? 123  ILE A CD1 1 
ATOM   957  N N   . GLU A 1 124 ? -9.065  13.151  -5.638  1.00   18.21 ? 124  GLU A N   1 
ATOM   958  C CA  . GLU A 1 124 ? -9.047  14.396  -6.405  1.00   19.50 ? 124  GLU A CA  1 
ATOM   959  C C   . GLU A 1 124 ? -8.496  15.483  -5.487  1.00   20.04 ? 124  GLU A C   1 
ATOM   960  O O   . GLU A 1 124 ? -9.196  16.077  -4.688  1.00   20.76 ? 124  GLU A O   1 
ATOM   961  C CB  . GLU A 1 124 ? -10.432 14.779  -6.931  1.00   19.94 ? 124  GLU A CB  1 
ATOM   962  C CG  . GLU A 1 124 ? -10.428 16.095  -7.750  1.00   20.40 ? 124  GLU A CG  1 
ATOM   963  C CD  . GLU A 1 124 ? -11.819 16.729  -7.928  1.00   24.23 ? 124  GLU A CD  1 
ATOM   964  O OE1 . GLU A 1 124 ? -12.623 16.673  -6.966  1.00   29.23 ? 124  GLU A OE1 1 
ATOM   965  O OE2 . GLU A 1 124 ? -12.098 17.332  -9.017  1.00   31.19 ? 124  GLU A OE2 1 
ATOM   966  N N   . ILE A 1 125 ? -7.210  15.736  -5.624  1.00   21.52 ? 125  ILE A N   1 
ATOM   967  C CA  . ILE A 1 125 ? -6.554  16.736  -4.809  1.00   21.93 ? 125  ILE A CA  1 
ATOM   968  C C   . ILE A 1 125 ? -5.486  17.350  -5.681  1.00   23.65 ? 125  ILE A C   1 
ATOM   969  O O   . ILE A 1 125 ? -4.785  16.628  -6.374  1.00   22.94 ? 125  ILE A O   1 
ATOM   970  C CB  . ILE A 1 125 ? -5.938  16.096  -3.568  1.00   21.49 ? 125  ILE A CB  1 
ATOM   971  C CG1 . ILE A 1 125 ? -5.207  17.135  -2.723  1.00   21.87 ? 125  ILE A CG1 1 
ATOM   972  C CG2 . ILE A 1 125 ? -4.951  14.979  -3.936  1.00   20.13 ? 125  ILE A CG2 1 
ATOM   973  C CD1 . ILE A 1 125 ? -4.718  16.593  -1.393  1.00   22.26 ? 125  ILE A CD1 1 
ATOM   974  N N   . ASP A 1 126 ? -5.402  18.673  -5.635  1.00   25.01 ? 126  ASP A N   1 
ATOM   975  C CA  . ASP A 1 126 ? -4.492  19.466  -6.473  1.00   26.51 ? 126  ASP A CA  1 
ATOM   976  C C   . ASP A 1 126 ? -3.076  19.428  -5.910  1.00   27.58 ? 126  ASP A C   1 
ATOM   977  O O   . ASP A 1 126 ? -2.652  20.350  -5.231  1.00   28.86 ? 126  ASP A O   1 
ATOM   978  C CB  . ASP A 1 126 ? -4.986  20.910  -6.562  1.00   26.20 ? 126  ASP A CB  1 
ATOM   979  N N   . LEU A 1 127 ? -2.382  18.323  -6.165  1.00   29.18 ? 127  LEU A N   1 
ATOM   980  C CA  . LEU A 1 127 ? -0.975  18.166  -5.818  1.00   30.05 ? 127  LEU A CA  1 
ATOM   981  C C   . LEU A 1 127 ? -0.184  18.067  -7.122  1.00   31.37 ? 127  LEU A C   1 
ATOM   982  O O   . LEU A 1 127 ? -0.286  17.068  -7.865  1.00   32.43 ? 127  LEU A O   1 
ATOM   983  C CB  . LEU A 1 127 ? -0.724  16.877  -5.027  1.00   29.91 ? 127  LEU A CB  1 
ATOM   984  C CG  . LEU A 1 127 ? -1.344  16.600  -3.665  1.00   29.55 ? 127  LEU A CG  1 
ATOM   985  C CD1 . LEU A 1 127 ? -0.900  15.163  -3.250  1.00   27.49 ? 127  LEU A CD1 1 
ATOM   986  C CD2 . LEU A 1 127 ? -0.968  17.614  -2.601  1.00   30.15 ? 127  LEU A CD2 1 
ATOM   987  N N   . ARG A 1 128 ? 0.621   19.077  -7.405  1.00   32.01 ? 128  ARG A N   1 
ATOM   988  C CA  . ARG A 1 128 ? 1.461   19.036  -8.593  1.00   32.96 ? 128  ARG A CA  1 
ATOM   989  C C   . ARG A 1 128 ? 2.679   18.183  -8.256  1.00   34.00 ? 128  ARG A C   1 
ATOM   990  O O   . ARG A 1 128 ? 3.365   18.473  -7.272  1.00   34.85 ? 128  ARG A O   1 
ATOM   991  C CB  . ARG A 1 128 ? 1.872   20.449  -8.992  1.00   33.01 ? 128  ARG A CB  1 
ATOM   992  N N   . ARG A 1 129 ? 2.977   17.148  -9.044  1.00   34.19 ? 129  ARG A N   1 
ATOM   993  C CA  . ARG A 1 129 ? 4.047   16.250  -8.627  1.00   34.70 ? 129  ARG A CA  1 
ATOM   994  C C   . ARG A 1 129 ? 5.423   16.890  -8.726  1.00   34.23 ? 129  ARG A C   1 
ATOM   995  O O   . ARG A 1 129 ? 5.758   17.560  -9.706  1.00   34.50 ? 129  ARG A O   1 
ATOM   996  C CB  . ARG A 1 129 ? 3.951   14.849  -9.250  1.00   35.69 ? 129  ARG A CB  1 
ATOM   997  C CG  . ARG A 1 129 ? 4.469   14.602  -10.645 1.00   37.31 ? 129  ARG A CG  1 
ATOM   998  C CD  . ARG A 1 129 ? 4.377   13.087  -10.885 1.00   37.63 ? 129  ARG A CD  1 
ATOM   999  N NE  . ARG A 1 129 ? 4.170   12.715  -12.280 1.00   40.89 ? 129  ARG A NE  1 
ATOM   1000 C CZ  . ARG A 1 129 ? 3.893   11.478  -12.699 1.00   41.12 ? 129  ARG A CZ  1 
ATOM   1001 N NH1 . ARG A 1 129 ? 3.780   10.469  -11.836 1.00   43.88 ? 129  ARG A NH1 1 
ATOM   1002 N NH2 . ARG A 1 129 ? 3.726   11.243  -13.994 1.00   42.29 ? 129  ARG A NH2 1 
ATOM   1003 N N   . ASP A 1 130 ? 6.168   16.741  -7.638  1.00   33.49 ? 130  ASP A N   1 
ATOM   1004 C CA  . ASP A 1 130 ? 7.477   17.351  -7.461  1.00   32.33 ? 130  ASP A CA  1 
ATOM   1005 C C   . ASP A 1 130 ? 8.508   16.249  -7.495  1.00   31.24 ? 130  ASP A C   1 
ATOM   1006 O O   . ASP A 1 130 ? 8.209   15.092  -7.242  1.00   31.28 ? 130  ASP A O   1 
ATOM   1007 C CB  . ASP A 1 130 ? 7.566   18.081  -6.118  1.00   32.50 ? 130  ASP A CB  1 
ATOM   1008 C CG  . ASP A 1 130 ? 8.993   18.171  -5.594  1.00   33.93 ? 130  ASP A CG  1 
ATOM   1009 O OD1 . ASP A 1 130 ? 9.826   18.874  -6.230  1.00   38.55 ? 130  ASP A OD1 1 
ATOM   1010 O OD2 . ASP A 1 130 ? 9.293   17.535  -4.558  1.00   35.18 ? 130  ASP A OD2 1 
ATOM   1011 N N   . ASP A 1 131 ? 9.741   16.628  -7.784  1.00   29.78 ? 131  ASP A N   1 
ATOM   1012 C CA  . ASP A 1 131 ? 10.810  15.659  -7.950  1.00   28.51 ? 131  ASP A CA  1 
ATOM   1013 C C   . ASP A 1 131 ? 11.039  14.758  -6.757  1.00   26.70 ? 131  ASP A C   1 
ATOM   1014 O O   . ASP A 1 131 ? 11.460  13.624  -6.939  1.00   26.95 ? 131  ASP A O   1 
ATOM   1015 C CB  . ASP A 1 131 ? 12.101  16.394  -8.298  1.00   29.29 ? 131  ASP A CB  1 
ATOM   1016 C CG  . ASP A 1 131 ? 11.934  17.301  -9.480  1.00   31.32 ? 131  ASP A CG  1 
ATOM   1017 O OD1 . ASP A 1 131 ? 11.001  18.147  -9.477  1.00   35.36 ? 131  ASP A OD1 1 
ATOM   1018 O OD2 . ASP A 1 131 ? 12.749  17.184  -10.406 1.00   35.05 ? 131  ASP A OD2 1 
ATOM   1019 N N   . ASP A 1 132 ? 10.778  15.248  -5.542  1.00   25.04 ? 132  ASP A N   1 
ATOM   1020 C CA  . ASP A 1 132 ? 10.984  14.447  -4.314  1.00   23.82 ? 132  ASP A CA  1 
ATOM   1021 C C   . ASP A 1 132 ? 9.749   13.643  -3.867  1.00   22.15 ? 132  ASP A C   1 
ATOM   1022 O O   . ASP A 1 132 ? 9.835   12.916  -2.886  1.00   22.54 ? 132  ASP A O   1 
ATOM   1023 C CB  . ASP A 1 132 ? 11.407  15.330  -3.130  1.00   24.18 ? 132  ASP A CB  1 
ATOM   1024 C CG  . ASP A 1 132 ? 12.792  15.926  -3.283  1.00   25.83 ? 132  ASP A CG  1 
ATOM   1025 O OD1 . ASP A 1 132 ? 13.665  15.329  -3.955  1.00   29.44 ? 132  ASP A OD1 1 
ATOM   1026 O OD2 . ASP A 1 132 ? 13.014  17.001  -2.672  1.00   27.10 ? 132  ASP A OD2 1 
ATOM   1027 N N   . ASP A 1 133 ? 8.612   13.792  -4.543  1.00   20.33 ? 133  ASP A N   1 
ATOM   1028 C CA  . ASP A 1 133 ? 7.388   13.038  -4.183  1.00   20.30 ? 133  ASP A CA  1 
ATOM   1029 C C   . ASP A 1 133 ? 7.561   11.540  -4.400  1.00   19.45 ? 133  ASP A C   1 
ATOM   1030 O O   . ASP A 1 133 ? 8.263   11.131  -5.335  1.00   21.04 ? 133  ASP A O   1 
ATOM   1031 C CB  . ASP A 1 133 ? 6.233   13.471  -5.070  1.00   20.90 ? 133  ASP A CB  1 
ATOM   1032 C CG  . ASP A 1 133 ? 5.701   14.822  -4.707  1.00   24.44 ? 133  ASP A CG  1 
ATOM   1033 O OD1 . ASP A 1 133 ? 5.966   15.261  -3.563  1.00   26.50 ? 133  ASP A OD1 1 
ATOM   1034 O OD2 . ASP A 1 133 ? 5.000   15.436  -5.552  1.00   26.69 ? 133  ASP A OD2 1 
ATOM   1035 N N   . ALA A 1 134 ? 6.911   10.730  -3.566  1.00   16.88 ? 134  ALA A N   1 
ATOM   1036 C CA  . ALA A 1 134 ? 6.845   9.305   -3.787  1.00   16.33 ? 134  ALA A CA  1 
ATOM   1037 C C   . ALA A 1 134 ? 5.700   9.079   -4.755  1.00   16.41 ? 134  ALA A C   1 
ATOM   1038 O O   . ALA A 1 134 ? 4.598   9.612   -4.534  1.00   15.72 ? 134  ALA A O   1 
ATOM   1039 C CB  . ALA A 1 134 ? 6.601   8.571   -2.477  1.00   14.52 ? 134  ALA A CB  1 
ATOM   1040 N N   . LEU A 1 135 ? 5.947   8.291   -5.803  1.00   15.90 ? 135  LEU A N   1 
ATOM   1041 C CA  . LEU A 1 135 ? 4.960   8.147   -6.892  1.00   16.81 ? 135  LEU A CA  1 
ATOM   1042 C C   . LEU A 1 135 ? 4.331   6.759   -6.940  1.00   17.15 ? 135  LEU A C   1 
ATOM   1043 O O   . LEU A 1 135 ? 4.918   5.798   -6.532  1.00   17.88 ? 135  LEU A O   1 
ATOM   1044 C CB  . LEU A 1 135 ? 5.600   8.459   -8.223  1.00   16.80 ? 135  LEU A CB  1 
ATOM   1045 C CG  . LEU A 1 135 ? 6.254   9.827   -8.363  1.00   18.45 ? 135  LEU A CG  1 
ATOM   1046 C CD1 . LEU A 1 135 ? 6.767   9.968   -9.772  1.00   22.00 ? 135  LEU A CD1 1 
ATOM   1047 C CD2 . LEU A 1 135 ? 5.251   10.937  -8.037  1.00   19.97 ? 135  LEU A CD2 1 
ATOM   1048 N N   . ALA A 1 136 ? 3.084   6.697   -7.391  1.00   16.93 ? 136  ALA A N   1 
ATOM   1049 C CA  . ALA A 1 136 ? 2.387   5.441   -7.609  1.00   18.59 ? 136  ALA A CA  1 
ATOM   1050 C C   . ALA A 1 136 ? 3.010   4.659   -8.753  1.00   19.42 ? 136  ALA A C   1 
ATOM   1051 O O   . ALA A 1 136 ? 3.509   5.260   -9.689  1.00   18.30 ? 136  ALA A O   1 
ATOM   1052 C CB  . ALA A 1 136 ? 0.973   5.745   -7.951  1.00   17.52 ? 136  ALA A CB  1 
ATOM   1053 N N   . PRO A 1 137 ? 2.901   3.317   -8.705  1.00   21.21 ? 137  PRO A N   1 
ATOM   1054 C CA  . PRO A 1 137 ? 3.332   2.531   -9.855  1.00   22.97 ? 137  PRO A CA  1 
ATOM   1055 C C   . PRO A 1 137 ? 2.341   2.681   -11.001 1.00   23.87 ? 137  PRO A C   1 
ATOM   1056 O O   . PRO A 1 137 ? 1.174   2.972   -10.760 1.00   24.42 ? 137  PRO A O   1 
ATOM   1057 C CB  . PRO A 1 137 ? 3.292   1.093   -9.314  1.00   23.82 ? 137  PRO A CB  1 
ATOM   1058 C CG  . PRO A 1 137 ? 2.301   1.108   -8.308  1.00   23.24 ? 137  PRO A CG  1 
ATOM   1059 C CD  . PRO A 1 137 ? 2.374   2.460   -7.640  1.00   21.89 ? 137  PRO A CD  1 
ATOM   1060 N N   . ALA A 1 138 ? 2.811   2.521   -12.226 1.00   25.09 ? 138  ALA A N   1 
ATOM   1061 C CA  . ALA A 1 138 ? 1.961   2.575   -13.417 1.00   25.79 ? 138  ALA A CA  1 
ATOM   1062 C C   . ALA A 1 138 ? 1.525   1.154   -13.746 1.00   26.74 ? 138  ALA A C   1 
ATOM   1063 O O   . ALA A 1 138 ? 2.327   0.225   -13.629 1.00   28.11 ? 138  ALA A O   1 
ATOM   1064 C CB  . ALA A 1 138 ? 2.734   3.162   -14.577 1.00   26.10 ? 138  ALA A CB  1 
ATOM   1065 N N   . LEU A 1 139 ? 0.263   0.958   -14.102 1.00   26.48 ? 139  LEU A N   1 
ATOM   1066 C CA  . LEU A 1 139 ? -0.198  -0.370  -14.476 1.00   26.74 ? 139  LEU A CA  1 
ATOM   1067 C C   . LEU A 1 139 ? -0.215  -0.480  -15.985 1.00   27.72 ? 139  LEU A C   1 
ATOM   1068 O O   . LEU A 1 139 ? -0.609  0.460   -16.668 1.00   29.00 ? 139  LEU A O   1 
ATOM   1069 C CB  . LEU A 1 139 ? -1.584  -0.647  -13.896 1.00   26.35 ? 139  LEU A CB  1 
ATOM   1070 C CG  . LEU A 1 139 ? -1.624  -0.657  -12.367 1.00   26.38 ? 139  LEU A CG  1 
ATOM   1071 C CD1 . LEU A 1 139 ? -2.937  -1.265  -11.918 1.00   28.08 ? 139  LEU A CD1 1 
ATOM   1072 C CD2 . LEU A 1 139 ? -0.449  -1.441  -11.799 1.00   24.31 ? 139  LEU A CD2 1 
ATOM   1073 N N   . ASP A 1 140 ? 0.233   -1.626  -16.489 1.00   28.39 ? 140  ASP A N   1 
ATOM   1074 C CA  . ASP A 1 140 ? 0.305   -1.879  -17.934 1.00   28.17 ? 140  ASP A CA  1 
ATOM   1075 C C   . ASP A 1 140 ? -0.994  -2.489  -18.447 1.00   28.25 ? 140  ASP A C   1 
ATOM   1076 O O   . ASP A 1 140 ? -1.961  -2.648  -17.701 1.00   27.67 ? 140  ASP A O   1 
ATOM   1077 C CB  . ASP A 1 140 ? 1.494   -2.796  -18.240 1.00   29.08 ? 140  ASP A CB  1 
ATOM   1078 C CG  . ASP A 1 140 ? 1.380   -4.160  -17.561 1.00   31.22 ? 140  ASP A CG  1 
ATOM   1079 O OD1 . ASP A 1 140 ? 0.346   -4.822  -17.756 1.00   32.45 ? 140  ASP A OD1 1 
ATOM   1080 O OD2 . ASP A 1 140 ? 2.325   -4.572  -16.834 1.00   35.37 ? 140  ASP A OD2 1 
ATOM   1081 N N   . ASP A 1 141 ? -1.015  -2.856  -19.727 1.00   28.06 ? 141  ASP A N   1 
ATOM   1082 C CA  . ASP A 1 141 ? -2.229  -3.392  -20.334 1.00   28.17 ? 141  ASP A CA  1 
ATOM   1083 C C   . ASP A 1 141 ? -2.561  -4.832  -19.942 1.00   27.53 ? 141  ASP A C   1 
ATOM   1084 O O   . ASP A 1 141 ? -3.624  -5.326  -20.315 1.00   27.27 ? 141  ASP A O   1 
ATOM   1085 C CB  . ASP A 1 141 ? -2.159  -3.273  -21.855 1.00   29.16 ? 141  ASP A CB  1 
ATOM   1086 C CG  . ASP A 1 141 ? -2.447  -1.873  -22.332 1.00   32.31 ? 141  ASP A CG  1 
ATOM   1087 O OD1 . ASP A 1 141 ? -3.551  -1.367  -22.035 1.00   36.61 ? 141  ASP A OD1 1 
ATOM   1088 O OD2 . ASP A 1 141 ? -1.574  -1.281  -23.015 1.00   38.26 ? 141  ASP A OD2 1 
ATOM   1089 N N   . SER A 1 142 ? -1.693  -5.498  -19.179 1.00   26.49 ? 142  SER A N   1 
ATOM   1090 C CA  . SER A 1 142 ? -2.004  -6.840  -18.684 1.00   26.12 ? 142  SER A CA  1 
ATOM   1091 C C   . SER A 1 142 ? -3.110  -6.818  -17.623 1.00   25.13 ? 142  SER A C   1 
ATOM   1092 O O   . SER A 1 142 ? -3.733  -7.840  -17.331 1.00   24.02 ? 142  SER A O   1 
ATOM   1093 C CB  . SER A 1 142 ? -0.748  -7.534  -18.129 1.00   26.21 ? 142  SER A CB  1 
ATOM   1094 O OG  . SER A 1 142 ? -0.203  -6.846  -17.013 1.00   27.48 ? 142  SER A OG  1 
ATOM   1095 N N   . TRP A 1 143 ? -3.341  -5.648  -17.049 1.00   24.30 ? 143  TRP A N   1 
ATOM   1096 C CA  . TRP A 1 143 ? -4.301  -5.510  -15.978 1.00   24.44 ? 143  TRP A CA  1 
ATOM   1097 C C   . TRP A 1 143 ? -5.664  -5.186  -16.552 1.00   24.77 ? 143  TRP A C   1 
ATOM   1098 O O   . TRP A 1 143 ? -5.776  -4.487  -17.558 1.00   25.83 ? 143  TRP A O   1 
ATOM   1099 C CB  . TRP A 1 143 ? -3.870  -4.399  -15.039 1.00   23.17 ? 143  TRP A CB  1 
ATOM   1100 C CG  . TRP A 1 143 ? -2.635  -4.727  -14.249 1.00   22.13 ? 143  TRP A CG  1 
ATOM   1101 C CD1 . TRP A 1 143 ? -1.357  -4.424  -14.577 1.00   21.14 ? 143  TRP A CD1 1 
ATOM   1102 C CD2 . TRP A 1 143 ? -2.577  -5.377  -12.970 1.00   19.89 ? 143  TRP A CD2 1 
ATOM   1103 N NE1 . TRP A 1 143 ? -0.494  -4.864  -13.601 1.00   21.62 ? 143  TRP A NE1 1 
ATOM   1104 C CE2 . TRP A 1 143 ? -1.224  -5.448  -12.599 1.00   22.39 ? 143  TRP A CE2 1 
ATOM   1105 C CE3 . TRP A 1 143 ? -3.538  -5.919  -12.116 1.00   21.07 ? 143  TRP A CE3 1 
ATOM   1106 C CZ2 . TRP A 1 143 ? -0.810  -6.032  -11.410 1.00   20.53 ? 143  TRP A CZ2 1 
ATOM   1107 C CZ3 . TRP A 1 143 ? -3.122  -6.511  -10.934 1.00   20.87 ? 143  TRP A CZ3 1 
ATOM   1108 C CH2 . TRP A 1 143 ? -1.770  -6.566  -10.599 1.00   21.71 ? 143  TRP A CH2 1 
ATOM   1109 N N   . VAL A 1 144 ? -6.703  -5.720  -15.926 1.00   25.25 ? 144  VAL A N   1 
ATOM   1110 C CA  . VAL A 1 144 ? -8.064  -5.350  -16.284 1.00   25.43 ? 144  VAL A CA  1 
ATOM   1111 C C   . VAL A 1 144 ? -8.739  -4.865  -15.021 1.00   25.43 ? 144  VAL A C   1 
ATOM   1112 O O   . VAL A 1 144 ? -8.580  -5.457  -13.952 1.00   25.30 ? 144  VAL A O   1 
ATOM   1113 C CB  . VAL A 1 144 ? -8.861  -6.495  -16.952 1.00   26.07 ? 144  VAL A CB  1 
ATOM   1114 C CG1 . VAL A 1 144 ? -8.202  -6.880  -18.266 1.00   26.27 ? 144  VAL A CG1 1 
ATOM   1115 C CG2 . VAL A 1 144 ? -8.995  -7.714  -16.029 1.00   26.95 ? 144  VAL A CG2 1 
ATOM   1116 N N   . GLY A 1 145 ? -9.474  -3.770  -15.152 1.00   25.47 ? 145  GLY A N   1 
ATOM   1117 C CA  . GLY A 1 145 ? -9.978  -3.051  -13.991 1.00   25.52 ? 145  GLY A CA  1 
ATOM   1118 C C   . GLY A 1 145 ? -11.466 -2.758  -14.015 1.00   25.69 ? 145  GLY A C   1 
ATOM   1119 O O   . GLY A 1 145 ? -12.127 -2.760  -15.094 1.00   23.88 ? 145  GLY A O   1 
ATOM   1120 N N   . GLU A 1 146 ? -12.010 -2.564  -12.818 1.00   25.44 ? 146  GLU A N   1 
ATOM   1121 C CA  . GLU A 1 146 ? -13.276 -1.899  -12.692 1.00   26.15 ? 146  GLU A CA  1 
ATOM   1122 C C   . GLU A 1 146 ? -13.098 -0.748  -11.768 1.00   24.64 ? 146  GLU A C   1 
ATOM   1123 O O   . GLU A 1 146 ? -12.307 -0.807  -10.813 1.00   23.25 ? 146  GLU A O   1 
ATOM   1124 C CB  . GLU A 1 146 ? -14.392 -2.812  -12.226 1.00   26.81 ? 146  GLU A CB  1 
ATOM   1125 C CG  . GLU A 1 146 ? -14.189 -3.503  -10.908 1.00   29.49 ? 146  GLU A CG  1 
ATOM   1126 C CD  . GLU A 1 146 ? -15.307 -4.491  -10.656 1.00   30.67 ? 146  GLU A CD  1 
ATOM   1127 O OE1 . GLU A 1 146 ? -15.486 -5.420  -11.486 1.00   37.67 ? 146  GLU A OE1 1 
ATOM   1128 O OE2 . GLU A 1 146 ? -16.040 -4.325  -9.653  1.00   38.45 ? 146  GLU A OE2 1 
ATOM   1129 N N   . THR A 1 147 ? -13.822 0.309   -12.113 1.00   23.86 ? 147  THR A N   1 
ATOM   1130 C CA  . THR A 1 147 ? -13.759 1.598   -11.475 1.00   22.77 ? 147  THR A CA  1 
ATOM   1131 C C   . THR A 1 147 ? -15.128 1.894   -10.874 1.00   22.44 ? 147  THR A C   1 
ATOM   1132 O O   . THR A 1 147 ? -16.175 1.665   -11.507 1.00   21.60 ? 147  THR A O   1 
ATOM   1133 C CB  . THR A 1 147 ? -13.394 2.648   -12.510 1.00   22.97 ? 147  THR A CB  1 
ATOM   1134 O OG1 . THR A 1 147 ? -12.053 2.411   -12.959 1.00   25.93 ? 147  THR A OG1 1 
ATOM   1135 C CG2 . THR A 1 147 ? -13.498 4.053   -11.952 1.00   24.34 ? 147  THR A CG2 1 
ATOM   1136 N N   . GLY A 1 148 ? -15.110 2.358   -9.633  1.00   21.35 ? 148  GLY A N   1 
ATOM   1137 C CA  . GLY A 1 148 ? -16.320 2.712   -8.928  1.00   20.86 ? 148  GLY A CA  1 
ATOM   1138 C C   . GLY A 1 148 ? -16.663 4.157   -9.224  1.00   19.79 ? 148  GLY A C   1 
ATOM   1139 O O   . GLY A 1 148 ? -15.919 4.864   -9.887  1.00   19.70 ? 148  GLY A O   1 
ATOM   1140 N N   . GLU A 1 149 ? -17.792 4.600   -8.700  1.00   17.59 ? 149  GLU A N   1 
ATOM   1141 C CA  . GLU A 1 149 ? -18.208 5.993   -8.836  1.00   17.78 ? 149  GLU A CA  1 
ATOM   1142 C C   . GLU A 1 149 ? -17.324 6.918   -7.996  1.00   16.84 ? 149  GLU A C   1 
ATOM   1143 O O   . GLU A 1 149 ? -16.786 6.518   -6.972  1.00   15.03 ? 149  GLU A O   1 
ATOM   1144 C CB  . GLU A 1 149 ? -19.640 6.185   -8.344  1.00   18.23 ? 149  GLU A CB  1 
ATOM   1145 C CG  . GLU A 1 149 ? -20.710 5.322   -9.008  1.00   20.57 ? 149  GLU A CG  1 
ATOM   1146 C CD  . GLU A 1 149 ? -22.117 5.555   -8.410  1.00   21.52 ? 149  GLU A CD  1 
ATOM   1147 O OE1 . GLU A 1 149 ? -22.452 4.930   -7.374  1.00   29.22 ? 149  GLU A OE1 1 
ATOM   1148 O OE2 . GLU A 1 149 ? -22.881 6.339   -8.968  1.00   24.94 ? 149  GLU A OE2 1 
ATOM   1149 N N   . TRP A 1 150 ? -17.235 8.178   -8.415  1.00   15.55 ? 150  TRP A N   1 
ATOM   1150 C CA  . TRP A 1 150 ? -16.671 9.233   -7.578  1.00   14.91 ? 150  TRP A CA  1 
ATOM   1151 C C   . TRP A 1 150 ? -17.608 9.461   -6.388  1.00   14.37 ? 150  TRP A C   1 
ATOM   1152 O O   . TRP A 1 150 ? -18.829 9.477   -6.552  1.00   13.54 ? 150  TRP A O   1 
ATOM   1153 C CB  . TRP A 1 150 ? -16.539 10.534  -8.369  1.00   16.36 ? 150  TRP A CB  1 
ATOM   1154 C CG  . TRP A 1 150 ? -15.346 10.545  -9.316  1.00   16.45 ? 150  TRP A CG  1 
ATOM   1155 C CD1 . TRP A 1 150 ? -15.380 10.351  -10.663 1.00   18.37 ? 150  TRP A CD1 1 
ATOM   1156 C CD2 . TRP A 1 150 ? -13.967 10.733  -8.966  1.00   15.73 ? 150  TRP A CD2 1 
ATOM   1157 N NE1 . TRP A 1 150 ? -14.092 10.433  -11.183 1.00   19.55 ? 150  TRP A NE1 1 
ATOM   1158 C CE2 . TRP A 1 150 ? -13.218 10.663  -10.159 1.00   17.35 ? 150  TRP A CE2 1 
ATOM   1159 C CE3 . TRP A 1 150 ? -13.294 10.959  -7.767  1.00   17.38 ? 150  TRP A CE3 1 
ATOM   1160 C CZ2 . TRP A 1 150 ? -11.827 10.814  -10.170 1.00   18.08 ? 150  TRP A CZ2 1 
ATOM   1161 C CZ3 . TRP A 1 150 ? -11.916 11.135  -7.788  1.00   18.64 ? 150  TRP A CZ3 1 
ATOM   1162 C CH2 . TRP A 1 150 ? -11.201 11.032  -8.971  1.00   16.54 ? 150  TRP A CH2 1 
ATOM   1163 N N   . LEU A 1 151 ? -17.019 9.618   -5.217  1.00   14.16 ? 151  LEU A N   1 
ATOM   1164 C CA  . LEU A 1 151 ? -17.730 9.813   -3.958  1.00   14.00 ? 151  LEU A CA  1 
ATOM   1165 C C   . LEU A 1 151 ? -17.223 11.022  -3.181  1.00   13.89 ? 151  LEU A C   1 
ATOM   1166 O O   . LEU A 1 151 ? -16.032 11.301  -3.181  1.00   13.82 ? 151  LEU A O   1 
ATOM   1167 C CB  . LEU A 1 151 ? -17.521 8.594   -3.083  1.00   13.59 ? 151  LEU A CB  1 
ATOM   1168 C CG  . LEU A 1 151 ? -17.954 7.263   -3.698  1.00   14.76 ? 151  LEU A CG  1 
ATOM   1169 C CD1 . LEU A 1 151 ? -17.379 6.074   -2.901  1.00   17.84 ? 151  LEU A CD1 1 
ATOM   1170 C CD2 . LEU A 1 151 ? -19.459 7.189   -3.809  1.00   16.75 ? 151  LEU A CD2 1 
ATOM   1171 N N   . ALA A 1 152 ? -18.129 11.712  -2.496  1.00   14.20 ? 152  ALA A N   1 
ATOM   1172 C CA  . ALA A 1 152 ? -17.772 12.836  -1.643  1.00   15.23 ? 152  ALA A CA  1 
ATOM   1173 C C   . ALA A 1 152 ? -17.326 12.299  -0.288  1.00   15.98 ? 152  ALA A C   1 
ATOM   1174 O O   . ALA A 1 152 ? -18.077 11.572  0.361   1.00   15.03 ? 152  ALA A O   1 
ATOM   1175 C CB  . ALA A 1 152 ? -18.954 13.767  -1.472  1.00   15.68 ? 152  ALA A CB  1 
ATOM   1176 N N   . SER A 1 153 ? -16.117 12.680  0.138   1.00   17.16 ? 153  SER A N   1 
ATOM   1177 C CA  . SER A 1 153 ? -15.593 12.374  1.484   1.00   18.11 ? 153  SER A CA  1 
ATOM   1178 C C   . SER A 1 153 ? -16.109 13.309  2.561   1.00   18.40 ? 153  SER A C   1 
ATOM   1179 O O   . SER A 1 153 ? -16.292 14.483  2.311   1.00   17.90 ? 153  SER A O   1 
ATOM   1180 C CB  . SER A 1 153 ? -14.067 12.564  1.475   1.00   18.54 ? 153  SER A CB  1 
ATOM   1181 O OG  . SER A 1 153 ? -13.475 12.200  2.714   1.00   19.79 ? 153  SER A OG  1 
ATOM   1182 N N   . ARG A 1 154 ? -16.265 12.806  3.790   1.00   19.65 ? 154  ARG A N   1 
ATOM   1183 C CA  . ARG A 1 154 ? -16.514 13.703  4.919   1.00   21.76 ? 154  ARG A CA  1 
ATOM   1184 C C   . ARG A 1 154 ? -15.371 14.732  5.082   1.00   21.98 ? 154  ARG A C   1 
ATOM   1185 O O   . ARG A 1 154 ? -15.572 15.758  5.712   1.00   22.63 ? 154  ARG A O   1 
ATOM   1186 C CB  . ARG A 1 154 ? -16.810 12.920  6.229   1.00   22.31 ? 154  ARG A CB  1 
ATOM   1187 C CG  . ARG A 1 154 ? -15.742 11.980  6.717   1.00   24.85 ? 154  ARG A CG  1 
ATOM   1188 C CD  . ARG A 1 154 ? -16.099 11.350  8.075   1.00   27.12 ? 154  ARG A CD  1 
ATOM   1189 N NE  . ARG A 1 154 ? -17.402 10.666  8.060   1.00   31.73 ? 154  ARG A NE  1 
ATOM   1190 C CZ  . ARG A 1 154 ? -17.994 10.114  9.133   1.00   31.84 ? 154  ARG A CZ  1 
ATOM   1191 N NH1 . ARG A 1 154 ? -17.409 10.126  10.330  1.00   32.21 ? 154  ARG A NH1 1 
ATOM   1192 N NH2 . ARG A 1 154 ? -19.181 9.529   8.995   1.00   33.57 ? 154  ARG A NH2 1 
ATOM   1193 N N   . SER A 1 155 ? -14.196 14.476  4.504   1.00   22.36 ? 155  SER A N   1 
ATOM   1194 C CA  . SER A 1 155 ? -13.086 15.454  4.483   1.00   22.82 ? 155  SER A CA  1 
ATOM   1195 C C   . SER A 1 155 ? -13.266 16.577  3.460   1.00   23.09 ? 155  SER A C   1 
ATOM   1196 O O   . SER A 1 155 ? -12.493 17.531  3.460   1.00   24.64 ? 155  SER A O   1 
ATOM   1197 C CB  . SER A 1 155 ? -11.752 14.767  4.179   1.00   23.72 ? 155  SER A CB  1 
ATOM   1198 O OG  . SER A 1 155 ? -11.639 14.367  2.800   1.00   25.26 ? 155  SER A OG  1 
ATOM   1199 N N   . GLY A 1 156 ? -14.238 16.464  2.561   1.00   22.32 ? 156  GLY A N   1 
ATOM   1200 C CA  . GLY A 1 156 ? -14.424 17.456  1.512   1.00   21.73 ? 156  GLY A CA  1 
ATOM   1201 C C   . GLY A 1 156 ? -13.815 17.092  0.167   1.00   21.66 ? 156  GLY A C   1 
ATOM   1202 O O   . GLY A 1 156 ? -14.159 17.698  -0.850  1.00   23.64 ? 156  GLY A O   1 
ATOM   1203 N N   . LEU A 1 157 ? -12.942 16.094  0.133   1.00   20.57 ? 157  LEU A N   1 
ATOM   1204 C CA  . LEU A 1 157 ? -12.299 15.694  -1.124  1.00   19.47 ? 157  LEU A CA  1 
ATOM   1205 C C   . LEU A 1 157 ? -13.142 14.632  -1.822  1.00   18.90 ? 157  LEU A C   1 
ATOM   1206 O O   . LEU A 1 157 ? -13.877 13.908  -1.168  1.00   21.20 ? 157  LEU A O   1 
ATOM   1207 C CB  . LEU A 1 157 ? -10.896 15.132  -0.858  1.00   19.45 ? 157  LEU A CB  1 
ATOM   1208 C CG  . LEU A 1 157 ? -9.856  16.106  -0.297  1.00   20.04 ? 157  LEU A CG  1 
ATOM   1209 C CD1 . LEU A 1 157 ? -8.566  15.408  0.039   1.00   20.35 ? 157  LEU A CD1 1 
ATOM   1210 C CD2 . LEU A 1 157 ? -9.625  17.271  -1.298  1.00   21.81 ? 157  LEU A CD2 1 
ATOM   1211 N N   . ARG A 1 158 ? -13.049 14.550  -3.142  1.00   17.84 ? 158  ARG A N   1 
ATOM   1212 C CA  . ARG A 1 158 ? -13.670 13.438  -3.890  1.00   17.31 ? 158  ARG A CA  1 
ATOM   1213 C C   . ARG A 1 158 ? -12.675 12.327  -4.107  1.00   16.44 ? 158  ARG A C   1 
ATOM   1214 O O   . ARG A 1 158 ? -11.477 12.587  -4.298  1.00   13.67 ? 158  ARG A O   1 
ATOM   1215 C CB  . ARG A 1 158 ? -14.200 13.899  -5.230  1.00   17.48 ? 158  ARG A CB  1 
ATOM   1216 C CG  . ARG A 1 158 ? -15.130 15.028  -5.088  1.00   18.83 ? 158  ARG A CG  1 
ATOM   1217 C CD  . ARG A 1 158 ? -15.995 15.205  -6.277  1.00   24.53 ? 158  ARG A CD  1 
ATOM   1218 N NE  . ARG A 1 158 ? -15.422 16.045  -7.328  1.00   31.00 ? 158  ARG A NE  1 
ATOM   1219 C CZ  . ARG A 1 158 ? -15.294 15.691  -8.611  1.00   35.32 ? 158  ARG A CZ  1 
ATOM   1220 N NH1 . ARG A 1 158 ? -15.656 14.477  -9.045  1.00   37.70 ? 158  ARG A NH1 1 
ATOM   1221 N NH2 . ARG A 1 158 ? -14.787 16.569  -9.482  1.00   36.38 ? 158  ARG A NH2 1 
ATOM   1222 N N   . TYR A 1 159 ? -13.171 11.091  -4.071  1.00   14.57 ? 159  TYR A N   1 
ATOM   1223 C CA  . TYR A 1 159 ? -12.310 9.903   -4.250  1.00   14.73 ? 159  TYR A CA  1 
ATOM   1224 C C   . TYR A 1 159 ? -13.063 8.810   -4.978  1.00   14.27 ? 159  TYR A C   1 
ATOM   1225 O O   . TYR A 1 159 ? -14.288 8.815   -5.026  1.00   13.75 ? 159  TYR A O   1 
ATOM   1226 C CB  . TYR A 1 159 ? -11.847 9.405   -2.880  1.00   14.79 ? 159  TYR A CB  1 
ATOM   1227 C CG  . TYR A 1 159 ? -12.962 8.855   -2.002  1.00   14.95 ? 159  TYR A CG  1 
ATOM   1228 C CD1 . TYR A 1 159 ? -13.813 9.690   -1.308  1.00   13.68 ? 159  TYR A CD1 1 
ATOM   1229 C CD2 . TYR A 1 159 ? -13.153 7.471   -1.882  1.00   14.51 ? 159  TYR A CD2 1 
ATOM   1230 C CE1 . TYR A 1 159 ? -14.858 9.177   -0.533  1.00   14.64 ? 159  TYR A CE1 1 
ATOM   1231 C CE2 . TYR A 1 159 ? -14.137 6.960   -1.118  1.00   16.65 ? 159  TYR A CE2 1 
ATOM   1232 C CZ  . TYR A 1 159 ? -15.015 7.818   -0.451  1.00   14.94 ? 159  TYR A CZ  1 
ATOM   1233 O OH  . TYR A 1 159 ? -16.059 7.275   0.278   1.00   17.26 ? 159  TYR A OH  1 
ATOM   1234 N N   . ARG A 1 160 ? -12.341 7.856   -5.554  1.00   13.95 ? 160  ARG A N   1 
ATOM   1235 C CA  . ARG A 1 160 ? -13.002 6.677   -6.093  1.00   15.31 ? 160  ARG A CA  1 
ATOM   1236 C C   . ARG A 1 160 ? -12.116 5.469   -5.972  1.00   15.82 ? 160  ARG A C   1 
ATOM   1237 O O   . ARG A 1 160 ? -10.905 5.595   -5.867  1.00   13.77 ? 160  ARG A O   1 
ATOM   1238 C CB  . ARG A 1 160 ? -13.498 6.885   -7.518  1.00   16.95 ? 160  ARG A CB  1 
ATOM   1239 C CG  . ARG A 1 160 ? -12.450 6.937   -8.533  1.00   17.75 ? 160  ARG A CG  1 
ATOM   1240 C CD  . ARG A 1 160 ? -13.076 7.027   -9.922  1.00   18.93 ? 160  ARG A CD  1 
ATOM   1241 N NE  . ARG A 1 160 ? -12.035 7.455   -10.836 1.00   21.36 ? 160  ARG A NE  1 
ATOM   1242 C CZ  . ARG A 1 160 ? -12.173 7.619   -12.142 1.00   22.25 ? 160  ARG A CZ  1 
ATOM   1243 N NH1 . ARG A 1 160 ? -13.323 7.367   -12.754 1.00   23.21 ? 160  ARG A NH1 1 
ATOM   1244 N NH2 . ARG A 1 160 ? -11.128 8.019   -12.839 1.00   23.05 ? 160  ARG A NH2 1 
ATOM   1245 N N   . PHE A 1 161 ? -12.735 4.305   -6.003  1.00   14.62 ? 161  PHE A N   1 
ATOM   1246 C CA  . PHE A 1 161 ? -11.998 3.051   -5.858  1.00   16.18 ? 161  PHE A CA  1 
ATOM   1247 C C   . PHE A 1 161 ? -11.865 2.353   -7.207  1.00   16.27 ? 161  PHE A C   1 
ATOM   1248 O O   . PHE A 1 161 ? -12.831 2.298   -8.008  1.00   17.43 ? 161  PHE A O   1 
ATOM   1249 C CB  . PHE A 1 161 ? -12.695 2.118   -4.884  1.00   16.64 ? 161  PHE A CB  1 
ATOM   1250 C CG  . PHE A 1 161 ? -12.838 2.676   -3.484  1.00   16.10 ? 161  PHE A CG  1 
ATOM   1251 C CD1 . PHE A 1 161 ? -11.756 3.174   -2.790  1.00   17.72 ? 161  PHE A CD1 1 
ATOM   1252 C CD2 . PHE A 1 161 ? -14.066 2.618   -2.833  1.00   17.38 ? 161  PHE A CD2 1 
ATOM   1253 C CE1 . PHE A 1 161 ? -11.887 3.657   -1.498  1.00   18.71 ? 161  PHE A CE1 1 
ATOM   1254 C CE2 . PHE A 1 161 ? -14.207 3.114   -1.538  1.00   19.47 ? 161  PHE A CE2 1 
ATOM   1255 C CZ  . PHE A 1 161 ? -13.114 3.610   -0.864  1.00   18.83 ? 161  PHE A CZ  1 
ATOM   1256 N N   . HIS A 1 162 ? -10.679 1.789   -7.442  1.00   16.15 ? 162  HIS A N   1 
ATOM   1257 C CA  . HIS A 1 162 ? -10.418 0.940   -8.606  1.00   17.17 ? 162  HIS A CA  1 
ATOM   1258 C C   . HIS A 1 162 ? -9.945  -0.424  -8.131  1.00   17.76 ? 162  HIS A C   1 
ATOM   1259 O O   . HIS A 1 162 ? -9.203  -0.511  -7.162  1.00   17.52 ? 162  HIS A O   1 
ATOM   1260 C CB  . HIS A 1 162 ? -9.303  1.501   -9.455  1.00   17.05 ? 162  HIS A CB  1 
ATOM   1261 C CG  . HIS A 1 162 ? -9.503  2.907   -9.912  1.00   19.01 ? 162  HIS A CG  1 
ATOM   1262 N ND1 . HIS A 1 162 ? -9.853  3.229   -11.198 1.00   19.63 ? 162  HIS A ND1 1 
ATOM   1263 C CD2 . HIS A 1 162 ? -9.328  4.081   -9.266  1.00   20.29 ? 162  HIS A CD2 1 
ATOM   1264 C CE1 . HIS A 1 162 ? -9.923  4.542   -11.318 1.00   23.06 ? 162  HIS A CE1 1 
ATOM   1265 N NE2 . HIS A 1 162 ? -9.596  5.086   -10.162 1.00   19.19 ? 162  HIS A NE2 1 
ATOM   1266 N N   A SER A 1 163 ? -10.345 -1.486  -8.835  0.50   17.93 ? 163  SER A N   1 
ATOM   1267 N N   B SER A 1 163 ? -10.380 -1.472  -8.839  0.50   18.23 ? 163  SER A N   1 
ATOM   1268 C CA  A SER A 1 163 ? -9.889  -2.839  -8.510  0.50   18.47 ? 163  SER A CA  1 
ATOM   1269 C CA  B SER A 1 163 ? -9.965  -2.847  -8.581  0.50   19.02 ? 163  SER A CA  1 
ATOM   1270 C C   A SER A 1 163 ? -9.427  -3.519  -9.787  0.50   19.05 ? 163  SER A C   1 
ATOM   1271 C C   B SER A 1 163 ? -9.378  -3.373  -9.878  0.50   19.38 ? 163  SER A C   1 
ATOM   1272 O O   A SER A 1 163 ? -10.226 -3.745  -10.690 0.50   18.66 ? 163  SER A O   1 
ATOM   1273 O O   B SER A 1 163 ? -10.029 -3.299  -10.911 0.50   18.87 ? 163  SER A O   1 
ATOM   1274 C CB  A SER A 1 163 ? -11.004 -3.655  -7.858  0.50   18.73 ? 163  SER A CB  1 
ATOM   1275 C CB  B SER A 1 163 ? -11.166 -3.710  -8.195  0.50   19.53 ? 163  SER A CB  1 
ATOM   1276 O OG  A SER A 1 163 ? -10.656 -5.031  -7.754  0.50   18.48 ? 163  SER A OG  1 
ATOM   1277 O OG  B SER A 1 163 ? -11.609 -3.424  -6.881  0.50   21.94 ? 163  SER A OG  1 
ATOM   1278 N N   . TYR A 1 164 ? -8.134  -3.848  -9.834  1.00   19.76 ? 164  TYR A N   1 
ATOM   1279 C CA  . TYR A 1 164 ? -7.476  -4.415  -11.013 1.00   20.55 ? 164  TYR A CA  1 
ATOM   1280 C C   . TYR A 1 164 ? -7.034  -5.829  -10.719 1.00   20.79 ? 164  TYR A C   1 
ATOM   1281 O O   . TYR A 1 164 ? -6.615  -6.122  -9.608  1.00   18.74 ? 164  TYR A O   1 
ATOM   1282 C CB  . TYR A 1 164 ? -6.223  -3.636  -11.377 1.00   23.24 ? 164  TYR A CB  1 
ATOM   1283 C CG  . TYR A 1 164 ? -6.456  -2.229  -11.787 1.00   24.57 ? 164  TYR A CG  1 
ATOM   1284 C CD1 . TYR A 1 164 ? -6.683  -1.903  -13.108 1.00   24.67 ? 164  TYR A CD1 1 
ATOM   1285 C CD2 . TYR A 1 164 ? -6.426  -1.205  -10.847 1.00   25.97 ? 164  TYR A CD2 1 
ATOM   1286 C CE1 . TYR A 1 164 ? -6.903  -0.585  -13.485 1.00   27.12 ? 164  TYR A CE1 1 
ATOM   1287 C CE2 . TYR A 1 164 ? -6.635  0.098   -11.215 1.00   27.52 ? 164  TYR A CE2 1 
ATOM   1288 C CZ  . TYR A 1 164 ? -6.873  0.403   -12.523 1.00   26.90 ? 164  TYR A CZ  1 
ATOM   1289 O OH  . TYR A 1 164 ? -7.081  1.721   -12.860 1.00   29.99 ? 164  TYR A OH  1 
ATOM   1290 N N   . ARG A 1 165 ? -7.110  -6.687  -11.734 1.00   20.28 ? 165  ARG A N   1 
ATOM   1291 C CA  . ARG A 1 165 ? -6.711  -8.072  -11.607 1.00   21.80 ? 165  ARG A CA  1 
ATOM   1292 C C   . ARG A 1 165 ? -5.995  -8.536  -12.872 1.00   20.81 ? 165  ARG A C   1 
ATOM   1293 O O   . ARG A 1 165 ? -6.179  -7.982  -13.947 1.00   18.71 ? 165  ARG A O   1 
ATOM   1294 C CB  . ARG A 1 165 ? -7.928  -8.957  -11.330 1.00   22.63 ? 165  ARG A CB  1 
ATOM   1295 C CG  . ARG A 1 165 ? -8.639  -8.686  -10.004 1.00   25.03 ? 165  ARG A CG  1 
ATOM   1296 C CD  . ARG A 1 165 ? -10.007 -9.364  -9.942  1.00   28.39 ? 165  ARG A CD  1 
ATOM   1297 N NE  . ARG A 1 165 ? -10.782 -8.861  -8.799  1.00   32.36 ? 165  ARG A NE  1 
ATOM   1298 C CZ  . ARG A 1 165 ? -10.683 -9.336  -7.557  1.00   35.50 ? 165  ARG A CZ  1 
ATOM   1299 N NH1 . ARG A 1 165 ? -9.866  -10.355 -7.284  1.00   36.60 ? 165  ARG A NH1 1 
ATOM   1300 N NH2 . ARG A 1 165 ? -11.415 -8.788  -6.597  1.00   35.92 ? 165  ARG A NH2 1 
ATOM   1301 N N   . ARG A 1 166 ? -5.138  -9.527  -12.719 1.00   21.10 ? 166  ARG A N   1 
ATOM   1302 C CA  . ARG A 1 166 ? -4.612  -10.237 -13.885 1.00   21.98 ? 166  ARG A CA  1 
ATOM   1303 C C   . ARG A 1 166 ? -4.288  -11.685 -13.574 1.00   22.20 ? 166  ARG A C   1 
ATOM   1304 O O   . ARG A 1 166 ? -4.161  -12.054 -12.414 1.00   22.24 ? 166  ARG A O   1 
ATOM   1305 C CB  . ARG A 1 166 ? -3.388  -9.516  -14.438 1.00   21.99 ? 166  ARG A CB  1 
ATOM   1306 C CG  . ARG A 1 166 ? -2.217  -9.490  -13.514 1.00   22.48 ? 166  ARG A CG  1 
ATOM   1307 C CD  . ARG A 1 166 ? -1.083  -8.734  -14.139 1.00   22.01 ? 166  ARG A CD  1 
ATOM   1308 N NE  . ARG A 1 166 ? 0.064   -8.746  -13.249 1.00   21.80 ? 166  ARG A NE  1 
ATOM   1309 C CZ  . ARG A 1 166 ? 1.232   -8.166  -13.510 1.00   21.74 ? 166  ARG A CZ  1 
ATOM   1310 N NH1 . ARG A 1 166 ? 1.465   -7.577  -14.678 1.00   23.56 ? 166  ARG A NH1 1 
ATOM   1311 N NH2 . ARG A 1 166 ? 2.194   -8.225  -12.601 1.00   22.67 ? 166  ARG A NH2 1 
ATOM   1312 N N   . ASP A 1 167 ? -4.163  -12.519 -14.487 1.00   24.02 ? 167  ASP A N   1 
HETATM 1313 N N2  . VG9 B 2 .   ? -5.307  2.819   0.182   1.00   13.66 ? 1168 VG9 A N2  1 
HETATM 1314 C C2  . VG9 B 2 .   ? -4.265  2.881   1.040   1.00   14.51 ? 1168 VG9 A C2  1 
HETATM 1315 N N3  . VG9 B 2 .   ? -3.249  1.983   0.966   1.00   12.63 ? 1168 VG9 A N3  1 
HETATM 1316 C C4  . VG9 B 2 .   ? -2.211  2.028   1.810   1.00   12.66 ? 1168 VG9 A C4  1 
HETATM 1317 N N4  . VG9 B 2 .   ? -1.246  1.137   1.535   1.00   11.14 ? 1168 VG9 A N4  1 
HETATM 1318 N N1  . VG9 B 2 .   ? -4.265  3.855   1.974   1.00   13.86 ? 1168 VG9 A N1  1 
HETATM 1319 C C8A . VG9 B 2 .   ? -3.278  3.883   2.889   1.00   14.50 ? 1168 VG9 A C8A 1 
HETATM 1320 N N8  . VG9 B 2 .   ? -3.356  4.840   3.834   1.00   16.75 ? 1168 VG9 A N8  1 
HETATM 1321 C C7  . VG9 B 2 .   ? -2.411  4.951   4.783   1.00   15.87 ? 1168 VG9 A C7  1 
HETATM 1322 C C6  . VG9 B 2 .   ? -1.324  4.107   4.852   1.00   15.12 ? 1168 VG9 A C6  1 
HETATM 1323 C C5  . VG9 B 2 .   ? -1.212  3.102   3.866   1.00   14.27 ? 1168 VG9 A C5  1 
HETATM 1324 C C5A . VG9 B 2 .   ? -0.046  2.161   3.957   1.00   14.56 ? 1168 VG9 A C5A 1 
HETATM 1325 C C4A . VG9 B 2 .   ? -2.206  2.985   2.862   1.00   13.23 ? 1168 VG9 A C4A 1 
HETATM 1326 C C9  . VG9 B 2 .   ? -0.265  4.295   5.954   1.00   16.42 ? 1168 VG9 A C9  1 
HETATM 1327 N N10 . VG9 B 2 .   ? -0.797  5.125   7.053   1.00   25.07 ? 1168 VG9 A N10 1 
HETATM 1328 C C11 . VG9 B 2 .   ? -1.747  4.739   7.950   1.00   28.02 ? 1168 VG9 A C11 1 
HETATM 1329 C C12 . VG9 B 2 .   ? -2.295  5.720   8.777   1.00   30.98 ? 1168 VG9 A C12 1 
HETATM 1330 O O2  . VG9 B 2 .   ? -1.891  7.035   8.668   1.00   33.72 ? 1168 VG9 A O2  1 
HETATM 1331 C C21 . VG9 B 2 .   ? -2.561  8.052   9.390   0.0000 37.59 ? 1168 VG9 A C21 1 
HETATM 1332 C C22 . VG9 B 2 .   ? -1.955  9.377   8.960   0.0000 39.30 ? 1168 VG9 A C22 1 
HETATM 1333 C C13 . VG9 B 2 .   ? -3.278  5.394   9.695   1.00   30.26 ? 1168 VG9 A C13 1 
HETATM 1334 C C14 . VG9 B 2 .   ? -3.704  4.086   9.850   1.00   30.37 ? 1168 VG9 A C14 1 
HETATM 1335 C C15 . VG9 B 2 .   ? -3.181  3.094   9.042   1.00   31.24 ? 1168 VG9 A C15 1 
HETATM 1336 C C16 . VG9 B 2 .   ? -2.200  3.423   8.098   1.00   29.29 ? 1168 VG9 A C16 1 
HETATM 1337 O O5  . VG9 B 2 .   ? -3.606  1.795   9.165   1.00   32.32 ? 1168 VG9 A O5  1 
HETATM 1338 C C51 . VG9 B 2 .   ? -4.493  1.331   10.197  1.00   34.33 ? 1168 VG9 A C51 1 
HETATM 1339 C C52 . VG9 B 2 .   ? -4.645  -0.174  10.131  1.00   33.74 ? 1168 VG9 A C52 1 
HETATM 1340 P PA  . NDP C 3 .   ? 9.543   2.457   0.798   1.00   11.94 ? 1169 NDP A PA  1 
HETATM 1341 O O1A . NDP C 3 .   ? 9.296   1.816   -0.508  1.00   12.14 ? 1169 NDP A O1A 1 
HETATM 1342 O O2A . NDP C 3 .   ? 8.490   2.343   1.837   1.00   13.46 ? 1169 NDP A O2A 1 
HETATM 1343 O O5B . NDP C 3 .   ? 10.897  1.968   1.496   1.00   12.57 ? 1169 NDP A O5B 1 
HETATM 1344 C C5B . NDP C 3 .   ? 12.071  2.024   0.722   1.00   11.09 ? 1169 NDP A C5B 1 
HETATM 1345 C C4B . NDP C 3 .   ? 13.137  1.203   1.454   1.00   12.00 ? 1169 NDP A C4B 1 
HETATM 1346 O O4B . NDP C 3 .   ? 12.863  -0.165  1.155   1.00   14.73 ? 1169 NDP A O4B 1 
HETATM 1347 C C3B . NDP C 3 .   ? 14.608  1.420   1.072   1.00   13.60 ? 1169 NDP A C3B 1 
HETATM 1348 O O3B . NDP C 3 .   ? 15.098  2.551   1.803   1.00   17.64 ? 1169 NDP A O3B 1 
HETATM 1349 C C2B . NDP C 3 .   ? 15.150  0.088   1.545   1.00   13.52 ? 1169 NDP A C2B 1 
HETATM 1350 O O2B . NDP C 3 .   ? 15.286  0.023   2.958   1.00   13.76 ? 1169 NDP A O2B 1 
HETATM 1351 C C1B . NDP C 3 .   ? 14.041  -0.907  1.139   1.00   16.62 ? 1169 NDP A C1B 1 
HETATM 1352 N N9A . NDP C 3 .   ? 14.286  -1.444  -0.206  1.00   15.55 ? 1169 NDP A N9A 1 
HETATM 1353 C C8A . NDP C 3 .   ? 14.068  -0.826  -1.405  1.00   19.88 ? 1169 NDP A C8A 1 
HETATM 1354 N N7A . NDP C 3 .   ? 14.459  -1.661  -2.392  1.00   19.72 ? 1169 NDP A N7A 1 
HETATM 1355 C C5A . NDP C 3 .   ? 14.919  -2.803  -1.814  1.00   17.94 ? 1169 NDP A C5A 1 
HETATM 1356 C C6A . NDP C 3 .   ? 15.413  -3.969  -2.326  1.00   20.13 ? 1169 NDP A C6A 1 
HETATM 1357 N N6A . NDP C 3 .   ? 15.617  -4.070  -3.656  1.00   24.25 ? 1169 NDP A N6A 1 
HETATM 1358 N N1A . NDP C 3 .   ? 15.798  -4.972  -1.479  1.00   19.88 ? 1169 NDP A N1A 1 
HETATM 1359 C C2A . NDP C 3 .   ? 15.663  -4.830  -0.116  1.00   19.56 ? 1169 NDP A C2A 1 
HETATM 1360 N N3A . NDP C 3 .   ? 15.157  -3.646  0.381   1.00   15.01 ? 1169 NDP A N3A 1 
HETATM 1361 C C4A . NDP C 3 .   ? 14.792  -2.675  -0.445  1.00   16.19 ? 1169 NDP A C4A 1 
HETATM 1362 O O3  . NDP C 3 .   ? 9.886   4.040   0.669   1.00   13.40 ? 1169 NDP A O3  1 
HETATM 1363 P PN  . NDP C 3 .   ? 9.424   5.173   -0.358  1.00   16.48 ? 1169 NDP A PN  1 
HETATM 1364 O O1N . NDP C 3 .   ? 9.544   4.773   -1.752  1.00   17.44 ? 1169 NDP A O1N 1 
HETATM 1365 O O2N . NDP C 3 .   ? 10.138  6.426   0.085   1.00   19.34 ? 1169 NDP A O2N 1 
HETATM 1366 O O5D . NDP C 3 .   ? 7.905   5.394   0.071   1.00   14.94 ? 1169 NDP A O5D 1 
HETATM 1367 C C5D . NDP C 3 .   ? 7.438   5.871   1.329   1.00   13.55 ? 1169 NDP A C5D 1 
HETATM 1368 C C4D . NDP C 3 .   ? 6.511   7.050   1.097   1.00   17.42 ? 1169 NDP A C4D 1 
HETATM 1369 O O4D . NDP C 3 .   ? 5.269   6.529   0.578   1.00   16.59 ? 1169 NDP A O4D 1 
HETATM 1370 C C3D . NDP C 3 .   ? 6.097   7.856   2.319   1.00   17.25 ? 1169 NDP A C3D 1 
HETATM 1371 O O3D . NDP C 3 .   ? 5.876   9.200   1.918   1.00   19.84 ? 1169 NDP A O3D 1 
HETATM 1372 C C2D . NDP C 3 .   ? 4.770   7.244   2.771   1.00   17.51 ? 1169 NDP A C2D 1 
HETATM 1373 O O2D . NDP C 3 .   ? 4.005   8.111   3.541   1.00   20.78 ? 1169 NDP A O2D 1 
HETATM 1374 C C1D . NDP C 3 .   ? 4.193   6.938   1.404   1.00   14.95 ? 1169 NDP A C1D 1 
HETATM 1375 N N1N . NDP C 3 .   ? 3.156   5.896   1.453   1.00   13.87 ? 1169 NDP A N1N 1 
HETATM 1376 C C2N . NDP C 3 .   ? 1.994   6.148   0.814   1.00   12.65 ? 1169 NDP A C2N 1 
HETATM 1377 C C3N . NDP C 3 .   ? 1.005   5.202   0.769   1.00   11.84 ? 1169 NDP A C3N 1 
HETATM 1378 C C7N . NDP C 3 .   ? -0.208  5.511   0.003   1.00   13.41 ? 1169 NDP A C7N 1 
HETATM 1379 O O7N . NDP C 3 .   ? -0.994  4.468   -0.331  1.00   12.86 ? 1169 NDP A O7N 1 
HETATM 1380 N N7N . NDP C 3 .   ? -0.498  6.751   -0.340  1.00   12.04 ? 1169 NDP A N7N 1 
HETATM 1381 C C4N . NDP C 3 .   ? 1.223   3.778   1.168   1.00   11.38 ? 1169 NDP A C4N 1 
HETATM 1382 C C5N . NDP C 3 .   ? 2.521   3.614   1.824   1.00   14.17 ? 1169 NDP A C5N 1 
HETATM 1383 C C6N . NDP C 3 .   ? 3.430   4.640   1.923   1.00   12.87 ? 1169 NDP A C6N 1 
HETATM 1384 P P2B . NDP C 3 .   ? 16.780  0.250   3.670   1.00   15.86 ? 1169 NDP A P2B 1 
HETATM 1385 O O1X . NDP C 3 .   ? 17.054  1.681   3.299   1.00   18.18 ? 1169 NDP A O1X 1 
HETATM 1386 O O2X . NDP C 3 .   ? 16.522  0.015   5.112   1.00   15.21 ? 1169 NDP A O2X 1 
HETATM 1387 O O3X . NDP C 3 .   ? 17.760  -0.693  3.034   1.00   16.95 ? 1169 NDP A O3X 1 
HETATM 1388 O O   . HOH D 4 .   ? 22.152  -0.675  1.614   1.00   44.70 ? 2001 HOH A O   1 
HETATM 1389 O O   . HOH D 4 .   ? -3.981  -10.395 -2.200  1.00   30.70 ? 2002 HOH A O   1 
HETATM 1390 O O   . HOH D 4 .   ? 0.248   -13.275 -7.146  1.00   37.59 ? 2003 HOH A O   1 
HETATM 1391 O O   . HOH D 4 .   ? -0.681  7.440   -11.677 1.00   46.68 ? 2004 HOH A O   1 
HETATM 1392 O O   . HOH D 4 .   ? 10.009  8.719   4.346   1.00   51.62 ? 2005 HOH A O   1 
HETATM 1393 O O   . HOH D 4 .   ? -4.100  15.201  -8.628  1.00   33.17 ? 2006 HOH A O   1 
HETATM 1394 O O   . HOH D 4 .   ? -1.216  9.863   -12.793 1.00   47.21 ? 2007 HOH A O   1 
HETATM 1395 O O   . HOH D 4 .   ? -15.096 0.676   2.675   1.00   41.11 ? 2008 HOH A O   1 
HETATM 1396 O O   . HOH D 4 .   ? -16.174 4.561   5.256   1.00   59.74 ? 2009 HOH A O   1 
HETATM 1397 O O   . HOH D 4 .   ? -16.841 6.275   8.894   1.00   66.53 ? 2010 HOH A O   1 
HETATM 1398 O O   . HOH D 4 .   ? 3.025   15.236  3.778   1.00   44.56 ? 2011 HOH A O   1 
HETATM 1399 O O   . HOH D 4 .   ? 8.699   15.084  -0.522  1.00   32.82 ? 2012 HOH A O   1 
HETATM 1400 O O   . HOH D 4 .   ? 8.448   9.302   7.565   1.00   40.64 ? 2013 HOH A O   1 
HETATM 1401 O O   . HOH D 4 .   ? 3.268   15.838  6.680   1.00   37.49 ? 2014 HOH A O   1 
HETATM 1402 O O   . HOH D 4 .   ? 6.130   15.200  7.156   1.00   40.50 ? 2015 HOH A O   1 
HETATM 1403 O O   . HOH D 4 .   ? 6.258   8.032   17.729  1.00   51.54 ? 2016 HOH A O   1 
HETATM 1404 O O   . HOH D 4 .   ? -0.187  12.477  6.789   1.00   29.18 ? 2017 HOH A O   1 
HETATM 1405 O O   . HOH D 4 .   ? 1.417   10.026  7.014   1.00   36.00 ? 2018 HOH A O   1 
HETATM 1406 O O   . HOH D 4 .   ? 1.849   -2.170  19.506  1.00   56.01 ? 2019 HOH A O   1 
HETATM 1407 O O   . HOH D 4 .   ? -1.276  18.302  0.808   1.00   47.00 ? 2020 HOH A O   1 
HETATM 1408 O O   . HOH D 4 .   ? -3.321  12.466  7.065   1.00   37.58 ? 2021 HOH A O   1 
HETATM 1409 O O   . HOH D 4 .   ? -6.751  16.316  3.275   1.00   35.44 ? 2022 HOH A O   1 
HETATM 1410 O O   . HOH D 4 .   ? -7.190  9.973   7.545   1.00   52.28 ? 2023 HOH A O   1 
HETATM 1411 O O   . HOH D 4 .   ? -6.066  9.332   4.781   1.00   26.22 ? 2024 HOH A O   1 
HETATM 1412 O O   . HOH D 4 .   ? -11.236 6.066   8.948   1.00   44.85 ? 2025 HOH A O   1 
HETATM 1413 O O   . HOH D 4 .   ? 18.158  1.150   11.747  1.00   43.81 ? 2026 HOH A O   1 
HETATM 1414 O O   . HOH D 4 .   ? -14.706 3.403   2.654   1.00   24.90 ? 2027 HOH A O   1 
HETATM 1415 O O   . HOH D 4 .   ? -18.529 8.655   3.610   1.00   38.67 ? 2028 HOH A O   1 
HETATM 1416 O O   . HOH D 4 .   ? 17.819  -8.361  14.432  1.00   41.73 ? 2029 HOH A O   1 
HETATM 1417 O O   . HOH D 4 .   ? -4.866  7.648   2.980   1.00   21.35 ? 2030 HOH A O   1 
HETATM 1418 O O   . HOH D 4 .   ? -12.680 -1.470  7.504   1.00   49.06 ? 2031 HOH A O   1 
HETATM 1419 O O   . HOH D 4 .   ? -14.878 6.317   6.838   1.00   46.89 ? 2032 HOH A O   1 
HETATM 1420 O O   . HOH D 4 .   ? -13.395 2.250   9.850   1.00   50.49 ? 2033 HOH A O   1 
HETATM 1421 O O   . HOH D 4 .   ? -9.774  0.034   -3.398  1.00   40.37 ? 2034 HOH A O   1 
HETATM 1422 O O   . HOH D 4 .   ? -9.997  -8.291  5.554   1.00   47.41 ? 2035 HOH A O   1 
HETATM 1423 O O   . HOH D 4 .   ? -8.823  -8.580  1.301   1.00   28.43 ? 2036 HOH A O   1 
HETATM 1424 O O   . HOH D 4 .   ? 8.617   5.378   -8.245  1.00   33.57 ? 2037 HOH A O   1 
HETATM 1425 O O   . HOH D 4 .   ? 12.391  -2.201  -8.630  1.00   37.31 ? 2038 HOH A O   1 
HETATM 1426 O O   . HOH D 4 .   ? 12.577  2.111   -7.194  1.00   46.87 ? 2039 HOH A O   1 
HETATM 1427 O O   . HOH D 4 .   ? 14.851  7.557   5.780   1.00   49.22 ? 2040 HOH A O   1 
HETATM 1428 O O   . HOH D 4 .   ? 16.725  7.052   3.981   1.00   56.40 ? 2041 HOH A O   1 
HETATM 1429 O O   . HOH D 4 .   ? 9.860   7.286   6.587   1.00   27.86 ? 2042 HOH A O   1 
HETATM 1430 O O   . HOH D 4 .   ? 9.856   9.075   -8.010  1.00   49.89 ? 2043 HOH A O   1 
HETATM 1431 O O   . HOH D 4 .   ? 13.041  2.524   13.119  1.00   37.13 ? 2044 HOH A O   1 
HETATM 1432 O O   . HOH D 4 .   ? 12.382  6.913   7.313   1.00   34.68 ? 2045 HOH A O   1 
HETATM 1433 O O   . HOH D 4 .   ? 9.111   6.223   13.158  1.00   46.05 ? 2046 HOH A O   1 
HETATM 1434 O O   . HOH D 4 .   ? -17.231 2.426   -4.579  1.00   33.55 ? 2047 HOH A O   1 
HETATM 1435 O O   . HOH D 4 .   ? 2.801   6.525   5.387   1.00   31.29 ? 2048 HOH A O   1 
HETATM 1436 O O   . HOH D 4 .   ? 5.327   8.497   12.629  1.00   46.96 ? 2049 HOH A O   1 
HETATM 1437 O O   . HOH D 4 .   ? -17.644 2.671   -1.293  1.00   42.84 ? 2050 HOH A O   1 
HETATM 1438 O O   . HOH D 4 .   ? 3.804   8.174   16.122  1.00   63.02 ? 2051 HOH A O   1 
HETATM 1439 O O   . HOH D 4 .   ? -0.319  0.965   19.822  1.00   47.44 ? 2052 HOH A O   1 
HETATM 1440 O O   . HOH D 4 .   ? 0.897   7.707   16.784  1.00   36.72 ? 2053 HOH A O   1 
HETATM 1441 O O   . HOH D 4 .   ? -2.731  -0.147  17.379  1.00   48.54 ? 2054 HOH A O   1 
HETATM 1442 O O   . HOH D 4 .   ? 10.836  3.721   14.067  1.00   55.45 ? 2055 HOH A O   1 
HETATM 1443 O O   . HOH D 4 .   ? 0.024   -1.785  17.418  1.00   44.23 ? 2056 HOH A O   1 
HETATM 1444 O O   . HOH D 4 .   ? 0.536   -6.869  14.599  1.00   33.10 ? 2057 HOH A O   1 
HETATM 1445 O O   . HOH D 4 .   ? -1.956  -7.891  16.356  1.00   40.12 ? 2058 HOH A O   1 
HETATM 1446 O O   . HOH D 4 .   ? -1.814  -12.477 9.401   1.00   53.47 ? 2059 HOH A O   1 
HETATM 1447 O O   . HOH D 4 .   ? 5.537   -10.265 11.687  1.00   42.10 ? 2060 HOH A O   1 
HETATM 1448 O O   . HOH D 4 .   ? 3.473   -8.770  12.900  1.00   28.65 ? 2061 HOH A O   1 
HETATM 1449 O O   . HOH D 4 .   ? 17.510  -7.366  5.135   1.00   47.30 ? 2062 HOH A O   1 
HETATM 1450 O O   . HOH D 4 .   ? 16.802  3.212   9.589   1.00   62.16 ? 2063 HOH A O   1 
HETATM 1451 O O   . HOH D 4 .   ? 22.450  -0.851  9.415   1.00   43.87 ? 2064 HOH A O   1 
HETATM 1452 O O   . HOH D 4 .   ? 16.491  -7.846  12.000  1.00   35.94 ? 2065 HOH A O   1 
HETATM 1453 O O   . HOH D 4 .   ? 11.866  0.205   13.773  1.00   27.04 ? 2066 HOH A O   1 
HETATM 1454 O O   . HOH D 4 .   ? 17.015  -0.673  13.415  1.00   35.83 ? 2067 HOH A O   1 
HETATM 1455 O O   . HOH D 4 .   ? 12.507  -6.993  13.950  1.00   40.43 ? 2068 HOH A O   1 
HETATM 1456 O O   . HOH D 4 .   ? 7.208   -1.361  16.751  1.00   55.28 ? 2069 HOH A O   1 
HETATM 1457 O O   . HOH D 4 .   ? 10.942  -0.836  16.084  1.00   35.44 ? 2070 HOH A O   1 
HETATM 1458 O O   . HOH D 4 .   ? 12.275  -11.373 10.557  1.00   57.96 ? 2071 HOH A O   1 
HETATM 1459 O O   . HOH D 4 .   ? 13.100  -9.615  12.252  1.00   46.42 ? 2072 HOH A O   1 
HETATM 1460 O O   . HOH D 4 .   ? 14.811  -12.286 7.592   1.00   57.37 ? 2073 HOH A O   1 
HETATM 1461 O O   . HOH D 4 .   ? 18.716  -7.413  0.722   1.00   48.04 ? 2074 HOH A O   1 
HETATM 1462 O O   . HOH D 4 .   ? 13.389  -8.358  -3.873  1.00   40.04 ? 2075 HOH A O   1 
HETATM 1463 O O   . HOH D 4 .   ? 3.082   -15.911 -0.455  1.00   44.72 ? 2076 HOH A O   1 
HETATM 1464 O O   . HOH D 4 .   ? 1.229   -17.051 0.955   1.00   45.14 ? 2077 HOH A O   1 
HETATM 1465 O O   . HOH D 4 .   ? -6.904  -15.139 -2.554  1.00   57.26 ? 2078 HOH A O   1 
HETATM 1466 O O   . HOH D 4 .   ? 6.079   3.160   -7.301  1.00   25.13 ? 2079 HOH A O   1 
HETATM 1467 O O   . HOH D 4 .   ? 12.211  -0.378  -6.461  1.00   22.10 ? 2080 HOH A O   1 
HETATM 1468 O O   . HOH D 4 .   ? 12.652  6.109   -5.004  1.00   57.84 ? 2081 HOH A O   1 
HETATM 1469 O O   . HOH D 4 .   ? 16.487  1.861   -2.685  1.00   50.06 ? 2082 HOH A O   1 
HETATM 1470 O O   . HOH D 4 .   ? 8.489   -3.124  -11.636 1.00   33.28 ? 2083 HOH A O   1 
HETATM 1471 O O   . HOH D 4 .   ? 10.978  -8.346  -7.284  1.00   40.59 ? 2084 HOH A O   1 
HETATM 1472 O O   . HOH D 4 .   ? 2.824   -14.020 -7.601  1.00   44.49 ? 2085 HOH A O   1 
HETATM 1473 O O   . HOH D 4 .   ? -6.767  -11.090 -2.722  1.00   39.74 ? 2086 HOH A O   1 
HETATM 1474 O O   . HOH D 4 .   ? -7.000  1.427   -2.006  1.00   20.81 ? 2087 HOH A O   1 
HETATM 1475 O O   . HOH D 4 .   ? -11.658 16.836  -4.439  1.00   23.20 ? 2088 HOH A O   1 
HETATM 1476 O O   . HOH D 4 .   ? -7.127  20.154  -3.960  1.00   40.28 ? 2089 HOH A O   1 
HETATM 1477 O O   . HOH D 4 .   ? 1.367   20.453  -5.304  1.00   34.32 ? 2090 HOH A O   1 
HETATM 1478 O O   . HOH D 4 .   ? 15.202  17.350  -5.394  1.00   35.67 ? 2091 HOH A O   1 
HETATM 1479 O O   . HOH D 4 .   ? 8.151   16.049  -2.609  1.00   49.28 ? 2092 HOH A O   1 
HETATM 1480 O O   . HOH D 4 .   ? 8.688   7.373   -6.339  1.00   24.36 ? 2093 HOH A O   1 
HETATM 1481 O O   . HOH D 4 .   ? 6.453   4.568   -9.564  1.00   50.00 ? 2094 HOH A O   1 
HETATM 1482 O O   . HOH D 4 .   ? 2.417   7.719   -11.027 1.00   48.46 ? 2095 HOH A O   1 
HETATM 1483 O O   . HOH D 4 .   ? -0.979  4.593   -11.006 1.00   23.91 ? 2096 HOH A O   1 
HETATM 1484 O O   . HOH D 4 .   ? 5.857   3.347   -12.738 1.00   53.72 ? 2097 HOH A O   1 
HETATM 1485 O O   . HOH D 4 .   ? -1.033  3.403   -14.933 1.00   58.31 ? 2098 HOH A O   1 
HETATM 1486 O O   . HOH D 4 .   ? -4.337  1.387   -16.328 1.00   57.08 ? 2099 HOH A O   1 
HETATM 1487 O O   . HOH D 4 .   ? 2.365   -3.491  -14.495 1.00   49.22 ? 2100 HOH A O   1 
HETATM 1488 O O   . HOH D 4 .   ? -15.578 -0.272  -14.536 1.00   42.94 ? 2101 HOH A O   1 
HETATM 1489 O O   . HOH D 4 .   ? -16.084 6.617   -11.795 1.00   33.68 ? 2102 HOH A O   1 
HETATM 1490 O O   . HOH D 4 .   ? -22.603 4.881   -4.907  1.00   36.47 ? 2103 HOH A O   1 
HETATM 1491 O O   . HOH D 4 .   ? -19.021 2.662   -6.887  1.00   48.67 ? 2104 HOH A O   1 
HETATM 1492 O O   . HOH D 4 .   ? -15.609 4.296   -5.965  1.00   17.59 ? 2105 HOH A O   1 
HETATM 1493 O O   . HOH D 4 .   ? -18.701 8.743   -10.933 1.00   32.15 ? 2106 HOH A O   1 
HETATM 1494 O O   . HOH D 4 .   ? -20.343 10.303  -8.547  1.00   29.15 ? 2107 HOH A O   1 
HETATM 1495 O O   . HOH D 4 .   ? -12.861 10.858  -13.975 1.00   48.70 ? 2108 HOH A O   1 
HETATM 1496 O O   . HOH D 4 .   ? -19.977 12.094  2.493   1.00   44.44 ? 2109 HOH A O   1 
HETATM 1497 O O   . HOH D 4 .   ? -13.587 12.362  9.813   1.00   64.39 ? 2110 HOH A O   1 
HETATM 1498 O O   . HOH D 4 .   ? -12.647 18.733  -3.134  1.00   38.63 ? 2111 HOH A O   1 
HETATM 1499 O O   . HOH D 4 .   ? -16.560 16.348  -1.658  1.00   48.70 ? 2112 HOH A O   1 
HETATM 1500 O O   . HOH D 4 .   ? -12.918 14.384  -10.030 1.00   53.78 ? 2113 HOH A O   1 
HETATM 1501 O O   . HOH D 4 .   ? -18.112 8.884   0.957   1.00   29.81 ? 2114 HOH A O   1 
HETATM 1502 O O   . HOH D 4 .   ? -16.487 4.641   0.723   1.00   22.85 ? 2115 HOH A O   1 
HETATM 1503 O O   . HOH D 4 .   ? -13.565 8.205   -15.884 1.00   53.16 ? 2116 HOH A O   1 
HETATM 1504 O O   . HOH D 4 .   ? -14.157 -0.976  -7.739  1.00   59.81 ? 2117 HOH A O   1 
HETATM 1505 O O   . HOH D 4 .   ? -11.371 -6.356  -10.531 1.00   53.48 ? 2118 HOH A O   1 
HETATM 1506 O O   . HOH D 4 .   ? -8.379  -6.603  -7.570  1.00   41.43 ? 2119 HOH A O   1 
HETATM 1507 O O   . HOH D 4 .   ? 1.201   7.542   7.442   1.00   41.28 ? 2120 HOH A O   1 
HETATM 1508 O O   . HOH D 4 .   ? 7.730   10.973  1.075   1.00   26.51 ? 2121 HOH A O   1 
HETATM 1509 O O   . HOH D 4 .   ? 14.449  -0.848  -5.020  1.00   29.74 ? 2122 HOH A O   1 
HETATM 1510 O O   . HOH D 4 .   ? 10.246  6.627   -3.881  1.00   32.88 ? 2123 HOH A O   1 
HETATM 1511 O O   . HOH D 4 .   ? 19.269  0.093   0.962   1.00   35.93 ? 2124 HOH A O   1 
HETATM 1512 O O   . HOH D 4 .   ? 9.794   8.477   1.862   1.00   39.49 ? 2125 HOH A O   1 
HETATM 1513 O O   . HOH D 4 .   ? 17.023  -7.366  -2.164  1.00   47.32 ? 2126 HOH A O   1 
# 
loop_
_pdbx_poly_seq_scheme.asym_id 
_pdbx_poly_seq_scheme.entity_id 
_pdbx_poly_seq_scheme.seq_id 
_pdbx_poly_seq_scheme.mon_id 
_pdbx_poly_seq_scheme.ndb_seq_num 
_pdbx_poly_seq_scheme.pdb_seq_num 
_pdbx_poly_seq_scheme.auth_seq_num 
_pdbx_poly_seq_scheme.pdb_mon_id 
_pdbx_poly_seq_scheme.auth_mon_id 
_pdbx_poly_seq_scheme.pdb_strand_id 
_pdbx_poly_seq_scheme.pdb_ins_code 
_pdbx_poly_seq_scheme.hetero 
A 1 1   MET 1   1   ?   ?   ?   A . n 
A 1 2   THR 2   2   ?   ?   ?   A . n 
A 1 3   ARG 3   3   3   ARG ARG A . n 
A 1 4   ALA 4   4   4   ALA ALA A . n 
A 1 5   GLU 5   5   5   GLU GLU A . n 
A 1 6   VAL 6   6   6   VAL VAL A . n 
A 1 7   GLY 7   7   7   GLY GLY A . n 
A 1 8   LEU 8   8   8   LEU LEU A . n 
A 1 9   VAL 9   9   9   VAL VAL A . n 
A 1 10  TRP 10  10  10  TRP TRP A . n 
A 1 11  ALA 11  11  11  ALA ALA A . n 
A 1 12  GLN 12  12  12  GLN GLN A . n 
A 1 13  SER 13  13  13  SER SER A . n 
A 1 14  THR 14  14  14  THR THR A . n 
A 1 15  SER 15  15  15  SER SER A . n 
A 1 16  GLY 16  16  16  GLY GLY A . n 
A 1 17  VAL 17  17  17  VAL VAL A . n 
A 1 18  ILE 18  18  18  ILE ILE A . n 
A 1 19  GLY 19  19  19  GLY GLY A . n 
A 1 20  ARG 20  20  20  ARG ARG A . n 
A 1 21  GLY 21  21  21  GLY GLY A . n 
A 1 22  GLY 22  22  22  GLY GLY A . n 
A 1 23  ASP 23  23  23  ASP ASP A . n 
A 1 24  ILE 24  24  24  ILE ILE A . n 
A 1 25  PRO 25  25  25  PRO PRO A . n 
A 1 26  TRP 26  26  26  TRP TRP A . n 
A 1 27  SER 27  27  27  SER SER A . n 
A 1 28  VAL 28  28  28  VAL VAL A . n 
A 1 29  PRO 29  29  29  PRO PRO A . n 
A 1 30  GLU 30  30  30  GLU GLU A . n 
A 1 31  ASP 31  31  31  ASP ASP A . n 
A 1 32  LEU 32  32  32  LEU LEU A . n 
A 1 33  THR 33  33  33  THR THR A . n 
A 1 34  ARG 34  34  34  ARG ARG A . n 
A 1 35  PHE 35  35  35  PHE PHE A . n 
A 1 36  LYS 36  36  36  LYS LYS A . n 
A 1 37  GLU 37  37  37  GLU GLU A . n 
A 1 38  VAL 38  38  38  VAL VAL A . n 
A 1 39  THR 39  39  39  THR THR A . n 
A 1 40  MET 40  40  40  MET MET A . n 
A 1 41  GLY 41  41  41  GLY GLY A . n 
A 1 42  HIS 42  42  42  HIS HIS A . n 
A 1 43  THR 43  43  43  THR THR A . n 
A 1 44  VAL 44  44  44  VAL VAL A . n 
A 1 45  ILE 45  45  45  ILE ILE A . n 
A 1 46  MET 46  46  46  MET MET A . n 
A 1 47  GLY 47  47  47  GLY GLY A . n 
A 1 48  ARG 48  48  48  ARG ARG A . n 
A 1 49  ARG 49  49  49  ARG ARG A . n 
A 1 50  THR 50  50  50  THR THR A . n 
A 1 51  TRP 51  51  51  TRP TRP A . n 
A 1 52  GLU 52  52  52  GLU GLU A . n 
A 1 53  SER 53  53  53  SER SER A . n 
A 1 54  LEU 54  54  54  LEU LEU A . n 
A 1 55  PRO 55  55  55  PRO PRO A . n 
A 1 56  ALA 56  56  56  ALA ALA A . n 
A 1 57  LYS 57  57  57  LYS LYS A . n 
A 1 58  VAL 58  58  58  VAL VAL A . n 
A 1 59  ARG 59  59  59  ARG ARG A . n 
A 1 60  PRO 60  60  60  PRO PRO A . n 
A 1 61  LEU 61  61  61  LEU LEU A . n 
A 1 62  PRO 62  62  62  PRO PRO A . n 
A 1 63  GLY 63  63  63  GLY GLY A . n 
A 1 64  ARG 64  64  64  ARG ARG A . n 
A 1 65  ARG 65  65  65  ARG ARG A . n 
A 1 66  ASN 66  66  66  ASN ASN A . n 
A 1 67  VAL 67  67  67  VAL VAL A . n 
A 1 68  VAL 68  68  68  VAL VAL A . n 
A 1 69  VAL 69  69  69  VAL VAL A . n 
A 1 70  SER 70  70  70  SER SER A . n 
A 1 71  ARG 71  71  71  ARG ARG A . n 
A 1 72  ARG 72  72  72  ARG ARG A . n 
A 1 73  PRO 73  73  73  PRO PRO A . n 
A 1 74  ASP 74  74  74  ASP ASP A . n 
A 1 75  PHE 75  75  75  PHE PHE A . n 
A 1 76  VAL 76  76  76  VAL VAL A . n 
A 1 77  ALA 77  77  77  ALA ALA A . n 
A 1 78  GLU 78  78  78  GLU GLU A . n 
A 1 79  GLY 79  79  79  GLY GLY A . n 
A 1 80  ALA 80  80  80  ALA ALA A . n 
A 1 81  ARG 81  81  81  ARG ARG A . n 
A 1 82  VAL 82  82  82  VAL VAL A . n 
A 1 83  ALA 83  83  83  ALA ALA A . n 
A 1 84  GLY 84  84  84  GLY GLY A . n 
A 1 85  SER 85  85  85  SER SER A . n 
A 1 86  LEU 86  86  86  LEU LEU A . n 
A 1 87  GLU 87  87  87  GLU GLU A . n 
A 1 88  ALA 88  88  88  ALA ALA A . n 
A 1 89  ALA 89  89  89  ALA ALA A . n 
A 1 90  LEU 90  90  90  LEU LEU A . n 
A 1 91  ALA 91  91  91  ALA ALA A . n 
A 1 92  TYR 92  92  92  TYR TYR A . n 
A 1 93  ALA 93  93  93  ALA ALA A . n 
A 1 94  GLY 94  94  94  GLY GLY A . n 
A 1 95  SER 95  95  95  SER SER A . n 
A 1 96  ASP 96  96  96  ASP ASP A . n 
A 1 97  PRO 97  97  97  PRO PRO A . n 
A 1 98  ALA 98  98  98  ALA ALA A . n 
A 1 99  PRO 99  99  99  PRO PRO A . n 
A 1 100 TRP 100 100 100 TRP TRP A . n 
A 1 101 VAL 101 101 101 VAL VAL A . n 
A 1 102 ILE 102 102 102 ILE ILE A . n 
A 1 103 GLY 103 103 103 GLY GLY A . n 
A 1 104 GLY 104 104 104 GLY GLY A . n 
A 1 105 ALA 105 105 105 ALA ALA A . n 
A 1 106 GLN 106 106 106 GLN GLN A . n 
A 1 107 ILE 107 107 107 ILE ILE A . n 
A 1 108 TYR 108 108 108 TYR TYR A . n 
A 1 109 LEU 109 109 109 LEU LEU A . n 
A 1 110 LEU 110 110 110 LEU LEU A . n 
A 1 111 ALA 111 111 111 ALA ALA A . n 
A 1 112 LEU 112 112 112 LEU LEU A . n 
A 1 113 PRO 113 113 113 PRO PRO A . n 
A 1 114 HIS 114 114 114 HIS HIS A . n 
A 1 115 ALA 115 115 115 ALA ALA A . n 
A 1 116 THR 116 116 116 THR THR A . n 
A 1 117 ARG 117 117 117 ARG ARG A . n 
A 1 118 CYS 118 118 118 CYS CYS A . n 
A 1 119 GLU 119 119 119 GLU GLU A . n 
A 1 120 VAL 120 120 120 VAL VAL A . n 
A 1 121 THR 121 121 121 THR THR A . n 
A 1 122 GLU 122 122 122 GLU GLU A . n 
A 1 123 ILE 123 123 123 ILE ILE A . n 
A 1 124 GLU 124 124 124 GLU GLU A . n 
A 1 125 ILE 125 125 125 ILE ILE A . n 
A 1 126 ASP 126 126 126 ASP ASP A . n 
A 1 127 LEU 127 127 127 LEU LEU A . n 
A 1 128 ARG 128 128 128 ARG ARG A . n 
A 1 129 ARG 129 129 129 ARG ARG A . n 
A 1 130 ASP 130 130 130 ASP ASP A . n 
A 1 131 ASP 131 131 131 ASP ASP A . n 
A 1 132 ASP 132 132 132 ASP ASP A . n 
A 1 133 ASP 133 133 133 ASP ASP A . n 
A 1 134 ALA 134 134 134 ALA ALA A . n 
A 1 135 LEU 135 135 135 LEU LEU A . n 
A 1 136 ALA 136 136 136 ALA ALA A . n 
A 1 137 PRO 137 137 137 PRO PRO A . n 
A 1 138 ALA 138 138 138 ALA ALA A . n 
A 1 139 LEU 139 139 139 LEU LEU A . n 
A 1 140 ASP 140 140 140 ASP ASP A . n 
A 1 141 ASP 141 141 141 ASP ASP A . n 
A 1 142 SER 142 142 142 SER SER A . n 
A 1 143 TRP 143 143 143 TRP TRP A . n 
A 1 144 VAL 144 144 144 VAL VAL A . n 
A 1 145 GLY 145 145 145 GLY GLY A . n 
A 1 146 GLU 146 146 146 GLU GLU A . n 
A 1 147 THR 147 147 147 THR THR A . n 
A 1 148 GLY 148 148 148 GLY GLY A . n 
A 1 149 GLU 149 149 149 GLU GLU A . n 
A 1 150 TRP 150 150 150 TRP TRP A . n 
A 1 151 LEU 151 151 151 LEU LEU A . n 
A 1 152 ALA 152 152 152 ALA ALA A . n 
A 1 153 SER 153 153 153 SER SER A . n 
A 1 154 ARG 154 154 154 ARG ARG A . n 
A 1 155 SER 155 155 155 SER SER A . n 
A 1 156 GLY 156 156 156 GLY GLY A . n 
A 1 157 LEU 157 157 157 LEU LEU A . n 
A 1 158 ARG 158 158 158 ARG ARG A . n 
A 1 159 TYR 159 159 159 TYR TYR A . n 
A 1 160 ARG 160 160 160 ARG ARG A . n 
A 1 161 PHE 161 161 161 PHE PHE A . n 
A 1 162 HIS 162 162 162 HIS HIS A . n 
A 1 163 SER 163 163 163 SER SER A . n 
A 1 164 TYR 164 164 164 TYR TYR A . n 
A 1 165 ARG 165 165 165 ARG ARG A . n 
A 1 166 ARG 166 166 166 ARG ARG A . n 
A 1 167 ASP 167 167 167 ASP ASP A . n 
# 
loop_
_pdbx_nonpoly_scheme.asym_id 
_pdbx_nonpoly_scheme.entity_id 
_pdbx_nonpoly_scheme.mon_id 
_pdbx_nonpoly_scheme.ndb_seq_num 
_pdbx_nonpoly_scheme.pdb_seq_num 
_pdbx_nonpoly_scheme.auth_seq_num 
_pdbx_nonpoly_scheme.pdb_mon_id 
_pdbx_nonpoly_scheme.auth_mon_id 
_pdbx_nonpoly_scheme.pdb_strand_id 
_pdbx_nonpoly_scheme.pdb_ins_code 
B 2 VG9 1   1168 1168 VG9 VG9 A . 
C 3 NDP 1   1169 1169 NDP NDP A . 
D 4 HOH 1   2001 2001 HOH HOH A . 
D 4 HOH 2   2002 2002 HOH HOH A . 
D 4 HOH 3   2003 2003 HOH HOH A . 
D 4 HOH 4   2004 2004 HOH HOH A . 
D 4 HOH 5   2005 2005 HOH HOH A . 
D 4 HOH 6   2006 2006 HOH HOH A . 
D 4 HOH 7   2007 2007 HOH HOH A . 
D 4 HOH 8   2008 2008 HOH HOH A . 
D 4 HOH 9   2009 2009 HOH HOH A . 
D 4 HOH 10  2010 2010 HOH HOH A . 
D 4 HOH 11  2011 2011 HOH HOH A . 
D 4 HOH 12  2012 2012 HOH HOH A . 
D 4 HOH 13  2013 2013 HOH HOH A . 
D 4 HOH 14  2014 2014 HOH HOH A . 
D 4 HOH 15  2015 2015 HOH HOH A . 
D 4 HOH 16  2016 2016 HOH HOH A . 
D 4 HOH 17  2017 2017 HOH HOH A . 
D 4 HOH 18  2018 2018 HOH HOH A . 
D 4 HOH 19  2019 2019 HOH HOH A . 
D 4 HOH 20  2020 2020 HOH HOH A . 
D 4 HOH 21  2021 2021 HOH HOH A . 
D 4 HOH 22  2022 2022 HOH HOH A . 
D 4 HOH 23  2023 2023 HOH HOH A . 
D 4 HOH 24  2024 2024 HOH HOH A . 
D 4 HOH 25  2025 2025 HOH HOH A . 
D 4 HOH 26  2026 2026 HOH HOH A . 
D 4 HOH 27  2027 2027 HOH HOH A . 
D 4 HOH 28  2028 2028 HOH HOH A . 
D 4 HOH 29  2029 2029 HOH HOH A . 
D 4 HOH 30  2030 2030 HOH HOH A . 
D 4 HOH 31  2031 2031 HOH HOH A . 
D 4 HOH 32  2032 2032 HOH HOH A . 
D 4 HOH 33  2033 2033 HOH HOH A . 
D 4 HOH 34  2034 2034 HOH HOH A . 
D 4 HOH 35  2035 2035 HOH HOH A . 
D 4 HOH 36  2036 2036 HOH HOH A . 
D 4 HOH 37  2037 2037 HOH HOH A . 
D 4 HOH 38  2038 2038 HOH HOH A . 
D 4 HOH 39  2039 2039 HOH HOH A . 
D 4 HOH 40  2040 2040 HOH HOH A . 
D 4 HOH 41  2041 2041 HOH HOH A . 
D 4 HOH 42  2042 2042 HOH HOH A . 
D 4 HOH 43  2043 2043 HOH HOH A . 
D 4 HOH 44  2044 2044 HOH HOH A . 
D 4 HOH 45  2045 2045 HOH HOH A . 
D 4 HOH 46  2046 2046 HOH HOH A . 
D 4 HOH 47  2047 2047 HOH HOH A . 
D 4 HOH 48  2048 2048 HOH HOH A . 
D 4 HOH 49  2049 2049 HOH HOH A . 
D 4 HOH 50  2050 2050 HOH HOH A . 
D 4 HOH 51  2051 2051 HOH HOH A . 
D 4 HOH 52  2052 2052 HOH HOH A . 
D 4 HOH 53  2053 2053 HOH HOH A . 
D 4 HOH 54  2054 2054 HOH HOH A . 
D 4 HOH 55  2055 2055 HOH HOH A . 
D 4 HOH 56  2056 2056 HOH HOH A . 
D 4 HOH 57  2057 2057 HOH HOH A . 
D 4 HOH 58  2058 2058 HOH HOH A . 
D 4 HOH 59  2059 2059 HOH HOH A . 
D 4 HOH 60  2060 2060 HOH HOH A . 
D 4 HOH 61  2061 2061 HOH HOH A . 
D 4 HOH 62  2062 2062 HOH HOH A . 
D 4 HOH 63  2063 2063 HOH HOH A . 
D 4 HOH 64  2064 2064 HOH HOH A . 
D 4 HOH 65  2065 2065 HOH HOH A . 
D 4 HOH 66  2066 2066 HOH HOH A . 
D 4 HOH 67  2067 2067 HOH HOH A . 
D 4 HOH 68  2068 2068 HOH HOH A . 
D 4 HOH 69  2069 2069 HOH HOH A . 
D 4 HOH 70  2070 2070 HOH HOH A . 
D 4 HOH 71  2071 2071 HOH HOH A . 
D 4 HOH 72  2072 2072 HOH HOH A . 
D 4 HOH 73  2073 2073 HOH HOH A . 
D 4 HOH 74  2074 2074 HOH HOH A . 
D 4 HOH 75  2075 2075 HOH HOH A . 
D 4 HOH 76  2076 2076 HOH HOH A . 
D 4 HOH 77  2077 2077 HOH HOH A . 
D 4 HOH 78  2078 2078 HOH HOH A . 
D 4 HOH 79  2079 2079 HOH HOH A . 
D 4 HOH 80  2080 2080 HOH HOH A . 
D 4 HOH 81  2081 2081 HOH HOH A . 
D 4 HOH 82  2082 2082 HOH HOH A . 
D 4 HOH 83  2083 2083 HOH HOH A . 
D 4 HOH 84  2084 2084 HOH HOH A . 
D 4 HOH 85  2085 2085 HOH HOH A . 
D 4 HOH 86  2086 2086 HOH HOH A . 
D 4 HOH 87  2087 2087 HOH HOH A . 
D 4 HOH 88  2088 2088 HOH HOH A . 
D 4 HOH 89  2089 2089 HOH HOH A . 
D 4 HOH 90  2090 2090 HOH HOH A . 
D 4 HOH 91  2091 2091 HOH HOH A . 
D 4 HOH 92  2092 2092 HOH HOH A . 
D 4 HOH 93  2093 2093 HOH HOH A . 
D 4 HOH 94  2094 2094 HOH HOH A . 
D 4 HOH 95  2095 2095 HOH HOH A . 
D 4 HOH 96  2096 2096 HOH HOH A . 
D 4 HOH 97  2097 2097 HOH HOH A . 
D 4 HOH 98  2098 2098 HOH HOH A . 
D 4 HOH 99  2099 2099 HOH HOH A . 
D 4 HOH 100 2100 2100 HOH HOH A . 
D 4 HOH 101 2101 2101 HOH HOH A . 
D 4 HOH 102 2102 2102 HOH HOH A . 
D 4 HOH 103 2103 2103 HOH HOH A . 
D 4 HOH 104 2104 2104 HOH HOH A . 
D 4 HOH 105 2105 2105 HOH HOH A . 
D 4 HOH 106 2106 2106 HOH HOH A . 
D 4 HOH 107 2107 2107 HOH HOH A . 
D 4 HOH 108 2108 2108 HOH HOH A . 
D 4 HOH 109 2109 2109 HOH HOH A . 
D 4 HOH 110 2110 2110 HOH HOH A . 
D 4 HOH 111 2111 2111 HOH HOH A . 
D 4 HOH 112 2112 2112 HOH HOH A . 
D 4 HOH 113 2113 2113 HOH HOH A . 
D 4 HOH 114 2114 2114 HOH HOH A . 
D 4 HOH 115 2115 2115 HOH HOH A . 
D 4 HOH 116 2116 2116 HOH HOH A . 
D 4 HOH 117 2117 2117 HOH HOH A . 
D 4 HOH 118 2118 2118 HOH HOH A . 
D 4 HOH 119 2119 2119 HOH HOH A . 
D 4 HOH 120 2120 2120 HOH HOH A . 
D 4 HOH 121 2121 2121 HOH HOH A . 
D 4 HOH 122 2122 2122 HOH HOH A . 
D 4 HOH 123 2123 2123 HOH HOH A . 
D 4 HOH 124 2124 2124 HOH HOH A . 
D 4 HOH 125 2125 2125 HOH HOH A . 
D 4 HOH 126 2126 2126 HOH HOH A . 
# 
_pdbx_struct_assembly.id                   1 
_pdbx_struct_assembly.details              author_and_software_defined_assembly 
_pdbx_struct_assembly.method_details       PISA 
_pdbx_struct_assembly.oligomeric_details   monomeric 
_pdbx_struct_assembly.oligomeric_count     1 
# 
_pdbx_struct_assembly_gen.assembly_id       1 
_pdbx_struct_assembly_gen.oper_expression   1 
_pdbx_struct_assembly_gen.asym_id_list      A,B,C,D 
# 
_pdbx_struct_oper_list.id                   1 
_pdbx_struct_oper_list.type                 'identity operation' 
_pdbx_struct_oper_list.name                 1_555 
_pdbx_struct_oper_list.symmetry_operation   x,y,z 
_pdbx_struct_oper_list.matrix[1][1]         1.0000000000 
_pdbx_struct_oper_list.matrix[1][2]         0.0000000000 
_pdbx_struct_oper_list.matrix[1][3]         0.0000000000 
_pdbx_struct_oper_list.vector[1]            0.0000000000 
_pdbx_struct_oper_list.matrix[2][1]         0.0000000000 
_pdbx_struct_oper_list.matrix[2][2]         1.0000000000 
_pdbx_struct_oper_list.matrix[2][3]         0.0000000000 
_pdbx_struct_oper_list.vector[2]            0.0000000000 
_pdbx_struct_oper_list.matrix[3][1]         0.0000000000 
_pdbx_struct_oper_list.matrix[3][2]         0.0000000000 
_pdbx_struct_oper_list.matrix[3][3]         1.0000000000 
_pdbx_struct_oper_list.vector[3]            0.0000000000 
# 
loop_
_pdbx_audit_revision_history.ordinal 
_pdbx_audit_revision_history.data_content_type 
_pdbx_audit_revision_history.major_revision 
_pdbx_audit_revision_history.minor_revision 
_pdbx_audit_revision_history.revision_date 
1 'Structure model' 1 0 2009-11-17 
2 'Structure model' 1 1 2011-07-13 
3 'Structure model' 1 2 2019-03-06 
4 'Structure model' 1 3 2019-05-08 
5 'Structure model' 1 4 2023-12-13 
# 
_pdbx_audit_revision_details.ordinal             1 
_pdbx_audit_revision_details.revision_ordinal    1 
_pdbx_audit_revision_details.data_content_type   'Structure model' 
_pdbx_audit_revision_details.provider            repository 
_pdbx_audit_revision_details.type                'Initial release' 
_pdbx_audit_revision_details.description         ? 
_pdbx_audit_revision_details.details             ? 
# 
loop_
_pdbx_audit_revision_group.ordinal 
_pdbx_audit_revision_group.revision_ordinal 
_pdbx_audit_revision_group.data_content_type 
_pdbx_audit_revision_group.group 
1  2 'Structure model' Advisory                    
2  2 'Structure model' 'Version format compliance' 
3  3 'Structure model' Advisory                    
4  3 'Structure model' 'Data collection'           
5  3 'Structure model' 'Experimental preparation'  
6  3 'Structure model' Other                       
7  4 'Structure model' 'Data collection'           
8  4 'Structure model' 'Experimental preparation'  
9  5 'Structure model' Advisory                    
10 5 'Structure model' 'Data collection'           
11 5 'Structure model' 'Database references'       
12 5 'Structure model' 'Derived calculations'      
13 5 'Structure model' Other                       
14 5 'Structure model' 'Refinement description'    
# 
loop_
_pdbx_audit_revision_category.ordinal 
_pdbx_audit_revision_category.revision_ordinal 
_pdbx_audit_revision_category.data_content_type 
_pdbx_audit_revision_category.category 
1  3 'Structure model' exptl_crystal_grow            
2  3 'Structure model' pdbx_database_proc            
3  3 'Structure model' pdbx_database_status          
4  3 'Structure model' pdbx_unobs_or_zero_occ_atoms  
5  4 'Structure model' database_PDB_rev              
6  4 'Structure model' database_PDB_rev_record       
7  4 'Structure model' exptl_crystal_grow            
8  5 'Structure model' chem_comp_atom                
9  5 'Structure model' chem_comp_bond                
10 5 'Structure model' database_2                    
11 5 'Structure model' pdbx_database_status          
12 5 'Structure model' pdbx_initial_refinement_model 
13 5 'Structure model' pdbx_unobs_or_zero_occ_atoms  
14 5 'Structure model' struct_site                   
# 
loop_
_pdbx_audit_revision_item.ordinal 
_pdbx_audit_revision_item.revision_ordinal 
_pdbx_audit_revision_item.data_content_type 
_pdbx_audit_revision_item.item 
1 3 'Structure model' '_exptl_crystal_grow.temp'                    
2 3 'Structure model' '_pdbx_database_status.recvd_author_approval' 
3 4 'Structure model' '_exptl_crystal_grow.method'                  
4 5 'Structure model' '_database_2.pdbx_DOI'                        
5 5 'Structure model' '_database_2.pdbx_database_accession'         
6 5 'Structure model' '_pdbx_database_status.status_code_sf'        
7 5 'Structure model' '_struct_site.pdbx_auth_asym_id'              
8 5 'Structure model' '_struct_site.pdbx_auth_comp_id'              
9 5 'Structure model' '_struct_site.pdbx_auth_seq_id'               
# 
_pdbx_refine_tls.pdbx_refine_id   'X-RAY DIFFRACTION' 
_pdbx_refine_tls.id               1 
_pdbx_refine_tls.details          ? 
_pdbx_refine_tls.method           refined 
_pdbx_refine_tls.origin_x         0.0113 
_pdbx_refine_tls.origin_y         0.4056 
_pdbx_refine_tls.origin_z         -0.3823 
_pdbx_refine_tls.T[1][1]          -0.0534 
_pdbx_refine_tls.T[2][2]          -0.0595 
_pdbx_refine_tls.T[3][3]          -0.0457 
_pdbx_refine_tls.T[1][2]          -0.0352 
_pdbx_refine_tls.T[1][3]          0.0030 
_pdbx_refine_tls.T[2][3]          -0.0209 
_pdbx_refine_tls.L[1][1]          3.1379 
_pdbx_refine_tls.L[2][2]          1.8891 
_pdbx_refine_tls.L[3][3]          1.4966 
_pdbx_refine_tls.L[1][2]          -1.3087 
_pdbx_refine_tls.L[1][3]          0.6332 
_pdbx_refine_tls.L[2][3]          -0.6182 
_pdbx_refine_tls.S[1][1]          0.0230 
_pdbx_refine_tls.S[1][2]          0.1081 
_pdbx_refine_tls.S[1][3]          -0.1164 
_pdbx_refine_tls.S[2][1]          0.0005 
_pdbx_refine_tls.S[2][2]          -0.0510 
_pdbx_refine_tls.S[2][3]          0.0957 
_pdbx_refine_tls.S[3][1]          -0.0022 
_pdbx_refine_tls.S[3][2]          0.0710 
_pdbx_refine_tls.S[3][3]          0.0280 
# 
_pdbx_refine_tls_group.pdbx_refine_id      'X-RAY DIFFRACTION' 
_pdbx_refine_tls_group.id                  1 
_pdbx_refine_tls_group.refine_tls_id       1 
_pdbx_refine_tls_group.beg_auth_asym_id    A 
_pdbx_refine_tls_group.beg_auth_seq_id     4 
_pdbx_refine_tls_group.beg_label_asym_id   ? 
_pdbx_refine_tls_group.beg_label_seq_id    ? 
_pdbx_refine_tls_group.end_auth_asym_id    A 
_pdbx_refine_tls_group.end_auth_seq_id     166 
_pdbx_refine_tls_group.end_label_asym_id   ? 
_pdbx_refine_tls_group.end_label_seq_id    ? 
_pdbx_refine_tls_group.selection           ? 
_pdbx_refine_tls_group.selection_details   ? 
# 
loop_
_software.name 
_software.classification 
_software.version 
_software.citation_id 
_software.pdbx_ordinal 
REFMAC refinement       5.2.0019 ? 1 
MOSFLM 'data reduction' .        ? 2 
SCALA  'data scaling'   .        ? 3 
AMoRE  phasing          .        ? 4 
# 
_pdbx_database_remark.id     700 
_pdbx_database_remark.text   
;
SHEET
THE SHEET STRUCTURE OF THIS MOLECULE IS BIFURCATED. IN
ORDER TO REPRESENT THIS FEATURE IN THE SHEET RECORDS BELOW,
TWO SHEETS ARE DEFINED.
;
# 
_pdbx_entry_details.entry_id                 2W3W 
_pdbx_entry_details.compound_details         ? 
_pdbx_entry_details.source_details           ? 
_pdbx_entry_details.nonpolymer_details       
;6-((2,5-DIETHOXYPHENYL)AMINOMETHYL)-2,4-DIAMINO-5-
 6-((2,5-DIETHOXYPHENYL)AMINOMETHYL)-2,
 4-DIAMINO-5-METHYLPYRIDO(2,3-D)PYRIMIDINE (VG9): LIGAND IS
 ALSO KNOWN AS SRI-8686. NOTE THAT THE 2' ETHYL GROUP OF
 SRI-8686 WAS NOT LOCATED IN ELECTRON DENSITY MAPS.
 APPROXIMATE COORDINATES FOR THESE TWO ATOMS ARE INCLUDED,
 BUT AT ZERO OCCUPANCY.
;
_pdbx_entry_details.sequence_details         
;RESIDUES 168-181 OF WILDTYPE M. AVIUM DHFR WERE DELETED IN
THE EXPRESSION CONSTRUCT. THE FIRST ELEVEN CODONS OF THE M.
 AVIUM DHFR READING FRAME WERE MUTATED TO INCREASE THE A
AND T CONTENT. THE CODONS USED WERE 5'-ATG-ACT-CGT-GCT-GAA-
GTA-GGT-CTG-GTA-TGG-GCT. PCR INTRODUCED AN UNINTENDED
SILENT MUTATION AT VAL120 (GTC MUTATED TO GTT).
;
_pdbx_entry_details.has_ligand_of_interest   ? 
# 
_pdbx_validate_close_contact.id               1 
_pdbx_validate_close_contact.PDB_model_num    1 
_pdbx_validate_close_contact.auth_atom_id_1   OD2 
_pdbx_validate_close_contact.auth_asym_id_1   A 
_pdbx_validate_close_contact.auth_comp_id_1   ASP 
_pdbx_validate_close_contact.auth_seq_id_1    23 
_pdbx_validate_close_contact.PDB_ins_code_1   ? 
_pdbx_validate_close_contact.label_alt_id_1   ? 
_pdbx_validate_close_contact.auth_atom_id_2   O 
_pdbx_validate_close_contact.auth_asym_id_2   A 
_pdbx_validate_close_contact.auth_comp_id_2   HOH 
_pdbx_validate_close_contact.auth_seq_id_2    2015 
_pdbx_validate_close_contact.PDB_ins_code_2   ? 
_pdbx_validate_close_contact.label_alt_id_2   ? 
_pdbx_validate_close_contact.dist             2.14 
# 
loop_
_pdbx_validate_torsion.id 
_pdbx_validate_torsion.PDB_model_num 
_pdbx_validate_torsion.auth_comp_id 
_pdbx_validate_torsion.auth_asym_id 
_pdbx_validate_torsion.auth_seq_id 
_pdbx_validate_torsion.PDB_ins_code 
_pdbx_validate_torsion.label_alt_id 
_pdbx_validate_torsion.phi 
_pdbx_validate_torsion.psi 
1 1 PRO A 25 ? ? -90.26  39.00 
2 1 ALA A 98 ? ? -150.32 74.90 
# 
loop_
_pdbx_unobs_or_zero_occ_atoms.id 
_pdbx_unobs_or_zero_occ_atoms.PDB_model_num 
_pdbx_unobs_or_zero_occ_atoms.polymer_flag 
_pdbx_unobs_or_zero_occ_atoms.occupancy_flag 
_pdbx_unobs_or_zero_occ_atoms.auth_asym_id 
_pdbx_unobs_or_zero_occ_atoms.auth_comp_id 
_pdbx_unobs_or_zero_occ_atoms.auth_seq_id 
_pdbx_unobs_or_zero_occ_atoms.PDB_ins_code 
_pdbx_unobs_or_zero_occ_atoms.auth_atom_id 
_pdbx_unobs_or_zero_occ_atoms.label_alt_id 
_pdbx_unobs_or_zero_occ_atoms.label_asym_id 
_pdbx_unobs_or_zero_occ_atoms.label_comp_id 
_pdbx_unobs_or_zero_occ_atoms.label_seq_id 
_pdbx_unobs_or_zero_occ_atoms.label_atom_id 
1  1 Y 1 A ARG 3    ? CD  ? A ARG 3   CD  
2  1 Y 1 A ARG 3    ? NE  ? A ARG 3   NE  
3  1 Y 1 A ARG 3    ? CZ  ? A ARG 3   CZ  
4  1 Y 1 A ARG 3    ? NH1 ? A ARG 3   NH1 
5  1 Y 1 A ARG 3    ? NH2 ? A ARG 3   NH2 
6  1 Y 1 A GLU 5    ? CG  ? A GLU 5   CG  
7  1 Y 1 A GLU 5    ? CD  ? A GLU 5   CD  
8  1 Y 1 A GLU 5    ? OE1 ? A GLU 5   OE1 
9  1 Y 1 A GLU 5    ? OE2 ? A GLU 5   OE2 
10 1 Y 1 A GLU 37   ? CG  ? A GLU 37  CG  
11 1 Y 1 A GLU 37   ? CD  ? A GLU 37  CD  
12 1 Y 1 A GLU 37   ? OE1 ? A GLU 37  OE1 
13 1 Y 1 A GLU 37   ? OE2 ? A GLU 37  OE2 
14 1 Y 1 A GLU 78   ? CD  ? A GLU 78  CD  
15 1 Y 1 A GLU 78   ? OE1 ? A GLU 78  OE1 
16 1 Y 1 A GLU 78   ? OE2 ? A GLU 78  OE2 
17 1 Y 1 A ARG 81   ? CD  ? A ARG 81  CD  
18 1 Y 1 A ARG 81   ? NE  ? A ARG 81  NE  
19 1 Y 1 A ARG 81   ? CZ  ? A ARG 81  CZ  
20 1 Y 1 A ARG 81   ? NH1 ? A ARG 81  NH1 
21 1 Y 1 A ARG 81   ? NH2 ? A ARG 81  NH2 
22 1 Y 1 A ASP 126  ? CG  ? A ASP 126 CG  
23 1 Y 1 A ASP 126  ? OD1 ? A ASP 126 OD1 
24 1 Y 1 A ASP 126  ? OD2 ? A ASP 126 OD2 
25 1 Y 1 A ARG 128  ? CG  ? A ARG 128 CG  
26 1 Y 1 A ARG 128  ? CD  ? A ARG 128 CD  
27 1 Y 1 A ARG 128  ? NE  ? A ARG 128 NE  
28 1 Y 1 A ARG 128  ? CZ  ? A ARG 128 CZ  
29 1 Y 1 A ARG 128  ? NH1 ? A ARG 128 NH1 
30 1 Y 1 A ARG 128  ? NH2 ? A ARG 128 NH2 
31 1 Y 1 A ASP 167  ? CA  ? A ASP 167 CA  
32 1 Y 1 A ASP 167  ? C   ? A ASP 167 C   
33 1 Y 1 A ASP 167  ? O   ? A ASP 167 O   
34 1 Y 1 A ASP 167  ? CB  ? A ASP 167 CB  
35 1 Y 1 A ASP 167  ? CG  ? A ASP 167 CG  
36 1 Y 1 A ASP 167  ? OD1 ? A ASP 167 OD1 
37 1 Y 1 A ASP 167  ? OD2 ? A ASP 167 OD2 
38 1 N 0 A VG9 1168 ? C21 ? B VG9 ?   C21 
39 1 N 0 A VG9 1168 ? C22 ? B VG9 ?   C22 
# 
loop_
_pdbx_unobs_or_zero_occ_residues.id 
_pdbx_unobs_or_zero_occ_residues.PDB_model_num 
_pdbx_unobs_or_zero_occ_residues.polymer_flag 
_pdbx_unobs_or_zero_occ_residues.occupancy_flag 
_pdbx_unobs_or_zero_occ_residues.auth_asym_id 
_pdbx_unobs_or_zero_occ_residues.auth_comp_id 
_pdbx_unobs_or_zero_occ_residues.auth_seq_id 
_pdbx_unobs_or_zero_occ_residues.PDB_ins_code 
_pdbx_unobs_or_zero_occ_residues.label_asym_id 
_pdbx_unobs_or_zero_occ_residues.label_comp_id 
_pdbx_unobs_or_zero_occ_residues.label_seq_id 
1 1 Y 1 A MET 1 ? A MET 1 
2 1 Y 1 A THR 2 ? A THR 2 
# 
loop_
_chem_comp_atom.comp_id 
_chem_comp_atom.atom_id 
_chem_comp_atom.type_symbol 
_chem_comp_atom.pdbx_aromatic_flag 
_chem_comp_atom.pdbx_stereo_config 
_chem_comp_atom.pdbx_ordinal 
ALA N    N N N 1   
ALA CA   C N S 2   
ALA C    C N N 3   
ALA O    O N N 4   
ALA CB   C N N 5   
ALA OXT  O N N 6   
ALA H    H N N 7   
ALA H2   H N N 8   
ALA HA   H N N 9   
ALA HB1  H N N 10  
ALA HB2  H N N 11  
ALA HB3  H N N 12  
ALA HXT  H N N 13  
ARG N    N N N 14  
ARG CA   C N S 15  
ARG C    C N N 16  
ARG O    O N N 17  
ARG CB   C N N 18  
ARG CG   C N N 19  
ARG CD   C N N 20  
ARG NE   N N N 21  
ARG CZ   C N N 22  
ARG NH1  N N N 23  
ARG NH2  N N N 24  
ARG OXT  O N N 25  
ARG H    H N N 26  
ARG H2   H N N 27  
ARG HA   H N N 28  
ARG HB2  H N N 29  
ARG HB3  H N N 30  
ARG HG2  H N N 31  
ARG HG3  H N N 32  
ARG HD2  H N N 33  
ARG HD3  H N N 34  
ARG HE   H N N 35  
ARG HH11 H N N 36  
ARG HH12 H N N 37  
ARG HH21 H N N 38  
ARG HH22 H N N 39  
ARG HXT  H N N 40  
ASN N    N N N 41  
ASN CA   C N S 42  
ASN C    C N N 43  
ASN O    O N N 44  
ASN CB   C N N 45  
ASN CG   C N N 46  
ASN OD1  O N N 47  
ASN ND2  N N N 48  
ASN OXT  O N N 49  
ASN H    H N N 50  
ASN H2   H N N 51  
ASN HA   H N N 52  
ASN HB2  H N N 53  
ASN HB3  H N N 54  
ASN HD21 H N N 55  
ASN HD22 H N N 56  
ASN HXT  H N N 57  
ASP N    N N N 58  
ASP CA   C N S 59  
ASP C    C N N 60  
ASP O    O N N 61  
ASP CB   C N N 62  
ASP CG   C N N 63  
ASP OD1  O N N 64  
ASP OD2  O N N 65  
ASP OXT  O N N 66  
ASP H    H N N 67  
ASP H2   H N N 68  
ASP HA   H N N 69  
ASP HB2  H N N 70  
ASP HB3  H N N 71  
ASP HD2  H N N 72  
ASP HXT  H N N 73  
CYS N    N N N 74  
CYS CA   C N R 75  
CYS C    C N N 76  
CYS O    O N N 77  
CYS CB   C N N 78  
CYS SG   S N N 79  
CYS OXT  O N N 80  
CYS H    H N N 81  
CYS H2   H N N 82  
CYS HA   H N N 83  
CYS HB2  H N N 84  
CYS HB3  H N N 85  
CYS HG   H N N 86  
CYS HXT  H N N 87  
GLN N    N N N 88  
GLN CA   C N S 89  
GLN C    C N N 90  
GLN O    O N N 91  
GLN CB   C N N 92  
GLN CG   C N N 93  
GLN CD   C N N 94  
GLN OE1  O N N 95  
GLN NE2  N N N 96  
GLN OXT  O N N 97  
GLN H    H N N 98  
GLN H2   H N N 99  
GLN HA   H N N 100 
GLN HB2  H N N 101 
GLN HB3  H N N 102 
GLN HG2  H N N 103 
GLN HG3  H N N 104 
GLN HE21 H N N 105 
GLN HE22 H N N 106 
GLN HXT  H N N 107 
GLU N    N N N 108 
GLU CA   C N S 109 
GLU C    C N N 110 
GLU O    O N N 111 
GLU CB   C N N 112 
GLU CG   C N N 113 
GLU CD   C N N 114 
GLU OE1  O N N 115 
GLU OE2  O N N 116 
GLU OXT  O N N 117 
GLU H    H N N 118 
GLU H2   H N N 119 
GLU HA   H N N 120 
GLU HB2  H N N 121 
GLU HB3  H N N 122 
GLU HG2  H N N 123 
GLU HG3  H N N 124 
GLU HE2  H N N 125 
GLU HXT  H N N 126 
GLY N    N N N 127 
GLY CA   C N N 128 
GLY C    C N N 129 
GLY O    O N N 130 
GLY OXT  O N N 131 
GLY H    H N N 132 
GLY H2   H N N 133 
GLY HA2  H N N 134 
GLY HA3  H N N 135 
GLY HXT  H N N 136 
HIS N    N N N 137 
HIS CA   C N S 138 
HIS C    C N N 139 
HIS O    O N N 140 
HIS CB   C N N 141 
HIS CG   C Y N 142 
HIS ND1  N Y N 143 
HIS CD2  C Y N 144 
HIS CE1  C Y N 145 
HIS NE2  N Y N 146 
HIS OXT  O N N 147 
HIS H    H N N 148 
HIS H2   H N N 149 
HIS HA   H N N 150 
HIS HB2  H N N 151 
HIS HB3  H N N 152 
HIS HD1  H N N 153 
HIS HD2  H N N 154 
HIS HE1  H N N 155 
HIS HE2  H N N 156 
HIS HXT  H N N 157 
HOH O    O N N 158 
HOH H1   H N N 159 
HOH H2   H N N 160 
ILE N    N N N 161 
ILE CA   C N S 162 
ILE C    C N N 163 
ILE O    O N N 164 
ILE CB   C N S 165 
ILE CG1  C N N 166 
ILE CG2  C N N 167 
ILE CD1  C N N 168 
ILE OXT  O N N 169 
ILE H    H N N 170 
ILE H2   H N N 171 
ILE HA   H N N 172 
ILE HB   H N N 173 
ILE HG12 H N N 174 
ILE HG13 H N N 175 
ILE HG21 H N N 176 
ILE HG22 H N N 177 
ILE HG23 H N N 178 
ILE HD11 H N N 179 
ILE HD12 H N N 180 
ILE HD13 H N N 181 
ILE HXT  H N N 182 
LEU N    N N N 183 
LEU CA   C N S 184 
LEU C    C N N 185 
LEU O    O N N 186 
LEU CB   C N N 187 
LEU CG   C N N 188 
LEU CD1  C N N 189 
LEU CD2  C N N 190 
LEU OXT  O N N 191 
LEU H    H N N 192 
LEU H2   H N N 193 
LEU HA   H N N 194 
LEU HB2  H N N 195 
LEU HB3  H N N 196 
LEU HG   H N N 197 
LEU HD11 H N N 198 
LEU HD12 H N N 199 
LEU HD13 H N N 200 
LEU HD21 H N N 201 
LEU HD22 H N N 202 
LEU HD23 H N N 203 
LEU HXT  H N N 204 
LYS N    N N N 205 
LYS CA   C N S 206 
LYS C    C N N 207 
LYS O    O N N 208 
LYS CB   C N N 209 
LYS CG   C N N 210 
LYS CD   C N N 211 
LYS CE   C N N 212 
LYS NZ   N N N 213 
LYS OXT  O N N 214 
LYS H    H N N 215 
LYS H2   H N N 216 
LYS HA   H N N 217 
LYS HB2  H N N 218 
LYS HB3  H N N 219 
LYS HG2  H N N 220 
LYS HG3  H N N 221 
LYS HD2  H N N 222 
LYS HD3  H N N 223 
LYS HE2  H N N 224 
LYS HE3  H N N 225 
LYS HZ1  H N N 226 
LYS HZ2  H N N 227 
LYS HZ3  H N N 228 
LYS HXT  H N N 229 
MET N    N N N 230 
MET CA   C N S 231 
MET C    C N N 232 
MET O    O N N 233 
MET CB   C N N 234 
MET CG   C N N 235 
MET SD   S N N 236 
MET CE   C N N 237 
MET OXT  O N N 238 
MET H    H N N 239 
MET H2   H N N 240 
MET HA   H N N 241 
MET HB2  H N N 242 
MET HB3  H N N 243 
MET HG2  H N N 244 
MET HG3  H N N 245 
MET HE1  H N N 246 
MET HE2  H N N 247 
MET HE3  H N N 248 
MET HXT  H N N 249 
NDP PA   P N S 250 
NDP O1A  O N N 251 
NDP O2A  O N N 252 
NDP O5B  O N N 253 
NDP C5B  C N N 254 
NDP C4B  C N R 255 
NDP O4B  O N N 256 
NDP C3B  C N R 257 
NDP O3B  O N N 258 
NDP C2B  C N R 259 
NDP O2B  O N N 260 
NDP C1B  C N R 261 
NDP N9A  N Y N 262 
NDP C8A  C Y N 263 
NDP N7A  N Y N 264 
NDP C5A  C Y N 265 
NDP C6A  C Y N 266 
NDP N6A  N N N 267 
NDP N1A  N Y N 268 
NDP C2A  C Y N 269 
NDP N3A  N Y N 270 
NDP C4A  C Y N 271 
NDP O3   O N N 272 
NDP PN   P N S 273 
NDP O1N  O N N 274 
NDP O2N  O N N 275 
NDP O5D  O N N 276 
NDP C5D  C N N 277 
NDP C4D  C N R 278 
NDP O4D  O N N 279 
NDP C3D  C N S 280 
NDP O3D  O N N 281 
NDP C2D  C N R 282 
NDP O2D  O N N 283 
NDP C1D  C N R 284 
NDP N1N  N N N 285 
NDP C2N  C N N 286 
NDP C3N  C N N 287 
NDP C7N  C N N 288 
NDP O7N  O N N 289 
NDP N7N  N N N 290 
NDP C4N  C N N 291 
NDP C5N  C N N 292 
NDP C6N  C N N 293 
NDP P2B  P N N 294 
NDP O1X  O N N 295 
NDP O2X  O N N 296 
NDP O3X  O N N 297 
NDP HOA2 H N N 298 
NDP H51A H N N 299 
NDP H52A H N N 300 
NDP H4B  H N N 301 
NDP H3B  H N N 302 
NDP HO3A H N N 303 
NDP H2B  H N N 304 
NDP H1B  H N N 305 
NDP H8A  H N N 306 
NDP H61A H N N 307 
NDP H62A H N N 308 
NDP H2A  H N N 309 
NDP H21N H N N 310 
NDP H51N H N N 311 
NDP H52N H N N 312 
NDP H4D  H N N 313 
NDP H3D  H N N 314 
NDP HO3N H N N 315 
NDP H2D  H N N 316 
NDP HO2N H N N 317 
NDP H1D  H N N 318 
NDP H2N  H N N 319 
NDP H71N H N N 320 
NDP H72N H N N 321 
NDP H41N H N N 322 
NDP H42N H N N 323 
NDP H5N  H N N 324 
NDP H6N  H N N 325 
NDP HOP2 H N N 326 
NDP HOP3 H N N 327 
PHE N    N N N 328 
PHE CA   C N S 329 
PHE C    C N N 330 
PHE O    O N N 331 
PHE CB   C N N 332 
PHE CG   C Y N 333 
PHE CD1  C Y N 334 
PHE CD2  C Y N 335 
PHE CE1  C Y N 336 
PHE CE2  C Y N 337 
PHE CZ   C Y N 338 
PHE OXT  O N N 339 
PHE H    H N N 340 
PHE H2   H N N 341 
PHE HA   H N N 342 
PHE HB2  H N N 343 
PHE HB3  H N N 344 
PHE HD1  H N N 345 
PHE HD2  H N N 346 
PHE HE1  H N N 347 
PHE HE2  H N N 348 
PHE HZ   H N N 349 
PHE HXT  H N N 350 
PRO N    N N N 351 
PRO CA   C N S 352 
PRO C    C N N 353 
PRO O    O N N 354 
PRO CB   C N N 355 
PRO CG   C N N 356 
PRO CD   C N N 357 
PRO OXT  O N N 358 
PRO H    H N N 359 
PRO HA   H N N 360 
PRO HB2  H N N 361 
PRO HB3  H N N 362 
PRO HG2  H N N 363 
PRO HG3  H N N 364 
PRO HD2  H N N 365 
PRO HD3  H N N 366 
PRO HXT  H N N 367 
SER N    N N N 368 
SER CA   C N S 369 
SER C    C N N 370 
SER O    O N N 371 
SER CB   C N N 372 
SER OG   O N N 373 
SER OXT  O N N 374 
SER H    H N N 375 
SER H2   H N N 376 
SER HA   H N N 377 
SER HB2  H N N 378 
SER HB3  H N N 379 
SER HG   H N N 380 
SER HXT  H N N 381 
THR N    N N N 382 
THR CA   C N S 383 
THR C    C N N 384 
THR O    O N N 385 
THR CB   C N R 386 
THR OG1  O N N 387 
THR CG2  C N N 388 
THR OXT  O N N 389 
THR H    H N N 390 
THR H2   H N N 391 
THR HA   H N N 392 
THR HB   H N N 393 
THR HG1  H N N 394 
THR HG21 H N N 395 
THR HG22 H N N 396 
THR HG23 H N N 397 
THR HXT  H N N 398 
TRP N    N N N 399 
TRP CA   C N S 400 
TRP C    C N N 401 
TRP O    O N N 402 
TRP CB   C N N 403 
TRP CG   C Y N 404 
TRP CD1  C Y N 405 
TRP CD2  C Y N 406 
TRP NE1  N Y N 407 
TRP CE2  C Y N 408 
TRP CE3  C Y N 409 
TRP CZ2  C Y N 410 
TRP CZ3  C Y N 411 
TRP CH2  C Y N 412 
TRP OXT  O N N 413 
TRP H    H N N 414 
TRP H2   H N N 415 
TRP HA   H N N 416 
TRP HB2  H N N 417 
TRP HB3  H N N 418 
TRP HD1  H N N 419 
TRP HE1  H N N 420 
TRP HE3  H N N 421 
TRP HZ2  H N N 422 
TRP HZ3  H N N 423 
TRP HH2  H N N 424 
TRP HXT  H N N 425 
TYR N    N N N 426 
TYR CA   C N S 427 
TYR C    C N N 428 
TYR O    O N N 429 
TYR CB   C N N 430 
TYR CG   C Y N 431 
TYR CD1  C Y N 432 
TYR CD2  C Y N 433 
TYR CE1  C Y N 434 
TYR CE2  C Y N 435 
TYR CZ   C Y N 436 
TYR OH   O N N 437 
TYR OXT  O N N 438 
TYR H    H N N 439 
TYR H2   H N N 440 
TYR HA   H N N 441 
TYR HB2  H N N 442 
TYR HB3  H N N 443 
TYR HD1  H N N 444 
TYR HD2  H N N 445 
TYR HE1  H N N 446 
TYR HE2  H N N 447 
TYR HH   H N N 448 
TYR HXT  H N N 449 
VAL N    N N N 450 
VAL CA   C N S 451 
VAL C    C N N 452 
VAL O    O N N 453 
VAL CB   C N N 454 
VAL CG1  C N N 455 
VAL CG2  C N N 456 
VAL OXT  O N N 457 
VAL H    H N N 458 
VAL H2   H N N 459 
VAL HA   H N N 460 
VAL HB   H N N 461 
VAL HG11 H N N 462 
VAL HG12 H N N 463 
VAL HG13 H N N 464 
VAL HG21 H N N 465 
VAL HG22 H N N 466 
VAL HG23 H N N 467 
VAL HXT  H N N 468 
VG9 N2   N N N 469 
VG9 C2   C Y N 470 
VG9 N3   N Y N 471 
VG9 C4   C Y N 472 
VG9 N4   N N N 473 
VG9 N1   N Y N 474 
VG9 C8A  C Y N 475 
VG9 N8   N Y N 476 
VG9 C7   C Y N 477 
VG9 C6   C Y N 478 
VG9 C5   C Y N 479 
VG9 C5A  C N N 480 
VG9 C4A  C Y N 481 
VG9 C9   C N N 482 
VG9 N10  N N N 483 
VG9 C11  C Y N 484 
VG9 C12  C Y N 485 
VG9 O2   O N N 486 
VG9 C21  C N N 487 
VG9 C22  C N N 488 
VG9 C13  C Y N 489 
VG9 C14  C Y N 490 
VG9 C15  C Y N 491 
VG9 C16  C Y N 492 
VG9 O5   O N N 493 
VG9 C51  C N N 494 
VG9 C52  C N N 495 
VG9 H21N H N N 496 
VG9 H22N H N N 497 
VG9 H41N H N N 498 
VG9 H42N H N N 499 
VG9 H7   H N N 500 
VG9 H91C H N N 501 
VG9 H92C H N N 502 
VG9 H5A1 H N N 503 
VG9 H5A2 H N N 504 
VG9 H5A3 H N N 505 
VG9 H10  H N N 506 
VG9 H16  H N N 507 
VG9 H13  H N N 508 
VG9 H211 H N N 509 
VG9 H212 H N N 510 
VG9 H221 H N N 511 
VG9 H222 H N N 512 
VG9 H223 H N N 513 
VG9 H14  H N N 514 
VG9 H511 H N N 515 
VG9 H512 H N N 516 
VG9 H521 H N N 517 
VG9 H522 H N N 518 
VG9 H523 H N N 519 
# 
loop_
_chem_comp_bond.comp_id 
_chem_comp_bond.atom_id_1 
_chem_comp_bond.atom_id_2 
_chem_comp_bond.value_order 
_chem_comp_bond.pdbx_aromatic_flag 
_chem_comp_bond.pdbx_stereo_config 
_chem_comp_bond.pdbx_ordinal 
ALA N   CA   sing N N 1   
ALA N   H    sing N N 2   
ALA N   H2   sing N N 3   
ALA CA  C    sing N N 4   
ALA CA  CB   sing N N 5   
ALA CA  HA   sing N N 6   
ALA C   O    doub N N 7   
ALA C   OXT  sing N N 8   
ALA CB  HB1  sing N N 9   
ALA CB  HB2  sing N N 10  
ALA CB  HB3  sing N N 11  
ALA OXT HXT  sing N N 12  
ARG N   CA   sing N N 13  
ARG N   H    sing N N 14  
ARG N   H2   sing N N 15  
ARG CA  C    sing N N 16  
ARG CA  CB   sing N N 17  
ARG CA  HA   sing N N 18  
ARG C   O    doub N N 19  
ARG C   OXT  sing N N 20  
ARG CB  CG   sing N N 21  
ARG CB  HB2  sing N N 22  
ARG CB  HB3  sing N N 23  
ARG CG  CD   sing N N 24  
ARG CG  HG2  sing N N 25  
ARG CG  HG3  sing N N 26  
ARG CD  NE   sing N N 27  
ARG CD  HD2  sing N N 28  
ARG CD  HD3  sing N N 29  
ARG NE  CZ   sing N N 30  
ARG NE  HE   sing N N 31  
ARG CZ  NH1  sing N N 32  
ARG CZ  NH2  doub N N 33  
ARG NH1 HH11 sing N N 34  
ARG NH1 HH12 sing N N 35  
ARG NH2 HH21 sing N N 36  
ARG NH2 HH22 sing N N 37  
ARG OXT HXT  sing N N 38  
ASN N   CA   sing N N 39  
ASN N   H    sing N N 40  
ASN N   H2   sing N N 41  
ASN CA  C    sing N N 42  
ASN CA  CB   sing N N 43  
ASN CA  HA   sing N N 44  
ASN C   O    doub N N 45  
ASN C   OXT  sing N N 46  
ASN CB  CG   sing N N 47  
ASN CB  HB2  sing N N 48  
ASN CB  HB3  sing N N 49  
ASN CG  OD1  doub N N 50  
ASN CG  ND2  sing N N 51  
ASN ND2 HD21 sing N N 52  
ASN ND2 HD22 sing N N 53  
ASN OXT HXT  sing N N 54  
ASP N   CA   sing N N 55  
ASP N   H    sing N N 56  
ASP N   H2   sing N N 57  
ASP CA  C    sing N N 58  
ASP CA  CB   sing N N 59  
ASP CA  HA   sing N N 60  
ASP C   O    doub N N 61  
ASP C   OXT  sing N N 62  
ASP CB  CG   sing N N 63  
ASP CB  HB2  sing N N 64  
ASP CB  HB3  sing N N 65  
ASP CG  OD1  doub N N 66  
ASP CG  OD2  sing N N 67  
ASP OD2 HD2  sing N N 68  
ASP OXT HXT  sing N N 69  
CYS N   CA   sing N N 70  
CYS N   H    sing N N 71  
CYS N   H2   sing N N 72  
CYS CA  C    sing N N 73  
CYS CA  CB   sing N N 74  
CYS CA  HA   sing N N 75  
CYS C   O    doub N N 76  
CYS C   OXT  sing N N 77  
CYS CB  SG   sing N N 78  
CYS CB  HB2  sing N N 79  
CYS CB  HB3  sing N N 80  
CYS SG  HG   sing N N 81  
CYS OXT HXT  sing N N 82  
GLN N   CA   sing N N 83  
GLN N   H    sing N N 84  
GLN N   H2   sing N N 85  
GLN CA  C    sing N N 86  
GLN CA  CB   sing N N 87  
GLN CA  HA   sing N N 88  
GLN C   O    doub N N 89  
GLN C   OXT  sing N N 90  
GLN CB  CG   sing N N 91  
GLN CB  HB2  sing N N 92  
GLN CB  HB3  sing N N 93  
GLN CG  CD   sing N N 94  
GLN CG  HG2  sing N N 95  
GLN CG  HG3  sing N N 96  
GLN CD  OE1  doub N N 97  
GLN CD  NE2  sing N N 98  
GLN NE2 HE21 sing N N 99  
GLN NE2 HE22 sing N N 100 
GLN OXT HXT  sing N N 101 
GLU N   CA   sing N N 102 
GLU N   H    sing N N 103 
GLU N   H2   sing N N 104 
GLU CA  C    sing N N 105 
GLU CA  CB   sing N N 106 
GLU CA  HA   sing N N 107 
GLU C   O    doub N N 108 
GLU C   OXT  sing N N 109 
GLU CB  CG   sing N N 110 
GLU CB  HB2  sing N N 111 
GLU CB  HB3  sing N N 112 
GLU CG  CD   sing N N 113 
GLU CG  HG2  sing N N 114 
GLU CG  HG3  sing N N 115 
GLU CD  OE1  doub N N 116 
GLU CD  OE2  sing N N 117 
GLU OE2 HE2  sing N N 118 
GLU OXT HXT  sing N N 119 
GLY N   CA   sing N N 120 
GLY N   H    sing N N 121 
GLY N   H2   sing N N 122 
GLY CA  C    sing N N 123 
GLY CA  HA2  sing N N 124 
GLY CA  HA3  sing N N 125 
GLY C   O    doub N N 126 
GLY C   OXT  sing N N 127 
GLY OXT HXT  sing N N 128 
HIS N   CA   sing N N 129 
HIS N   H    sing N N 130 
HIS N   H2   sing N N 131 
HIS CA  C    sing N N 132 
HIS CA  CB   sing N N 133 
HIS CA  HA   sing N N 134 
HIS C   O    doub N N 135 
HIS C   OXT  sing N N 136 
HIS CB  CG   sing N N 137 
HIS CB  HB2  sing N N 138 
HIS CB  HB3  sing N N 139 
HIS CG  ND1  sing Y N 140 
HIS CG  CD2  doub Y N 141 
HIS ND1 CE1  doub Y N 142 
HIS ND1 HD1  sing N N 143 
HIS CD2 NE2  sing Y N 144 
HIS CD2 HD2  sing N N 145 
HIS CE1 NE2  sing Y N 146 
HIS CE1 HE1  sing N N 147 
HIS NE2 HE2  sing N N 148 
HIS OXT HXT  sing N N 149 
HOH O   H1   sing N N 150 
HOH O   H2   sing N N 151 
ILE N   CA   sing N N 152 
ILE N   H    sing N N 153 
ILE N   H2   sing N N 154 
ILE CA  C    sing N N 155 
ILE CA  CB   sing N N 156 
ILE CA  HA   sing N N 157 
ILE C   O    doub N N 158 
ILE C   OXT  sing N N 159 
ILE CB  CG1  sing N N 160 
ILE CB  CG2  sing N N 161 
ILE CB  HB   sing N N 162 
ILE CG1 CD1  sing N N 163 
ILE CG1 HG12 sing N N 164 
ILE CG1 HG13 sing N N 165 
ILE CG2 HG21 sing N N 166 
ILE CG2 HG22 sing N N 167 
ILE CG2 HG23 sing N N 168 
ILE CD1 HD11 sing N N 169 
ILE CD1 HD12 sing N N 170 
ILE CD1 HD13 sing N N 171 
ILE OXT HXT  sing N N 172 
LEU N   CA   sing N N 173 
LEU N   H    sing N N 174 
LEU N   H2   sing N N 175 
LEU CA  C    sing N N 176 
LEU CA  CB   sing N N 177 
LEU CA  HA   sing N N 178 
LEU C   O    doub N N 179 
LEU C   OXT  sing N N 180 
LEU CB  CG   sing N N 181 
LEU CB  HB2  sing N N 182 
LEU CB  HB3  sing N N 183 
LEU CG  CD1  sing N N 184 
LEU CG  CD2  sing N N 185 
LEU CG  HG   sing N N 186 
LEU CD1 HD11 sing N N 187 
LEU CD1 HD12 sing N N 188 
LEU CD1 HD13 sing N N 189 
LEU CD2 HD21 sing N N 190 
LEU CD2 HD22 sing N N 191 
LEU CD2 HD23 sing N N 192 
LEU OXT HXT  sing N N 193 
LYS N   CA   sing N N 194 
LYS N   H    sing N N 195 
LYS N   H2   sing N N 196 
LYS CA  C    sing N N 197 
LYS CA  CB   sing N N 198 
LYS CA  HA   sing N N 199 
LYS C   O    doub N N 200 
LYS C   OXT  sing N N 201 
LYS CB  CG   sing N N 202 
LYS CB  HB2  sing N N 203 
LYS CB  HB3  sing N N 204 
LYS CG  CD   sing N N 205 
LYS CG  HG2  sing N N 206 
LYS CG  HG3  sing N N 207 
LYS CD  CE   sing N N 208 
LYS CD  HD2  sing N N 209 
LYS CD  HD3  sing N N 210 
LYS CE  NZ   sing N N 211 
LYS CE  HE2  sing N N 212 
LYS CE  HE3  sing N N 213 
LYS NZ  HZ1  sing N N 214 
LYS NZ  HZ2  sing N N 215 
LYS NZ  HZ3  sing N N 216 
LYS OXT HXT  sing N N 217 
MET N   CA   sing N N 218 
MET N   H    sing N N 219 
MET N   H2   sing N N 220 
MET CA  C    sing N N 221 
MET CA  CB   sing N N 222 
MET CA  HA   sing N N 223 
MET C   O    doub N N 224 
MET C   OXT  sing N N 225 
MET CB  CG   sing N N 226 
MET CB  HB2  sing N N 227 
MET CB  HB3  sing N N 228 
MET CG  SD   sing N N 229 
MET CG  HG2  sing N N 230 
MET CG  HG3  sing N N 231 
MET SD  CE   sing N N 232 
MET CE  HE1  sing N N 233 
MET CE  HE2  sing N N 234 
MET CE  HE3  sing N N 235 
MET OXT HXT  sing N N 236 
NDP PA  O1A  doub N N 237 
NDP PA  O2A  sing N N 238 
NDP PA  O5B  sing N N 239 
NDP PA  O3   sing N N 240 
NDP O2A HOA2 sing N N 241 
NDP O5B C5B  sing N N 242 
NDP C5B C4B  sing N N 243 
NDP C5B H51A sing N N 244 
NDP C5B H52A sing N N 245 
NDP C4B O4B  sing N N 246 
NDP C4B C3B  sing N N 247 
NDP C4B H4B  sing N N 248 
NDP O4B C1B  sing N N 249 
NDP C3B O3B  sing N N 250 
NDP C3B C2B  sing N N 251 
NDP C3B H3B  sing N N 252 
NDP O3B HO3A sing N N 253 
NDP C2B O2B  sing N N 254 
NDP C2B C1B  sing N N 255 
NDP C2B H2B  sing N N 256 
NDP O2B P2B  sing N N 257 
NDP C1B N9A  sing N N 258 
NDP C1B H1B  sing N N 259 
NDP N9A C8A  sing Y N 260 
NDP N9A C4A  sing Y N 261 
NDP C8A N7A  doub Y N 262 
NDP C8A H8A  sing N N 263 
NDP N7A C5A  sing Y N 264 
NDP C5A C6A  sing Y N 265 
NDP C5A C4A  doub Y N 266 
NDP C6A N6A  sing N N 267 
NDP C6A N1A  doub Y N 268 
NDP N6A H61A sing N N 269 
NDP N6A H62A sing N N 270 
NDP N1A C2A  sing Y N 271 
NDP C2A N3A  doub Y N 272 
NDP C2A H2A  sing N N 273 
NDP N3A C4A  sing Y N 274 
NDP O3  PN   sing N N 275 
NDP PN  O1N  doub N N 276 
NDP PN  O2N  sing N N 277 
NDP PN  O5D  sing N N 278 
NDP O2N H21N sing N N 279 
NDP O5D C5D  sing N N 280 
NDP C5D C4D  sing N N 281 
NDP C5D H51N sing N N 282 
NDP C5D H52N sing N N 283 
NDP C4D O4D  sing N N 284 
NDP C4D C3D  sing N N 285 
NDP C4D H4D  sing N N 286 
NDP O4D C1D  sing N N 287 
NDP C3D O3D  sing N N 288 
NDP C3D C2D  sing N N 289 
NDP C3D H3D  sing N N 290 
NDP O3D HO3N sing N N 291 
NDP C2D O2D  sing N N 292 
NDP C2D C1D  sing N N 293 
NDP C2D H2D  sing N N 294 
NDP O2D HO2N sing N N 295 
NDP C1D N1N  sing N N 296 
NDP C1D H1D  sing N N 297 
NDP N1N C2N  sing N N 298 
NDP N1N C6N  sing N N 299 
NDP C2N C3N  doub N N 300 
NDP C2N H2N  sing N N 301 
NDP C3N C7N  sing N N 302 
NDP C3N C4N  sing N N 303 
NDP C7N O7N  doub N N 304 
NDP C7N N7N  sing N N 305 
NDP N7N H71N sing N N 306 
NDP N7N H72N sing N N 307 
NDP C4N C5N  sing N N 308 
NDP C4N H41N sing N N 309 
NDP C4N H42N sing N N 310 
NDP C5N C6N  doub N N 311 
NDP C5N H5N  sing N N 312 
NDP C6N H6N  sing N N 313 
NDP P2B O1X  doub N N 314 
NDP P2B O2X  sing N N 315 
NDP P2B O3X  sing N N 316 
NDP O2X HOP2 sing N N 317 
NDP O3X HOP3 sing N N 318 
PHE N   CA   sing N N 319 
PHE N   H    sing N N 320 
PHE N   H2   sing N N 321 
PHE CA  C    sing N N 322 
PHE CA  CB   sing N N 323 
PHE CA  HA   sing N N 324 
PHE C   O    doub N N 325 
PHE C   OXT  sing N N 326 
PHE CB  CG   sing N N 327 
PHE CB  HB2  sing N N 328 
PHE CB  HB3  sing N N 329 
PHE CG  CD1  doub Y N 330 
PHE CG  CD2  sing Y N 331 
PHE CD1 CE1  sing Y N 332 
PHE CD1 HD1  sing N N 333 
PHE CD2 CE2  doub Y N 334 
PHE CD2 HD2  sing N N 335 
PHE CE1 CZ   doub Y N 336 
PHE CE1 HE1  sing N N 337 
PHE CE2 CZ   sing Y N 338 
PHE CE2 HE2  sing N N 339 
PHE CZ  HZ   sing N N 340 
PHE OXT HXT  sing N N 341 
PRO N   CA   sing N N 342 
PRO N   CD   sing N N 343 
PRO N   H    sing N N 344 
PRO CA  C    sing N N 345 
PRO CA  CB   sing N N 346 
PRO CA  HA   sing N N 347 
PRO C   O    doub N N 348 
PRO C   OXT  sing N N 349 
PRO CB  CG   sing N N 350 
PRO CB  HB2  sing N N 351 
PRO CB  HB3  sing N N 352 
PRO CG  CD   sing N N 353 
PRO CG  HG2  sing N N 354 
PRO CG  HG3  sing N N 355 
PRO CD  HD2  sing N N 356 
PRO CD  HD3  sing N N 357 
PRO OXT HXT  sing N N 358 
SER N   CA   sing N N 359 
SER N   H    sing N N 360 
SER N   H2   sing N N 361 
SER CA  C    sing N N 362 
SER CA  CB   sing N N 363 
SER CA  HA   sing N N 364 
SER C   O    doub N N 365 
SER C   OXT  sing N N 366 
SER CB  OG   sing N N 367 
SER CB  HB2  sing N N 368 
SER CB  HB3  sing N N 369 
SER OG  HG   sing N N 370 
SER OXT HXT  sing N N 371 
THR N   CA   sing N N 372 
THR N   H    sing N N 373 
THR N   H2   sing N N 374 
THR CA  C    sing N N 375 
THR CA  CB   sing N N 376 
THR CA  HA   sing N N 377 
THR C   O    doub N N 378 
THR C   OXT  sing N N 379 
THR CB  OG1  sing N N 380 
THR CB  CG2  sing N N 381 
THR CB  HB   sing N N 382 
THR OG1 HG1  sing N N 383 
THR CG2 HG21 sing N N 384 
THR CG2 HG22 sing N N 385 
THR CG2 HG23 sing N N 386 
THR OXT HXT  sing N N 387 
TRP N   CA   sing N N 388 
TRP N   H    sing N N 389 
TRP N   H2   sing N N 390 
TRP CA  C    sing N N 391 
TRP CA  CB   sing N N 392 
TRP CA  HA   sing N N 393 
TRP C   O    doub N N 394 
TRP C   OXT  sing N N 395 
TRP CB  CG   sing N N 396 
TRP CB  HB2  sing N N 397 
TRP CB  HB3  sing N N 398 
TRP CG  CD1  doub Y N 399 
TRP CG  CD2  sing Y N 400 
TRP CD1 NE1  sing Y N 401 
TRP CD1 HD1  sing N N 402 
TRP CD2 CE2  doub Y N 403 
TRP CD2 CE3  sing Y N 404 
TRP NE1 CE2  sing Y N 405 
TRP NE1 HE1  sing N N 406 
TRP CE2 CZ2  sing Y N 407 
TRP CE3 CZ3  doub Y N 408 
TRP CE3 HE3  sing N N 409 
TRP CZ2 CH2  doub Y N 410 
TRP CZ2 HZ2  sing N N 411 
TRP CZ3 CH2  sing Y N 412 
TRP CZ3 HZ3  sing N N 413 
TRP CH2 HH2  sing N N 414 
TRP OXT HXT  sing N N 415 
TYR N   CA   sing N N 416 
TYR N   H    sing N N 417 
TYR N   H2   sing N N 418 
TYR CA  C    sing N N 419 
TYR CA  CB   sing N N 420 
TYR CA  HA   sing N N 421 
TYR C   O    doub N N 422 
TYR C   OXT  sing N N 423 
TYR CB  CG   sing N N 424 
TYR CB  HB2  sing N N 425 
TYR CB  HB3  sing N N 426 
TYR CG  CD1  doub Y N 427 
TYR CG  CD2  sing Y N 428 
TYR CD1 CE1  sing Y N 429 
TYR CD1 HD1  sing N N 430 
TYR CD2 CE2  doub Y N 431 
TYR CD2 HD2  sing N N 432 
TYR CE1 CZ   doub Y N 433 
TYR CE1 HE1  sing N N 434 
TYR CE2 CZ   sing Y N 435 
TYR CE2 HE2  sing N N 436 
TYR CZ  OH   sing N N 437 
TYR OH  HH   sing N N 438 
TYR OXT HXT  sing N N 439 
VAL N   CA   sing N N 440 
VAL N   H    sing N N 441 
VAL N   H2   sing N N 442 
VAL CA  C    sing N N 443 
VAL CA  CB   sing N N 444 
VAL CA  HA   sing N N 445 
VAL C   O    doub N N 446 
VAL C   OXT  sing N N 447 
VAL CB  CG1  sing N N 448 
VAL CB  CG2  sing N N 449 
VAL CB  HB   sing N N 450 
VAL CG1 HG11 sing N N 451 
VAL CG1 HG12 sing N N 452 
VAL CG1 HG13 sing N N 453 
VAL CG2 HG21 sing N N 454 
VAL CG2 HG22 sing N N 455 
VAL CG2 HG23 sing N N 456 
VAL OXT HXT  sing N N 457 
VG9 N2  C2   sing N N 458 
VG9 C2  N3   sing Y N 459 
VG9 C2  N1   doub Y N 460 
VG9 N3  C4   doub Y N 461 
VG9 C4  N4   sing N N 462 
VG9 C4  C4A  sing Y N 463 
VG9 N1  C8A  sing Y N 464 
VG9 C8A N8   sing Y N 465 
VG9 C8A C4A  doub Y N 466 
VG9 N8  C7   doub Y N 467 
VG9 C7  C6   sing Y N 468 
VG9 C6  C5   doub Y N 469 
VG9 C6  C9   sing N N 470 
VG9 C5  C5A  sing N N 471 
VG9 C5  C4A  sing Y N 472 
VG9 C9  N10  sing N N 473 
VG9 N10 C11  sing N N 474 
VG9 C11 C12  sing Y N 475 
VG9 C11 C16  doub Y N 476 
VG9 C12 O2   sing N N 477 
VG9 C12 C13  doub Y N 478 
VG9 O2  C21  sing N N 479 
VG9 C21 C22  sing N N 480 
VG9 C13 C14  sing Y N 481 
VG9 C14 C15  doub Y N 482 
VG9 C15 C16  sing Y N 483 
VG9 C15 O5   sing N N 484 
VG9 O5  C51  sing N N 485 
VG9 C51 C52  sing N N 486 
VG9 N2  H21N sing N N 487 
VG9 N2  H22N sing N N 488 
VG9 N4  H41N sing N N 489 
VG9 N4  H42N sing N N 490 
VG9 C7  H7   sing N N 491 
VG9 C9  H91C sing N N 492 
VG9 C9  H92C sing N N 493 
VG9 C5A H5A1 sing N N 494 
VG9 C5A H5A2 sing N N 495 
VG9 C5A H5A3 sing N N 496 
VG9 N10 H10  sing N N 497 
VG9 C16 H16  sing N N 498 
VG9 C13 H13  sing N N 499 
VG9 C21 H211 sing N N 500 
VG9 C21 H212 sing N N 501 
VG9 C22 H221 sing N N 502 
VG9 C22 H222 sing N N 503 
VG9 C22 H223 sing N N 504 
VG9 C14 H14  sing N N 505 
VG9 C51 H511 sing N N 506 
VG9 C51 H512 sing N N 507 
VG9 C52 H521 sing N N 508 
VG9 C52 H522 sing N N 509 
VG9 C52 H523 sing N N 510 
# 
loop_
_pdbx_entity_nonpoly.entity_id 
_pdbx_entity_nonpoly.name 
_pdbx_entity_nonpoly.comp_id 
2 '6-{[(2,5-DIETHOXYPHENYL)AMINO]METHYL}-5-METHYLPYRIDO[2,3-D]PYRIMIDINE-2,4-DIAMINE' VG9 
3 'NADPH DIHYDRO-NICOTINAMIDE-ADENINE-DINUCLEOTIDE PHOSPHATE'                         NDP 
4 water                                                                               HOH 
# 
_pdbx_initial_refinement_model.id               1 
_pdbx_initial_refinement_model.entity_id_list   ? 
_pdbx_initial_refinement_model.type             'experimental model' 
_pdbx_initial_refinement_model.source_name      PDB 
_pdbx_initial_refinement_model.accession_code   2W3V 
_pdbx_initial_refinement_model.details          
'UNPUBLISHED M. AVIUM DHFR-NADPH- TRIMETHOPRIM COMPLEX, SINCE DEPOSITED AS PDB ENTRY 2W3V.' 
# 
